data_9IUS
#
_entry.id   9IUS
#
_cell.length_a   1.00
_cell.length_b   1.00
_cell.length_c   1.00
_cell.angle_alpha   90.00
_cell.angle_beta   90.00
_cell.angle_gamma   90.00
#
_symmetry.space_group_name_H-M   'P 1'
#
_entity_poly.entity_id   1
_entity_poly.type   'polypeptide(L)'
_entity_poly.pdbx_seq_one_letter_code
;GAPGAPGSQGAPGLQGAPGAPGSQGAPGLQGAPGAPGSQGAPGLQGAPGAPGSQGAPGLQGAPGAPGSQGAPGLQGAPGA
PGSQGAPGLQGAPGAPGSQGAPGLQGAPGAPGSQGAPGLQGAPGAPGSQGAPGLQGAPGAPGSQGAPGLQGAPGAPGSQG
APGLQGAPGAPGSQGAPGLQGAPGAPGSQGAPGLQGAPGAPGSQGAPGLQGAPGAPGSQGAPGLQGAPGAPGSQGAPGLQ
GAPGAPGSQGAPGLQGAPGAPGSQGAPGLQGAPGAPGSQGAPGLQGAPGAPGSQGAPGLQGAPGAPGSQGAPGLQGAPGA
PGSQGAPGLQGAPGAPGSQGAPGLQGAPGAPGSQGAPGLQGAPGAPGSQGAPGLQGAPGAPGSQGAPGLQGAPGAPGSQG
APGLQGAPGAPGSQGAPGLQGAPGAPGSQGAPGLQGAPGAPGSQGAPGLQGAPGAPGSQGAPGLQGAPGAPGSQGAPGLQ
GAPGAPGSQGAPGLQGAPGAPGSQGAPGLQGAPGAPGSQGAPGLQGAPGAPGSQGAPGLQGAPGAPGSQGAPGLQGAPGA
PGSQGAPGLQGAPGAPGSQGAPGLQGAPGAPGSQGAPGLQGAPGAPGSQGAPGLQGAPGAPGSQGAPGLQGAPGAPGSQG
APGLQGAPGAPGSQGAPGLQGAPGAPGSQGAPGLQGAPGAPGSQGAPGLQGAPGAPGSQGAPGLQGAPGAPGSQGAPGLQ
GAPGAPGSQGAPGLQGAPGAPGSQGAPGLQGAPGAPGSQGAPGLQGAPGAPGSQGAPGLQ
;
_entity_poly.pdbx_strand_id   X,A,B,C,D,E,F,G,H,I,J,K,L,M,N,O,P,Q,Y,Z,1,2,3,4,R,S,T,U,V,W
#
# COMPACT_ATOMS: atom_id res chain seq x y z
N GLY A 157 88.16 -7.34 -11.81
CA GLY A 157 88.70 -7.41 -10.47
C GLY A 157 87.65 -7.60 -9.40
N SER A 158 87.50 -8.84 -8.92
CA SER A 158 86.53 -9.16 -7.90
C SER A 158 85.11 -8.79 -8.32
N GLN A 159 84.67 -7.60 -7.92
CA GLN A 159 83.31 -7.08 -8.14
C GLN A 159 82.32 -7.60 -7.11
N GLY A 160 82.71 -8.49 -6.20
CA GLY A 160 81.85 -8.91 -5.11
C GLY A 160 80.47 -9.37 -5.54
N ALA A 161 79.55 -9.49 -4.57
CA ALA A 161 78.15 -9.82 -4.84
C ALA A 161 77.24 -8.94 -4.01
N PRO A 162 77.28 -7.62 -4.22
CA PRO A 162 76.40 -6.72 -3.46
C PRO A 162 74.92 -6.98 -3.71
N GLY A 163 74.59 -7.56 -4.85
CA GLY A 163 73.22 -7.61 -5.34
C GLY A 163 72.13 -7.87 -4.32
N LEU A 164 71.07 -7.09 -4.40
CA LEU A 164 69.86 -7.39 -3.65
C LEU A 164 69.26 -8.70 -4.13
N GLN A 165 68.68 -9.45 -3.21
CA GLN A 165 68.08 -10.73 -3.52
C GLN A 165 66.65 -10.75 -3.01
N GLY A 166 65.83 -11.59 -3.66
CA GLY A 166 64.46 -11.78 -3.24
C GLY A 166 63.50 -11.99 -4.38
N ALA A 167 63.92 -11.68 -5.61
CA ALA A 167 63.08 -11.81 -6.80
C ALA A 167 62.23 -13.07 -6.74
N PRO A 168 62.79 -14.21 -6.31
CA PRO A 168 61.96 -15.41 -6.15
C PRO A 168 60.82 -15.23 -5.17
N GLY A 169 60.94 -14.31 -4.21
CA GLY A 169 59.83 -14.01 -3.33
C GLY A 169 58.64 -13.41 -4.04
N ALA A 170 58.83 -12.92 -5.27
CA ALA A 170 57.76 -12.35 -6.08
C ALA A 170 57.75 -13.03 -7.45
N PRO A 171 57.56 -14.35 -7.48
CA PRO A 171 57.48 -15.09 -8.75
C PRO A 171 56.05 -15.15 -9.27
N GLY A 172 55.40 -13.99 -9.38
CA GLY A 172 53.98 -14.00 -9.61
C GLY A 172 53.24 -14.71 -8.51
N SER A 173 53.66 -14.51 -7.26
CA SER A 173 53.06 -15.19 -6.11
C SER A 173 51.78 -14.45 -5.71
N GLN A 174 50.78 -14.58 -6.58
CA GLN A 174 49.49 -13.95 -6.33
C GLN A 174 48.84 -14.56 -5.10
N GLY A 175 48.16 -13.70 -4.33
CA GLY A 175 47.43 -14.17 -3.17
C GLY A 175 45.99 -13.70 -3.18
N ALA A 176 45.66 -12.81 -4.10
CA ALA A 176 44.29 -12.31 -4.16
C ALA A 176 43.34 -13.48 -4.40
N PRO A 177 42.32 -13.64 -3.56
CA PRO A 177 41.50 -14.85 -3.61
C PRO A 177 40.83 -15.03 -4.97
N GLY A 178 40.63 -16.29 -5.34
CA GLY A 178 39.97 -16.60 -6.59
C GLY A 178 38.46 -16.64 -6.51
N LEU A 179 37.92 -17.47 -5.61
CA LEU A 179 36.48 -17.59 -5.45
C LEU A 179 36.14 -17.71 -3.97
N GLN A 180 35.21 -16.88 -3.51
CA GLN A 180 34.70 -16.96 -2.16
C GLN A 180 33.53 -15.99 -2.02
N GLY A 181 32.45 -16.45 -1.40
CA GLY A 181 31.26 -15.65 -1.22
C GLY A 181 30.47 -15.40 -2.49
N ALA A 182 30.79 -16.11 -3.57
CA ALA A 182 30.21 -15.84 -4.89
C ALA A 182 28.69 -15.70 -4.80
N PRO A 183 27.97 -16.75 -4.43
CA PRO A 183 26.51 -16.74 -4.57
C PRO A 183 25.83 -15.94 -3.47
N GLY A 184 24.54 -15.71 -3.68
CA GLY A 184 23.70 -15.00 -2.73
C GLY A 184 22.47 -15.81 -2.37
N ALA A 185 21.31 -15.16 -2.22
CA ALA A 185 20.11 -15.92 -1.87
C ALA A 185 18.83 -15.11 -1.91
N PRO A 186 18.59 -14.20 -0.95
CA PRO A 186 17.22 -13.75 -0.68
C PRO A 186 16.45 -13.35 -1.94
N GLY A 187 15.43 -14.13 -2.29
CA GLY A 187 14.72 -13.88 -3.52
C GLY A 187 13.25 -14.22 -3.56
N SER A 188 12.65 -14.52 -2.41
CA SER A 188 11.24 -14.91 -2.37
C SER A 188 10.39 -13.67 -2.14
N GLN A 189 10.19 -12.90 -3.20
CA GLN A 189 9.41 -11.68 -3.09
C GLN A 189 7.99 -11.98 -2.67
N GLY A 190 7.25 -12.64 -3.56
CA GLY A 190 5.86 -12.95 -3.30
C GLY A 190 5.54 -14.41 -3.55
N ALA A 191 6.57 -15.22 -3.78
CA ALA A 191 6.43 -16.66 -3.91
C ALA A 191 5.37 -17.13 -2.92
N PRO A 192 5.38 -16.61 -1.69
CA PRO A 192 4.24 -16.76 -0.78
C PRO A 192 3.05 -15.86 -1.14
N GLY A 193 2.68 -15.86 -2.42
CA GLY A 193 1.52 -15.11 -2.84
C GLY A 193 0.22 -15.65 -2.30
N LEU A 194 0.16 -16.94 -1.99
CA LEU A 194 -0.79 -17.52 -1.05
C LEU A 194 -2.17 -16.88 -1.08
N GLN A 195 -2.83 -16.91 -2.23
CA GLN A 195 -4.25 -16.59 -2.32
C GLN A 195 -4.52 -15.14 -1.91
N GLY A 196 -4.02 -14.22 -2.71
CA GLY A 196 -4.58 -12.87 -2.75
C GLY A 196 -5.92 -12.94 -3.44
N ALA A 197 -6.31 -11.84 -4.08
CA ALA A 197 -7.37 -11.91 -5.10
C ALA A 197 -8.57 -12.71 -4.62
N PRO A 198 -9.41 -12.15 -3.74
CA PRO A 198 -10.51 -12.93 -3.14
C PRO A 198 -11.22 -13.86 -4.10
N GLY A 199 -11.62 -15.03 -3.60
CA GLY A 199 -12.37 -15.98 -4.41
C GLY A 199 -13.84 -15.65 -4.47
N ALA A 200 -14.20 -14.64 -5.24
CA ALA A 200 -15.55 -14.09 -5.22
C ALA A 200 -15.75 -13.36 -3.91
N PRO A 201 -15.00 -12.27 -3.69
CA PRO A 201 -15.08 -11.55 -2.41
C PRO A 201 -16.48 -11.04 -2.11
N GLY A 202 -16.62 -10.45 -0.92
CA GLY A 202 -17.93 -10.00 -0.47
C GLY A 202 -18.62 -11.09 0.30
N SER A 203 -19.82 -11.45 -0.14
CA SER A 203 -20.62 -12.46 0.56
C SER A 203 -21.76 -12.85 -0.36
N GLN A 204 -22.47 -13.91 0.02
CA GLN A 204 -23.69 -14.28 -0.69
C GLN A 204 -24.62 -14.98 0.31
N GLY A 205 -25.50 -14.20 0.93
CA GLY A 205 -26.52 -14.71 1.81
C GLY A 205 -27.87 -14.30 1.27
N ALA A 206 -28.02 -14.44 -0.03
CA ALA A 206 -29.09 -13.81 -0.80
C ALA A 206 -30.43 -13.75 -0.08
N PRO A 207 -30.99 -14.87 0.36
CA PRO A 207 -32.43 -14.90 0.71
C PRO A 207 -32.88 -13.69 1.52
N GLY A 208 -32.04 -13.23 2.45
CA GLY A 208 -32.36 -12.03 3.20
C GLY A 208 -33.73 -12.13 3.86
N LEU A 209 -34.41 -10.99 3.95
CA LEU A 209 -35.79 -11.01 4.42
C LEU A 209 -36.62 -11.93 3.54
N GLN A 210 -37.80 -12.30 4.03
CA GLN A 210 -38.68 -13.20 3.29
C GLN A 210 -40.10 -13.05 3.79
N GLY A 211 -41.03 -12.88 2.85
CA GLY A 211 -42.44 -12.80 3.21
C GLY A 211 -43.21 -14.08 3.09
N ALA A 212 -42.64 -15.09 2.43
CA ALA A 212 -43.28 -16.38 2.20
C ALA A 212 -44.79 -16.21 2.00
N PRO A 213 -45.21 -15.37 1.06
CA PRO A 213 -46.64 -15.05 0.96
C PRO A 213 -47.47 -16.23 0.46
N GLY A 214 -47.50 -17.32 1.24
CA GLY A 214 -48.26 -18.48 0.86
C GLY A 214 -49.68 -18.49 1.40
N ALA A 215 -50.38 -17.37 1.28
CA ALA A 215 -51.75 -17.32 1.77
C ALA A 215 -52.64 -18.23 0.91
N PRO A 216 -53.74 -18.72 1.49
CA PRO A 216 -54.63 -19.60 0.72
C PRO A 216 -55.10 -18.89 -0.54
N GLY A 217 -55.12 -19.66 -1.64
CA GLY A 217 -55.40 -19.07 -2.94
C GLY A 217 -56.73 -18.34 -3.00
N SER A 218 -57.68 -18.72 -2.15
CA SER A 218 -58.99 -18.07 -2.16
C SER A 218 -58.83 -16.56 -2.09
N GLN A 219 -57.94 -16.07 -1.22
CA GLN A 219 -57.69 -14.65 -1.06
C GLN A 219 -59.00 -13.86 -1.13
N GLY A 220 -59.51 -13.65 -2.34
CA GLY A 220 -60.83 -13.06 -2.48
C GLY A 220 -61.90 -13.98 -1.94
N ALA A 221 -63.02 -13.37 -1.53
CA ALA A 221 -64.14 -14.13 -0.99
C ALA A 221 -64.43 -15.31 -1.89
N PRO A 222 -64.14 -16.54 -1.46
CA PRO A 222 -64.21 -17.68 -2.37
C PRO A 222 -65.58 -17.84 -3.01
N GLY A 223 -66.61 -18.00 -2.18
CA GLY A 223 -67.97 -18.10 -2.67
C GLY A 223 -68.92 -17.30 -1.82
N LEU A 224 -68.36 -16.43 -0.98
CA LEU A 224 -69.17 -15.65 -0.05
C LEU A 224 -69.93 -16.60 0.87
N GLN A 225 -71.08 -16.17 1.37
CA GLN A 225 -71.84 -16.91 2.36
C GLN A 225 -73.14 -17.41 1.75
N GLY A 226 -73.37 -18.71 1.85
CA GLY A 226 -74.51 -19.34 1.21
C GLY A 226 -75.76 -18.48 1.24
N ALA A 227 -76.41 -18.34 0.09
CA ALA A 227 -77.52 -17.41 -0.06
C ALA A 227 -78.54 -17.57 1.06
N PRO A 228 -78.64 -16.60 1.96
CA PRO A 228 -79.70 -16.63 2.98
C PRO A 228 -81.06 -16.31 2.38
N GLY A 229 -81.69 -17.30 1.74
CA GLY A 229 -82.97 -17.09 1.12
C GLY A 229 -83.96 -16.46 2.07
N ALA A 230 -84.63 -15.39 1.62
CA ALA A 230 -85.57 -14.68 2.46
C ALA A 230 -86.94 -14.63 1.79
N PRO A 231 -88.02 -14.52 2.58
CA PRO A 231 -89.41 -14.52 2.11
C PRO A 231 -89.67 -13.49 1.02
N PRO B 156 88.88 -10.72 -6.39
CA PRO B 156 88.75 -12.17 -6.21
C PRO B 156 87.46 -12.56 -5.47
N GLY B 157 86.99 -11.66 -4.61
CA GLY B 157 85.82 -11.93 -3.78
C GLY B 157 84.50 -11.70 -4.45
N SER B 158 84.07 -12.64 -5.30
CA SER B 158 82.75 -12.58 -5.93
C SER B 158 82.76 -11.63 -7.12
N GLN B 159 82.24 -12.10 -8.26
CA GLN B 159 82.31 -11.36 -9.52
C GLN B 159 80.97 -10.71 -9.83
N GLY B 160 80.70 -9.63 -9.09
CA GLY B 160 79.53 -8.81 -9.36
C GLY B 160 78.23 -9.55 -9.52
N ALA B 161 77.70 -10.10 -8.43
CA ALA B 161 76.40 -10.76 -8.46
C ALA B 161 75.36 -9.84 -9.09
N PRO B 162 74.85 -10.18 -10.28
CA PRO B 162 73.83 -9.34 -10.90
C PRO B 162 72.51 -9.41 -10.14
N GLY B 163 72.21 -8.36 -9.38
CA GLY B 163 70.99 -8.32 -8.58
C GLY B 163 70.72 -9.60 -7.82
N LEU B 164 71.79 -10.33 -7.47
CA LEU B 164 71.66 -11.65 -6.88
C LEU B 164 70.57 -12.45 -7.58
N GLN B 165 70.52 -12.35 -8.91
CA GLN B 165 69.50 -12.95 -9.77
C GLN B 165 68.13 -12.33 -9.59
N GLY B 166 67.98 -11.34 -8.71
CA GLY B 166 66.71 -10.68 -8.51
C GLY B 166 66.44 -10.27 -7.08
N ALA B 167 66.04 -9.01 -6.90
CA ALA B 167 65.78 -8.42 -5.59
C ALA B 167 64.37 -8.69 -5.07
N PRO B 168 63.32 -8.52 -5.90
CA PRO B 168 61.97 -8.41 -5.34
C PRO B 168 61.46 -9.68 -4.69
N GLY B 169 61.34 -9.66 -3.36
CA GLY B 169 60.82 -10.80 -2.63
C GLY B 169 59.32 -10.72 -2.48
N ALA B 170 58.84 -10.61 -1.24
CA ALA B 170 57.43 -10.42 -0.97
C ALA B 170 56.83 -9.36 -1.88
N PRO B 171 57.56 -8.27 -2.22
CA PRO B 171 57.02 -7.33 -3.21
C PRO B 171 56.90 -8.02 -4.56
N GLY B 172 55.66 -8.21 -5.01
CA GLY B 172 55.41 -9.07 -6.16
C GLY B 172 54.70 -10.33 -5.72
N SER B 173 53.86 -10.18 -4.71
CA SER B 173 53.12 -11.29 -4.11
C SER B 173 51.71 -10.79 -3.81
N GLN B 174 50.99 -11.52 -2.98
CA GLN B 174 49.64 -11.11 -2.60
C GLN B 174 49.67 -9.71 -1.98
N GLY B 175 48.75 -8.86 -2.44
CA GLY B 175 48.70 -7.49 -1.97
C GLY B 175 47.59 -7.21 -0.97
N ALA B 176 46.41 -7.76 -1.20
CA ALA B 176 45.27 -7.49 -0.32
C ALA B 176 44.09 -8.40 -0.63
N PRO B 177 43.31 -8.78 0.38
CA PRO B 177 42.17 -9.68 0.13
C PRO B 177 41.14 -9.03 -0.77
N GLY B 178 40.44 -9.88 -1.53
CA GLY B 178 39.45 -9.40 -2.47
C GLY B 178 38.08 -9.17 -1.86
N LEU B 179 37.20 -8.56 -2.66
CA LEU B 179 35.82 -8.32 -2.29
C LEU B 179 34.82 -9.12 -3.12
N GLN B 180 35.30 -9.93 -4.06
CA GLN B 180 34.44 -10.83 -4.82
C GLN B 180 33.79 -10.10 -5.98
N GLY B 181 33.52 -10.81 -7.07
CA GLY B 181 32.78 -10.20 -8.17
C GLY B 181 31.54 -9.49 -7.67
N ALA B 182 30.72 -10.20 -6.89
CA ALA B 182 29.67 -9.58 -6.10
C ALA B 182 29.16 -10.59 -5.09
N PRO B 183 29.14 -10.26 -3.80
CA PRO B 183 28.42 -11.12 -2.85
C PRO B 183 27.06 -11.44 -3.41
N GLY B 184 26.79 -12.72 -3.67
CA GLY B 184 25.66 -13.11 -4.49
C GLY B 184 24.41 -12.29 -4.27
N ALA B 185 23.96 -11.61 -5.31
CA ALA B 185 22.82 -10.72 -5.20
C ALA B 185 21.57 -11.52 -4.83
N PRO B 186 20.92 -11.20 -3.71
CA PRO B 186 19.70 -11.92 -3.35
C PRO B 186 18.66 -11.82 -4.46
N GLY B 187 17.88 -12.88 -4.62
CA GLY B 187 16.86 -12.90 -5.64
C GLY B 187 15.80 -11.85 -5.43
N SER B 188 14.67 -11.97 -6.13
CA SER B 188 13.60 -10.98 -6.06
C SER B 188 12.75 -11.26 -4.84
N GLN B 189 13.09 -10.62 -3.73
CA GLN B 189 12.30 -10.70 -2.51
C GLN B 189 11.35 -9.50 -2.42
N GLY B 190 10.54 -9.49 -1.36
CA GLY B 190 9.58 -8.41 -1.17
C GLY B 190 8.23 -8.86 -0.65
N ALA B 191 7.19 -8.54 -1.42
CA ALA B 191 5.81 -8.72 -0.95
C ALA B 191 5.25 -10.04 -1.44
N PRO B 192 4.92 -10.97 -0.55
CA PRO B 192 4.14 -12.16 -0.92
C PRO B 192 2.63 -11.90 -0.89
N GLY B 193 2.19 -10.85 -1.56
CA GLY B 193 0.80 -10.46 -1.61
C GLY B 193 -0.17 -11.63 -1.71
N LEU B 194 -1.21 -11.59 -0.87
CA LEU B 194 -2.11 -12.72 -0.69
C LEU B 194 -3.35 -12.23 0.05
N GLN B 195 -4.17 -13.19 0.51
CA GLN B 195 -5.28 -12.92 1.43
C GLN B 195 -6.16 -11.77 0.93
N GLY B 196 -6.45 -11.77 -0.37
CA GLY B 196 -7.39 -10.80 -0.89
C GLY B 196 -8.77 -10.93 -0.29
N ALA B 197 -9.09 -12.08 0.27
CA ALA B 197 -10.45 -12.41 0.67
C ALA B 197 -10.84 -11.59 1.89
N PRO B 198 -11.70 -10.58 1.75
CA PRO B 198 -12.10 -9.82 2.94
C PRO B 198 -13.03 -10.60 3.84
N GLY B 199 -14.03 -11.28 3.29
CA GLY B 199 -15.06 -11.89 4.09
C GLY B 199 -16.13 -10.93 4.55
N ALA B 200 -16.02 -9.67 4.19
CA ALA B 200 -17.06 -8.71 4.54
C ALA B 200 -18.40 -9.17 3.97
N PRO B 201 -19.49 -9.01 4.70
CA PRO B 201 -20.78 -9.53 4.20
C PRO B 201 -21.24 -8.78 2.96
N GLY B 202 -20.55 -9.03 1.85
CA GLY B 202 -20.81 -8.36 0.60
C GLY B 202 -22.22 -8.49 0.06
N SER B 203 -22.62 -9.68 -0.36
CA SER B 203 -23.94 -9.92 -0.91
C SER B 203 -24.79 -10.81 -0.01
N GLN B 204 -24.64 -10.61 1.30
CA GLN B 204 -25.50 -11.30 2.25
C GLN B 204 -26.88 -10.68 2.28
N GLY B 205 -27.91 -11.52 2.44
CA GLY B 205 -29.28 -11.05 2.38
C GLY B 205 -29.64 -10.34 1.10
N ALA B 206 -29.14 -10.83 -0.04
CA ALA B 206 -29.36 -10.16 -1.31
C ALA B 206 -30.86 -10.07 -1.61
N PRO B 207 -31.56 -11.18 -1.88
CA PRO B 207 -33.02 -11.14 -1.83
C PRO B 207 -33.51 -10.64 -0.48
N GLY B 208 -34.54 -9.80 -0.54
CA GLY B 208 -35.26 -9.36 0.63
C GLY B 208 -36.53 -10.15 0.84
N LEU B 209 -37.44 -9.57 1.60
CA LEU B 209 -38.72 -10.22 1.85
C LEU B 209 -39.58 -10.13 0.60
N GLN B 210 -40.00 -11.28 0.08
CA GLN B 210 -40.81 -11.29 -1.13
C GLN B 210 -42.17 -10.64 -0.89
N GLY B 211 -42.73 -10.80 0.31
CA GLY B 211 -44.00 -10.20 0.59
C GLY B 211 -44.62 -10.66 1.90
N ALA B 212 -45.88 -11.06 1.83
CA ALA B 212 -46.58 -11.55 2.99
C ALA B 212 -47.85 -12.25 2.53
N PRO B 213 -48.11 -13.47 3.01
CA PRO B 213 -49.39 -14.10 2.74
C PRO B 213 -50.51 -13.26 3.34
N GLY B 214 -51.65 -13.26 2.66
CA GLY B 214 -52.84 -12.68 3.22
C GLY B 214 -53.72 -13.77 3.79
N ALA B 215 -54.73 -14.18 3.04
CA ALA B 215 -55.64 -15.21 3.50
C ALA B 215 -56.62 -15.55 2.38
N PRO B 216 -57.43 -16.60 2.53
CA PRO B 216 -58.49 -16.85 1.55
C PRO B 216 -59.57 -15.79 1.66
N GLY B 217 -60.65 -15.93 0.90
CA GLY B 217 -61.71 -14.95 0.93
C GLY B 217 -62.16 -14.63 2.34
N SER B 218 -61.88 -13.41 2.79
CA SER B 218 -62.28 -12.94 4.12
C SER B 218 -63.69 -12.36 4.11
N GLN B 219 -64.63 -13.12 3.54
CA GLN B 219 -66.04 -12.77 3.55
C GLN B 219 -66.76 -13.76 4.44
N GLY B 220 -67.62 -13.25 5.33
CA GLY B 220 -68.22 -14.10 6.33
C GLY B 220 -69.65 -13.80 6.71
N ALA B 221 -70.38 -13.08 5.87
CA ALA B 221 -71.77 -12.74 6.14
C ALA B 221 -72.65 -13.02 4.93
N PRO B 222 -73.95 -13.12 5.13
CA PRO B 222 -74.86 -13.36 4.00
C PRO B 222 -75.15 -12.11 3.19
N GLY B 223 -76.18 -12.16 2.36
CA GLY B 223 -76.45 -11.11 1.39
C GLY B 223 -77.18 -9.89 1.91
N LEU B 224 -78.15 -9.40 1.14
CA LEU B 224 -78.85 -8.15 1.44
C LEU B 224 -80.35 -8.39 1.35
N GLN B 225 -80.96 -8.73 2.48
CA GLN B 225 -82.41 -8.85 2.54
C GLN B 225 -83.03 -7.47 2.73
N GLY B 226 -82.66 -6.52 1.87
CA GLY B 226 -83.24 -5.19 1.96
C GLY B 226 -84.66 -5.11 1.49
N ALA B 227 -85.09 -6.05 0.64
CA ALA B 227 -86.48 -6.18 0.21
C ALA B 227 -86.89 -7.63 0.38
N PRO B 228 -86.93 -8.13 1.63
CA PRO B 228 -87.30 -9.51 1.93
C PRO B 228 -88.79 -9.68 2.16
N SER C 158 85.65 -11.07 -14.78
CA SER C 158 86.71 -10.36 -14.07
C SER C 158 87.41 -11.26 -13.07
N GLN C 159 88.13 -10.65 -12.13
CA GLN C 159 88.94 -11.42 -11.18
C GLN C 159 88.09 -12.17 -10.17
N GLY C 160 86.96 -11.60 -9.75
CA GLY C 160 86.20 -12.18 -8.67
C GLY C 160 85.49 -13.47 -9.07
N ALA C 161 85.11 -14.23 -8.05
CA ALA C 161 84.37 -15.47 -8.28
C ALA C 161 83.03 -15.14 -8.93
N PRO C 162 82.56 -15.95 -9.88
CA PRO C 162 81.45 -15.53 -10.73
C PRO C 162 80.19 -15.14 -9.96
N GLY C 163 79.95 -13.84 -9.85
CA GLY C 163 78.68 -13.31 -9.40
C GLY C 163 78.39 -13.43 -7.93
N LEU C 164 78.13 -14.65 -7.46
CA LEU C 164 77.59 -14.89 -6.13
C LEU C 164 76.21 -14.27 -6.01
N GLN C 165 75.32 -14.71 -6.90
CA GLN C 165 73.94 -14.23 -6.97
C GLN C 165 72.99 -15.42 -6.90
N GLY C 166 72.00 -15.33 -6.01
CA GLY C 166 71.15 -16.48 -5.76
C GLY C 166 69.67 -16.23 -5.57
N ALA C 167 69.11 -15.22 -6.23
CA ALA C 167 67.70 -14.87 -6.08
C ALA C 167 67.04 -14.68 -7.43
N PRO C 168 66.98 -15.74 -8.26
CA PRO C 168 66.38 -15.62 -9.58
C PRO C 168 64.86 -15.78 -9.58
N GLY C 169 64.13 -14.71 -9.32
CA GLY C 169 62.68 -14.84 -9.17
C GLY C 169 61.80 -13.96 -10.03
N ALA C 170 62.30 -13.56 -11.20
CA ALA C 170 61.46 -12.89 -12.19
C ALA C 170 60.71 -11.71 -11.58
N PRO C 171 61.38 -10.58 -11.34
CA PRO C 171 60.72 -9.46 -10.68
C PRO C 171 59.47 -9.02 -11.44
N GLY C 172 58.45 -8.63 -10.68
CA GLY C 172 57.23 -8.08 -11.25
C GLY C 172 56.34 -9.06 -11.97
N SER C 173 56.53 -10.37 -11.75
CA SER C 173 55.79 -11.36 -12.52
C SER C 173 54.29 -11.28 -12.28
N GLN C 174 53.86 -10.62 -11.22
CA GLN C 174 52.46 -10.63 -10.81
C GLN C 174 51.53 -10.27 -11.98
N GLY C 175 50.70 -11.23 -12.37
CA GLY C 175 49.62 -10.98 -13.29
C GLY C 175 48.38 -10.53 -12.54
N ALA C 176 47.25 -11.21 -12.75
CA ALA C 176 46.03 -10.91 -12.00
C ALA C 176 45.79 -12.01 -10.99
N PRO C 177 46.03 -11.79 -9.69
CA PRO C 177 45.74 -12.82 -8.69
C PRO C 177 44.28 -13.19 -8.61
N GLY C 178 43.39 -12.33 -9.11
CA GLY C 178 41.96 -12.56 -8.98
C GLY C 178 41.48 -11.99 -7.66
N LEU C 179 40.50 -11.10 -7.70
CA LEU C 179 40.08 -10.43 -6.48
C LEU C 179 39.55 -11.46 -5.49
N GLN C 180 38.42 -12.07 -5.82
CA GLN C 180 37.93 -13.28 -5.16
C GLN C 180 36.66 -13.67 -5.92
N GLY C 181 35.92 -14.63 -5.38
CA GLY C 181 34.77 -15.19 -6.05
C GLY C 181 33.92 -14.21 -6.83
N ALA C 182 33.41 -14.64 -7.98
CA ALA C 182 32.61 -13.79 -8.83
C ALA C 182 31.25 -13.54 -8.20
N PRO C 183 30.41 -12.70 -8.82
CA PRO C 183 29.08 -12.44 -8.26
C PRO C 183 28.20 -13.66 -8.37
N GLY C 184 27.65 -14.10 -7.24
CA GLY C 184 26.61 -15.12 -7.28
C GLY C 184 25.35 -14.63 -7.95
N ALA C 185 24.96 -13.39 -7.64
CA ALA C 185 23.83 -12.72 -8.30
C ALA C 185 22.60 -13.62 -8.45
N PRO C 186 22.11 -14.23 -7.36
CA PRO C 186 20.82 -14.93 -7.45
C PRO C 186 19.74 -14.03 -8.02
N GLY C 187 19.26 -14.37 -9.21
CA GLY C 187 18.23 -13.54 -9.84
C GLY C 187 16.95 -13.50 -9.04
N SER C 188 16.51 -14.65 -8.54
CA SER C 188 15.33 -14.71 -7.69
C SER C 188 15.36 -16.00 -6.89
N GLN C 189 14.72 -15.95 -5.73
CA GLN C 189 14.64 -17.07 -4.80
C GLN C 189 13.22 -17.16 -4.23
N GLY C 190 12.24 -17.02 -5.12
CA GLY C 190 10.85 -17.00 -4.73
C GLY C 190 10.06 -15.97 -5.52
N ALA C 191 10.72 -14.84 -5.83
CA ALA C 191 10.19 -13.85 -6.76
C ALA C 191 8.74 -13.46 -6.42
N PRO C 192 8.08 -12.71 -7.30
CA PRO C 192 6.63 -12.52 -7.15
C PRO C 192 5.91 -13.85 -7.35
N GLY C 193 5.07 -14.19 -6.39
CA GLY C 193 4.37 -15.46 -6.39
C GLY C 193 2.95 -15.35 -5.89
N LEU C 194 2.33 -14.20 -6.11
CA LEU C 194 1.05 -13.89 -5.48
C LEU C 194 -0.09 -14.60 -6.18
N GLN C 195 -1.01 -15.15 -5.39
CA GLN C 195 -2.13 -15.93 -5.91
C GLN C 195 -3.45 -15.26 -5.53
N GLY C 196 -4.54 -15.95 -5.82
CA GLY C 196 -5.86 -15.41 -5.57
C GLY C 196 -6.79 -16.35 -4.83
N ALA C 197 -8.09 -16.06 -4.85
CA ALA C 197 -9.13 -16.83 -4.19
C ALA C 197 -8.65 -17.35 -2.83
N PRO C 198 -8.38 -16.45 -1.88
CA PRO C 198 -7.84 -16.87 -0.59
C PRO C 198 -8.77 -17.86 0.11
N GLY C 199 -10.00 -17.45 0.34
CA GLY C 199 -10.99 -18.32 0.94
C GLY C 199 -12.36 -18.13 0.32
N ALA C 200 -12.39 -17.65 -0.92
CA ALA C 200 -13.63 -17.30 -1.60
C ALA C 200 -14.48 -16.41 -0.70
N PRO C 201 -13.98 -15.24 -0.30
CA PRO C 201 -14.65 -14.46 0.73
C PRO C 201 -16.05 -14.07 0.30
N GLY C 202 -17.05 -14.57 1.01
CA GLY C 202 -18.41 -14.28 0.61
C GLY C 202 -18.75 -14.79 -0.77
N SER C 203 -18.13 -15.88 -1.20
CA SER C 203 -18.52 -16.55 -2.44
C SER C 203 -19.59 -17.61 -2.17
N GLN C 204 -20.65 -17.19 -1.50
CA GLN C 204 -21.65 -18.11 -0.99
C GLN C 204 -22.80 -18.29 -1.97
N GLY C 205 -23.74 -19.14 -1.57
CA GLY C 205 -24.95 -19.32 -2.35
C GLY C 205 -25.92 -18.17 -2.18
N ALA C 206 -26.75 -18.00 -3.20
CA ALA C 206 -27.70 -16.88 -3.21
C ALA C 206 -29.13 -17.38 -3.20
N PRO C 207 -29.62 -17.90 -2.07
CA PRO C 207 -31.03 -18.28 -1.99
C PRO C 207 -31.93 -17.08 -2.26
N GLY C 208 -33.06 -17.32 -2.92
CA GLY C 208 -33.90 -16.25 -3.35
C GLY C 208 -35.03 -15.90 -2.41
N LEU C 209 -36.26 -16.04 -2.87
CA LEU C 209 -37.46 -15.71 -2.11
C LEU C 209 -38.14 -17.01 -1.73
N GLN C 210 -37.91 -17.45 -0.50
CA GLN C 210 -38.40 -18.75 -0.03
C GLN C 210 -39.88 -18.63 0.32
N GLY C 211 -40.41 -19.63 1.00
CA GLY C 211 -41.84 -19.63 1.28
C GLY C 211 -42.62 -19.59 -0.01
N ALA C 212 -43.61 -18.70 -0.06
CA ALA C 212 -44.46 -18.53 -1.23
C ALA C 212 -44.53 -17.06 -1.61
N PRO C 213 -43.45 -16.51 -2.16
CA PRO C 213 -43.48 -15.11 -2.61
C PRO C 213 -44.71 -14.80 -3.43
N GLY C 214 -45.04 -13.52 -3.60
CA GLY C 214 -46.33 -13.18 -4.19
C GLY C 214 -47.37 -12.88 -3.14
N ALA C 215 -47.12 -11.86 -2.31
CA ALA C 215 -47.95 -11.54 -1.17
C ALA C 215 -49.44 -11.58 -1.54
N PRO C 216 -50.17 -12.58 -1.05
CA PRO C 216 -51.61 -12.61 -1.23
C PRO C 216 -52.31 -11.98 -0.03
N GLY C 217 -53.63 -11.91 -0.12
CA GLY C 217 -54.43 -11.37 0.97
C GLY C 217 -55.84 -11.87 0.91
N SER C 218 -56.43 -12.08 2.09
CA SER C 218 -57.84 -12.41 2.16
C SER C 218 -58.65 -11.27 1.55
N GLN C 219 -59.84 -11.61 1.07
CA GLN C 219 -60.75 -10.60 0.52
C GLN C 219 -62.18 -11.04 0.80
N GLY C 220 -62.90 -10.23 1.57
CA GLY C 220 -64.29 -10.49 1.82
C GLY C 220 -65.16 -9.27 1.56
N ALA C 221 -66.01 -9.37 0.56
CA ALA C 221 -66.88 -8.27 0.17
C ALA C 221 -68.25 -8.47 0.80
N PRO C 222 -69.19 -7.56 0.57
CA PRO C 222 -70.57 -7.79 1.01
C PRO C 222 -71.00 -9.23 0.80
N GLY C 223 -71.42 -9.88 1.88
CA GLY C 223 -71.69 -11.31 1.88
C GLY C 223 -72.61 -11.78 0.78
N LEU C 224 -72.51 -13.06 0.42
CA LEU C 224 -73.32 -13.62 -0.65
C LEU C 224 -74.80 -13.37 -0.37
N GLN C 225 -75.51 -12.86 -1.37
CA GLN C 225 -76.91 -12.52 -1.19
C GLN C 225 -77.76 -13.78 -1.09
N GLY C 226 -78.77 -13.72 -0.23
CA GLY C 226 -79.67 -14.83 -0.05
C GLY C 226 -80.51 -15.10 -1.29
N ALA C 227 -81.12 -16.28 -1.29
CA ALA C 227 -81.98 -16.68 -2.39
C ALA C 227 -83.37 -16.10 -2.20
N PRO C 228 -83.70 -15.00 -2.87
CA PRO C 228 -85.03 -14.41 -2.71
C PRO C 228 -86.12 -15.32 -3.26
N GLY C 229 -87.31 -15.20 -2.68
CA GLY C 229 -88.44 -15.99 -3.10
C GLY C 229 -88.81 -15.77 -4.55
N PRO D 168 98.28 -10.07 6.74
CA PRO D 168 97.63 -11.36 6.93
C PRO D 168 97.24 -11.61 8.39
N GLY D 169 96.02 -11.23 8.75
CA GLY D 169 95.54 -11.43 10.10
C GLY D 169 95.08 -12.85 10.35
N ALA D 170 93.99 -13.02 11.09
CA ALA D 170 93.45 -14.35 11.36
C ALA D 170 92.50 -14.73 10.23
N PRO D 171 92.83 -15.72 9.41
CA PRO D 171 91.94 -16.07 8.29
C PRO D 171 90.59 -16.56 8.78
N GLY D 172 89.55 -16.21 8.03
CA GLY D 172 88.21 -16.71 8.31
C GLY D 172 87.73 -16.39 9.72
N SER D 173 88.00 -15.18 10.21
CA SER D 173 87.61 -14.82 11.56
C SER D 173 86.15 -14.38 11.67
N GLN D 174 85.46 -14.19 10.55
CA GLN D 174 84.10 -13.68 10.59
C GLN D 174 83.20 -14.61 11.40
N GLY D 175 82.31 -14.01 12.19
CA GLY D 175 81.45 -14.76 13.09
C GLY D 175 79.98 -14.63 12.77
N ALA D 176 79.64 -14.68 11.47
CA ALA D 176 78.26 -14.52 11.03
C ALA D 176 77.33 -15.41 11.84
N PRO D 177 76.50 -14.83 12.72
CA PRO D 177 75.54 -15.63 13.49
C PRO D 177 74.46 -16.23 12.59
N GLY D 178 73.85 -15.39 11.78
CA GLY D 178 72.82 -15.85 10.86
C GLY D 178 71.58 -16.40 11.52
N LEU D 179 71.36 -16.13 12.80
CA LEU D 179 70.18 -16.60 13.51
C LEU D 179 69.29 -15.43 13.88
N GLN D 180 68.06 -15.75 14.26
CA GLN D 180 67.10 -14.72 14.67
C GLN D 180 67.03 -13.64 13.59
N GLY D 181 67.70 -12.52 13.83
CA GLY D 181 67.85 -11.48 12.83
C GLY D 181 66.64 -11.24 11.94
N ALA D 182 65.46 -11.22 12.53
CA ALA D 182 64.25 -11.06 11.73
C ALA D 182 63.00 -11.13 12.59
N PRO D 183 62.90 -12.12 13.48
CA PRO D 183 61.70 -12.17 14.33
C PRO D 183 61.69 -11.01 15.32
N GLY D 184 60.87 -10.03 15.01
CA GLY D 184 60.73 -8.84 15.84
C GLY D 184 59.36 -8.83 16.48
N ALA D 185 58.44 -8.11 15.88
CA ALA D 185 57.06 -8.13 16.33
C ALA D 185 56.47 -9.52 16.12
N PRO D 186 56.32 -10.33 17.16
CA PRO D 186 55.71 -11.65 16.99
C PRO D 186 54.20 -11.58 17.06
N GLY D 187 53.56 -12.74 17.06
CA GLY D 187 52.13 -12.79 17.25
C GLY D 187 51.37 -12.94 15.94
N SER D 188 50.58 -13.99 15.85
CA SER D 188 49.71 -14.24 14.69
C SER D 188 48.32 -14.52 15.25
N GLN D 189 47.55 -13.47 15.49
CA GLN D 189 46.23 -13.61 16.08
C GLN D 189 45.12 -13.59 15.03
N GLY D 190 45.25 -12.72 14.02
CA GLY D 190 44.24 -12.62 12.98
C GLY D 190 42.83 -12.74 13.51
N ALA D 191 42.56 -12.05 14.62
CA ALA D 191 41.33 -12.24 15.37
C ALA D 191 40.12 -12.25 14.43
N PRO D 192 39.48 -13.40 14.24
CA PRO D 192 38.35 -13.46 13.32
C PRO D 192 37.24 -12.52 13.73
N GLY D 193 36.62 -11.88 12.74
CA GLY D 193 35.56 -10.93 13.02
C GLY D 193 34.31 -11.11 12.17
N LEU D 194 33.91 -10.05 11.48
CA LEU D 194 32.73 -10.08 10.61
C LEU D 194 31.52 -10.48 11.47
N GLN D 195 30.58 -11.23 10.92
CA GLN D 195 29.38 -11.67 11.65
C GLN D 195 28.72 -10.50 12.37
N GLY D 196 28.29 -9.52 11.57
CA GLY D 196 27.71 -8.31 12.09
C GLY D 196 26.23 -8.40 12.42
N ALA D 197 25.50 -9.29 11.74
CA ALA D 197 24.08 -9.42 12.01
C ALA D 197 23.68 -10.84 12.42
N PRO D 198 24.42 -11.48 13.32
CA PRO D 198 23.89 -12.68 13.96
C PRO D 198 22.56 -12.39 14.65
N GLY D 199 21.62 -13.32 14.49
CA GLY D 199 20.30 -13.17 15.07
C GLY D 199 19.79 -11.75 15.01
N ALA D 200 20.02 -11.07 13.89
CA ALA D 200 19.78 -9.64 13.76
C ALA D 200 18.72 -9.37 12.70
N PRO D 201 17.53 -9.96 12.83
CA PRO D 201 16.44 -9.65 11.91
C PRO D 201 15.48 -8.61 12.47
N GLY D 202 14.51 -8.22 11.65
CA GLY D 202 13.39 -7.43 12.13
C GLY D 202 12.17 -8.31 12.28
N SER D 203 11.87 -8.71 13.51
CA SER D 203 10.85 -9.73 13.76
C SER D 203 9.50 -9.06 13.93
N GLN D 204 8.60 -9.32 12.99
CA GLN D 204 7.27 -8.74 12.99
C GLN D 204 6.29 -9.81 13.49
N GLY D 205 6.08 -9.82 14.80
CA GLY D 205 5.23 -10.80 15.43
C GLY D 205 3.77 -10.38 15.48
N ALA D 206 3.10 -10.42 14.34
CA ALA D 206 1.68 -10.14 14.27
C ALA D 206 0.86 -11.42 14.39
N PRO D 207 0.38 -11.78 15.58
CA PRO D 207 -0.61 -12.86 15.67
C PRO D 207 -2.00 -12.42 15.20
N GLY D 208 -2.46 -11.28 15.71
CA GLY D 208 -3.66 -10.62 15.23
C GLY D 208 -4.83 -11.48 14.76
N LEU D 209 -5.35 -12.34 15.62
CA LEU D 209 -6.40 -13.30 15.25
C LEU D 209 -5.94 -14.32 14.23
N GLN D 210 -4.63 -14.43 13.99
CA GLN D 210 -4.11 -15.32 12.96
C GLN D 210 -4.84 -15.09 11.63
N GLY D 211 -5.21 -13.84 11.37
CA GLY D 211 -5.97 -13.51 10.19
C GLY D 211 -7.46 -13.57 10.43
N ALA D 212 -7.98 -14.78 10.60
CA ALA D 212 -9.39 -14.97 10.89
C ALA D 212 -9.78 -14.08 12.07
N PRO D 213 -10.58 -13.04 11.84
CA PRO D 213 -11.00 -12.19 12.96
C PRO D 213 -11.77 -12.94 14.03
N GLY D 214 -12.17 -14.18 13.76
CA GLY D 214 -12.93 -15.01 14.66
C GLY D 214 -14.28 -15.32 14.07
N ALA D 215 -15.13 -15.95 14.87
CA ALA D 215 -16.49 -16.18 14.43
C ALA D 215 -17.11 -14.83 14.09
N PRO D 216 -17.34 -14.55 12.81
CA PRO D 216 -17.87 -13.24 12.44
C PRO D 216 -19.19 -12.91 13.11
N GLY D 217 -19.98 -13.92 13.44
CA GLY D 217 -21.27 -13.71 14.08
C GLY D 217 -22.33 -13.21 13.12
N SER D 218 -22.23 -13.59 11.86
CA SER D 218 -23.13 -13.07 10.83
C SER D 218 -24.51 -13.70 10.93
N GLN D 219 -25.54 -12.88 10.66
CA GLN D 219 -26.90 -13.39 10.57
C GLN D 219 -27.69 -12.84 9.39
N GLY D 220 -27.17 -11.82 8.69
CA GLY D 220 -27.78 -11.33 7.47
C GLY D 220 -29.13 -10.67 7.61
N ALA D 221 -29.30 -9.79 8.60
CA ALA D 221 -30.59 -9.14 8.79
C ALA D 221 -31.65 -10.20 9.03
N PRO D 222 -31.66 -10.84 10.21
CA PRO D 222 -32.54 -11.99 10.46
C PRO D 222 -33.93 -11.90 9.85
N GLY D 223 -34.65 -10.82 10.14
CA GLY D 223 -36.05 -10.70 9.74
C GLY D 223 -36.95 -11.71 10.41
N LEU D 224 -36.46 -12.40 11.44
CA LEU D 224 -37.21 -13.40 12.20
C LEU D 224 -37.05 -13.12 13.68
N GLN D 225 -37.93 -12.26 14.23
CA GLN D 225 -37.84 -11.86 15.62
C GLN D 225 -39.01 -12.36 16.45
N GLY D 226 -40.22 -11.92 16.15
CA GLY D 226 -41.37 -12.30 16.95
C GLY D 226 -42.55 -12.85 16.17
N ALA D 227 -42.69 -12.45 14.92
CA ALA D 227 -43.90 -12.73 14.14
C ALA D 227 -45.12 -12.60 15.04
N PRO D 228 -45.27 -11.48 15.75
CA PRO D 228 -46.34 -11.38 16.75
C PRO D 228 -47.72 -11.53 16.11
N GLY D 229 -48.61 -12.22 16.83
CA GLY D 229 -49.93 -12.51 16.30
C GLY D 229 -50.86 -11.33 16.41
N ALA D 230 -51.51 -10.98 15.30
CA ALA D 230 -52.39 -9.83 15.25
C ALA D 230 -53.67 -10.13 16.03
N PRO D 231 -54.44 -9.09 16.36
CA PRO D 231 -55.61 -9.29 17.23
C PRO D 231 -56.57 -10.30 16.63
N GLY D 232 -57.08 -11.18 17.48
CA GLY D 232 -58.06 -12.18 17.07
C GLY D 232 -59.45 -11.75 17.48
N SER D 233 -60.41 -11.95 16.57
CA SER D 233 -61.79 -11.60 16.85
C SER D 233 -62.71 -12.49 16.03
N GLN D 234 -63.75 -13.00 16.68
CA GLN D 234 -64.77 -13.75 15.97
C GLN D 234 -65.37 -12.91 14.86
N GLY D 235 -65.52 -13.50 13.69
CA GLY D 235 -66.14 -12.82 12.57
C GLY D 235 -67.46 -12.21 12.99
N ALA D 236 -67.52 -10.88 12.98
CA ALA D 236 -68.67 -10.15 13.48
C ALA D 236 -69.96 -10.74 12.92
N PRO D 237 -70.78 -11.38 13.75
CA PRO D 237 -72.00 -12.03 13.23
C PRO D 237 -72.99 -11.04 12.64
N GLY D 238 -74.10 -11.57 12.14
CA GLY D 238 -75.14 -10.73 11.56
C GLY D 238 -76.51 -11.02 12.14
N LEU D 239 -77.48 -11.31 11.26
CA LEU D 239 -78.84 -11.62 11.69
C LEU D 239 -78.89 -13.07 12.13
N GLN D 240 -78.83 -13.31 13.42
CA GLN D 240 -78.99 -14.65 13.95
C GLN D 240 -80.48 -14.99 14.06
N GLY D 241 -80.77 -16.19 14.55
CA GLY D 241 -82.16 -16.60 14.70
C GLY D 241 -82.96 -15.61 15.53
N ALA D 242 -84.28 -15.80 15.51
CA ALA D 242 -85.19 -14.92 16.23
C ALA D 242 -84.88 -14.93 17.72
N PRO E 168 98.73 -7.82 9.06
CA PRO E 168 97.75 -6.75 9.28
C PRO E 168 96.49 -6.93 8.45
N GLY E 169 96.62 -6.84 7.13
CA GLY E 169 95.46 -7.05 6.27
C GLY E 169 94.94 -8.46 6.36
N ALA E 170 93.66 -8.62 6.10
CA ALA E 170 93.02 -9.92 6.13
C ALA E 170 91.69 -9.85 5.39
N PRO E 171 91.68 -9.60 4.08
CA PRO E 171 90.42 -9.59 3.34
C PRO E 171 89.64 -10.88 3.55
N GLY E 172 88.51 -10.77 4.23
CA GLY E 172 87.69 -11.91 4.58
C GLY E 172 87.62 -12.20 6.07
N SER E 173 88.48 -11.59 6.87
CA SER E 173 88.43 -11.80 8.32
C SER E 173 87.14 -11.21 8.89
N GLN E 174 86.92 -11.47 10.18
CA GLN E 174 85.71 -11.01 10.84
C GLN E 174 85.54 -9.51 10.70
N GLY E 175 84.45 -9.10 10.05
CA GLY E 175 84.11 -7.69 9.96
C GLY E 175 83.05 -7.33 10.98
N ALA E 176 81.95 -6.77 10.53
CA ALA E 176 80.82 -6.50 11.40
C ALA E 176 80.17 -7.82 11.79
N PRO E 177 80.03 -8.14 13.08
CA PRO E 177 79.35 -9.38 13.46
C PRO E 177 77.92 -9.38 12.96
N GLY E 178 77.46 -10.55 12.52
CA GLY E 178 76.14 -10.67 11.94
C GLY E 178 75.02 -10.30 12.89
N LEU E 179 74.17 -9.38 12.47
CA LEU E 179 72.99 -8.98 13.23
C LEU E 179 71.83 -8.76 12.28
N GLN E 180 70.69 -9.36 12.60
CA GLN E 180 69.49 -9.26 11.77
C GLN E 180 69.70 -9.97 10.44
N GLY E 181 70.43 -9.34 9.52
CA GLY E 181 70.82 -10.02 8.31
C GLY E 181 69.68 -10.27 7.35
N ALA E 182 68.70 -11.06 7.80
CA ALA E 182 67.53 -11.40 7.00
C ALA E 182 66.27 -11.18 7.83
N PRO E 183 65.99 -9.93 8.19
CA PRO E 183 64.76 -9.64 8.95
C PRO E 183 63.52 -10.00 8.14
N GLY E 184 62.48 -10.42 8.84
CA GLY E 184 61.21 -10.73 8.21
C GLY E 184 60.11 -9.85 8.72
N ALA E 185 58.88 -10.34 8.72
CA ALA E 185 57.76 -9.55 9.21
C ALA E 185 56.51 -10.40 9.38
N PRO E 186 55.77 -10.22 10.47
CA PRO E 186 54.45 -10.85 10.58
C PRO E 186 53.52 -10.37 9.48
N GLY E 187 52.69 -11.28 8.99
CA GLY E 187 51.69 -10.92 8.01
C GLY E 187 50.49 -10.24 8.64
N SER E 188 49.29 -10.58 8.17
CA SER E 188 48.07 -9.96 8.67
C SER E 188 47.80 -10.44 10.08
N GLN E 189 48.05 -9.57 11.07
CA GLN E 189 47.81 -9.92 12.46
C GLN E 189 46.33 -10.06 12.79
N GLY E 190 45.45 -9.56 11.94
CA GLY E 190 44.02 -9.69 12.17
C GLY E 190 43.54 -8.85 13.34
N ALA E 191 42.22 -8.86 13.52
CA ALA E 191 41.57 -8.09 14.58
C ALA E 191 40.13 -8.54 14.78
N PRO E 192 39.67 -8.67 16.02
CA PRO E 192 38.34 -9.27 16.25
C PRO E 192 37.19 -8.34 15.92
N GLY E 193 36.98 -8.08 14.63
CA GLY E 193 35.84 -7.30 14.19
C GLY E 193 34.61 -8.17 14.01
N LEU E 194 34.07 -8.67 15.11
CA LEU E 194 33.04 -9.69 15.07
C LEU E 194 32.00 -9.37 16.14
N GLN E 195 31.18 -10.37 16.47
CA GLN E 195 30.15 -10.22 17.48
C GLN E 195 29.05 -9.27 17.05
N GLY E 196 28.44 -9.55 15.90
CA GLY E 196 27.19 -8.94 15.51
C GLY E 196 25.97 -9.67 16.02
N ALA E 197 26.15 -10.61 16.95
CA ALA E 197 25.07 -11.41 17.51
C ALA E 197 23.87 -10.54 17.86
N PRO E 198 24.07 -9.29 18.26
CA PRO E 198 22.94 -8.35 18.34
C PRO E 198 21.96 -8.50 17.20
N GLY E 199 20.66 -8.40 17.51
CA GLY E 199 19.65 -8.52 16.49
C GLY E 199 18.26 -8.54 17.11
N ALA E 200 17.28 -8.95 16.32
CA ALA E 200 15.91 -8.98 16.78
C ALA E 200 15.10 -10.06 16.07
N PRO E 201 15.44 -11.34 16.26
CA PRO E 201 14.64 -12.41 15.63
C PRO E 201 13.26 -12.58 16.24
N GLY E 202 13.04 -12.08 17.45
CA GLY E 202 11.79 -12.34 18.15
C GLY E 202 11.11 -11.13 18.74
N SER E 203 11.16 -9.99 18.04
CA SER E 203 10.47 -8.80 18.53
C SER E 203 8.99 -9.08 18.76
N GLN E 204 8.26 -9.36 17.67
CA GLN E 204 6.90 -9.87 17.78
C GLN E 204 5.96 -8.95 18.57
N GLY E 205 4.72 -9.39 18.72
CA GLY E 205 3.70 -8.63 19.43
C GLY E 205 2.33 -9.28 19.30
N ALA E 206 1.29 -8.48 19.11
CA ALA E 206 0.00 -9.00 18.70
C ALA E 206 -0.76 -7.93 17.93
N PRO E 207 -0.18 -7.43 16.84
CA PRO E 207 -0.86 -6.37 16.07
C PRO E 207 -2.11 -6.89 15.38
N GLY E 208 -3.02 -5.97 15.12
CA GLY E 208 -4.24 -6.29 14.38
C GLY E 208 -5.37 -6.77 15.24
N LEU E 209 -5.53 -8.09 15.34
CA LEU E 209 -6.60 -8.70 16.11
C LEU E 209 -7.97 -8.40 15.48
N GLN E 210 -8.12 -8.85 14.23
CA GLN E 210 -9.35 -8.65 13.50
C GLN E 210 -10.56 -9.08 14.32
N GLY E 211 -11.58 -8.22 14.36
CA GLY E 211 -12.79 -8.52 15.09
C GLY E 211 -13.62 -9.56 14.37
N ALA E 212 -14.12 -9.22 13.19
CA ALA E 212 -14.80 -10.18 12.34
C ALA E 212 -15.18 -9.50 11.03
N PRO E 213 -15.37 -10.27 9.96
CA PRO E 213 -15.70 -9.66 8.66
C PRO E 213 -17.11 -9.12 8.62
N GLY E 214 -18.05 -9.90 9.14
CA GLY E 214 -19.44 -9.50 9.17
C GLY E 214 -20.20 -10.25 10.24
N ALA E 215 -21.33 -9.67 10.62
CA ALA E 215 -22.26 -10.31 11.54
C ALA E 215 -23.61 -9.63 11.37
N PRO E 216 -24.21 -9.74 10.19
CA PRO E 216 -25.40 -8.94 9.88
C PRO E 216 -26.67 -9.41 10.57
N GLY E 217 -26.88 -8.96 11.81
CA GLY E 217 -28.19 -9.07 12.41
C GLY E 217 -28.30 -9.95 13.63
N SER E 218 -28.31 -9.35 14.82
CA SER E 218 -28.63 -10.11 16.02
C SER E 218 -30.11 -10.45 16.04
N GLN E 219 -30.97 -9.43 16.09
CA GLN E 219 -32.39 -9.65 15.92
C GLN E 219 -33.07 -8.29 15.77
N GLY E 220 -34.03 -8.19 14.86
CA GLY E 220 -34.66 -6.92 14.57
C GLY E 220 -36.10 -6.78 15.05
N ALA E 221 -37.02 -6.55 14.12
CA ALA E 221 -38.41 -6.28 14.47
C ALA E 221 -39.16 -7.58 14.71
N PRO E 222 -39.81 -7.75 15.87
CA PRO E 222 -40.57 -8.99 16.10
C PRO E 222 -41.62 -9.27 15.03
N GLY E 223 -42.29 -8.25 14.55
CA GLY E 223 -43.32 -8.42 13.54
C GLY E 223 -44.33 -7.30 13.61
N LEU E 224 -45.34 -7.41 12.74
CA LEU E 224 -46.35 -6.37 12.57
C LEU E 224 -47.75 -6.95 12.71
N GLN E 225 -47.92 -7.95 13.58
CA GLN E 225 -49.22 -8.52 13.84
C GLN E 225 -49.86 -8.97 12.51
N GLY E 226 -50.73 -8.14 11.95
CA GLY E 226 -51.39 -8.50 10.71
C GLY E 226 -52.89 -8.43 10.81
N ALA E 227 -53.58 -9.45 10.30
CA ALA E 227 -55.03 -9.49 10.34
C ALA E 227 -55.52 -9.03 11.70
N PRO E 228 -56.23 -7.93 11.78
CA PRO E 228 -56.55 -7.35 13.08
C PRO E 228 -57.59 -8.18 13.81
N GLY E 229 -58.05 -7.69 14.95
CA GLY E 229 -59.10 -8.37 15.67
C GLY E 229 -59.65 -7.55 16.82
N ALA E 230 -60.95 -7.43 16.88
CA ALA E 230 -61.61 -6.88 18.05
C ALA E 230 -62.25 -8.05 18.79
N PRO E 231 -61.50 -8.77 19.61
CA PRO E 231 -62.00 -10.01 20.20
C PRO E 231 -63.45 -9.93 20.64
N GLY E 232 -64.29 -10.75 20.03
CA GLY E 232 -65.72 -10.71 20.26
C GLY E 232 -66.50 -10.98 18.98
N SER E 233 -67.81 -11.03 19.09
CA SER E 233 -68.69 -11.32 17.95
C SER E 233 -69.57 -10.09 17.72
N GLN E 234 -69.22 -9.30 16.70
CA GLN E 234 -70.02 -8.14 16.33
C GLN E 234 -71.19 -8.62 15.47
N GLY E 235 -72.13 -9.27 16.14
CA GLY E 235 -73.31 -9.74 15.46
C GLY E 235 -74.36 -8.65 15.31
N ALA E 236 -75.29 -8.91 14.41
CA ALA E 236 -76.47 -8.08 14.29
C ALA E 236 -77.61 -8.69 15.09
N PRO E 237 -78.66 -7.93 15.34
CA PRO E 237 -79.82 -8.52 16.05
C PRO E 237 -80.37 -9.69 15.26
N GLY E 238 -80.85 -10.69 15.98
CA GLY E 238 -81.38 -11.88 15.34
C GLY E 238 -82.60 -11.58 14.51
N LEU E 239 -83.39 -12.59 14.18
CA LEU E 239 -84.61 -12.36 13.42
C LEU E 239 -85.45 -11.29 14.10
N GLN E 240 -86.34 -10.65 13.34
CA GLN E 240 -87.12 -9.54 13.88
C GLN E 240 -87.85 -9.96 15.14
N GLY E 241 -87.69 -9.16 16.20
CA GLY E 241 -88.31 -9.44 17.47
C GLY E 241 -87.50 -8.95 18.65
N GLY F 169 98.52 -13.29 1.63
CA GLY F 169 98.30 -12.16 0.74
C GLY F 169 97.09 -11.33 1.12
N ALA F 170 97.08 -10.85 2.36
CA ALA F 170 95.96 -10.06 2.89
C ALA F 170 96.44 -8.64 3.19
N PRO F 171 96.21 -7.68 2.30
CA PRO F 171 96.71 -6.31 2.54
C PRO F 171 95.81 -5.51 3.45
N GLY F 172 94.50 -5.77 3.41
CA GLY F 172 93.55 -5.00 4.21
C GLY F 172 92.54 -5.86 4.94
N SER F 173 92.46 -5.70 6.26
CA SER F 173 91.61 -6.54 7.10
C SER F 173 90.16 -6.10 6.92
N GLN F 174 89.51 -6.67 5.91
CA GLN F 174 88.10 -6.40 5.64
C GLN F 174 87.60 -7.47 4.67
N GLY F 175 86.55 -8.17 5.06
CA GLY F 175 85.96 -9.16 4.17
C GLY F 175 84.99 -10.12 4.83
N ALA F 176 83.91 -10.43 4.13
CA ALA F 176 82.89 -11.36 4.59
C ALA F 176 82.53 -11.14 6.06
N PRO F 177 82.22 -9.91 6.48
CA PRO F 177 81.71 -9.71 7.83
C PRO F 177 80.42 -10.50 8.05
N GLY F 178 80.28 -11.02 9.26
CA GLY F 178 79.14 -11.88 9.55
C GLY F 178 77.83 -11.15 9.43
N LEU F 179 76.79 -11.91 9.09
CA LEU F 179 75.42 -11.41 9.05
C LEU F 179 74.52 -12.38 9.80
N GLN F 180 73.48 -11.83 10.44
CA GLN F 180 72.62 -12.62 11.31
C GLN F 180 71.28 -12.88 10.63
N GLY F 181 70.43 -13.64 11.33
CA GLY F 181 69.04 -13.80 10.96
C GLY F 181 68.76 -15.07 10.19
N ALA F 182 68.36 -16.13 10.88
CA ALA F 182 67.87 -17.33 10.24
C ALA F 182 66.40 -17.17 9.88
N PRO F 183 65.54 -16.88 10.85
CA PRO F 183 64.11 -16.80 10.58
C PRO F 183 63.69 -15.43 10.09
N GLY F 184 62.37 -15.20 10.01
CA GLY F 184 61.82 -13.88 9.81
C GLY F 184 60.97 -13.48 11.00
N ALA F 185 60.51 -12.24 10.99
CA ALA F 185 59.61 -11.79 12.04
C ALA F 185 58.37 -12.67 12.05
N PRO F 186 57.98 -13.24 13.20
CA PRO F 186 56.89 -14.22 13.21
C PRO F 186 55.64 -13.71 12.52
N GLY F 187 55.30 -14.34 11.39
CA GLY F 187 54.16 -13.92 10.62
C GLY F 187 52.85 -13.96 11.39
N SER F 188 52.13 -12.85 11.40
CA SER F 188 50.80 -12.79 11.99
C SER F 188 49.76 -13.14 10.93
N GLN F 189 48.74 -13.89 11.35
CA GLN F 189 47.70 -14.33 10.44
C GLN F 189 46.41 -14.54 11.21
N GLY F 190 45.34 -14.86 10.47
CA GLY F 190 44.02 -15.00 11.04
C GLY F 190 43.07 -14.00 10.42
N ALA F 191 41.79 -14.36 10.33
CA ALA F 191 40.81 -13.49 9.68
C ALA F 191 40.68 -12.18 10.45
N PRO F 192 41.21 -11.08 9.95
CA PRO F 192 41.08 -9.80 10.66
C PRO F 192 39.66 -9.28 10.57
N GLY F 193 38.89 -9.42 11.64
CA GLY F 193 37.50 -9.04 11.61
C GLY F 193 36.74 -9.64 10.44
N LEU F 194 37.32 -10.69 9.84
CA LEU F 194 36.78 -11.26 8.61
C LEU F 194 36.33 -12.69 8.85
N GLN F 195 35.69 -12.94 10.00
CA GLN F 195 35.25 -14.27 10.36
C GLN F 195 33.80 -14.53 9.96
N GLY F 196 32.87 -13.77 10.52
CA GLY F 196 31.46 -14.06 10.31
C GLY F 196 31.11 -15.39 10.95
N ALA F 197 29.84 -15.60 11.28
CA ALA F 197 29.42 -16.89 11.82
C ALA F 197 27.99 -16.83 12.34
N PRO F 198 27.75 -16.17 13.48
CA PRO F 198 26.42 -16.23 14.09
C PRO F 198 25.35 -15.50 13.31
N GLY F 199 25.69 -14.87 12.19
CA GLY F 199 24.69 -14.15 11.42
C GLY F 199 23.51 -15.06 11.14
N ALA F 200 22.40 -14.80 11.82
CA ALA F 200 21.25 -15.69 11.74
C ALA F 200 19.99 -14.94 12.19
N PRO F 201 19.62 -13.86 11.51
CA PRO F 201 18.37 -13.18 11.83
C PRO F 201 17.18 -14.15 11.76
N GLY F 202 16.55 -14.41 12.91
CA GLY F 202 15.46 -15.35 12.98
C GLY F 202 14.11 -14.70 13.18
N SER F 203 13.86 -13.60 12.47
CA SER F 203 12.62 -12.86 12.62
C SER F 203 11.56 -13.37 11.67
N GLN F 204 10.46 -12.64 11.54
CA GLN F 204 9.39 -13.00 10.63
C GLN F 204 8.44 -11.82 10.50
N GLY F 205 8.01 -11.55 9.27
CA GLY F 205 7.07 -10.48 9.01
C GLY F 205 5.77 -10.68 9.75
N ALA F 206 4.86 -9.71 9.67
CA ALA F 206 3.62 -9.76 10.43
C ALA F 206 2.74 -10.91 9.94
N PRO F 207 2.64 -11.99 10.71
CA PRO F 207 1.74 -13.08 10.32
C PRO F 207 0.31 -12.80 10.78
N GLY F 208 -0.57 -13.79 10.61
CA GLY F 208 -1.83 -13.83 11.33
C GLY F 208 -2.64 -12.56 11.38
N LEU F 209 -2.39 -11.61 10.49
CA LEU F 209 -3.16 -10.37 10.42
C LEU F 209 -3.74 -10.24 9.03
N GLN F 210 -4.86 -10.89 8.81
CA GLN F 210 -5.46 -10.99 7.48
C GLN F 210 -6.93 -10.64 7.45
N GLY F 211 -7.68 -10.99 8.48
CA GLY F 211 -9.13 -10.91 8.41
C GLY F 211 -9.64 -9.52 8.09
N ALA F 212 -10.93 -9.46 7.77
CA ALA F 212 -11.60 -8.20 7.58
C ALA F 212 -12.33 -7.82 8.86
N PRO F 213 -11.69 -7.09 9.76
CA PRO F 213 -12.42 -6.62 10.94
C PRO F 213 -13.63 -5.82 10.52
N GLY F 214 -14.47 -5.44 11.48
CA GLY F 214 -15.65 -4.68 11.14
C GLY F 214 -16.85 -5.52 10.81
N ALA F 215 -16.92 -6.74 11.32
CA ALA F 215 -18.16 -7.50 11.23
C ALA F 215 -19.28 -6.69 11.88
N PRO F 216 -20.45 -6.63 11.28
CA PRO F 216 -21.59 -6.01 11.96
C PRO F 216 -21.78 -6.46 13.39
N GLY F 217 -21.14 -7.57 13.77
CA GLY F 217 -21.23 -8.03 15.16
C GLY F 217 -22.65 -8.10 15.66
N SER F 218 -23.57 -8.56 14.81
CA SER F 218 -25.00 -8.48 15.07
C SER F 218 -25.50 -7.09 14.72
N GLN F 219 -26.56 -7.02 13.93
CA GLN F 219 -27.08 -5.80 13.34
C GLN F 219 -28.60 -5.78 13.41
N GLY F 220 -29.16 -6.34 14.48
CA GLY F 220 -30.60 -6.42 14.58
C GLY F 220 -31.17 -7.25 13.45
N ALA F 221 -32.18 -6.72 12.77
CA ALA F 221 -32.73 -7.42 11.61
C ALA F 221 -33.86 -6.62 10.96
N PRO F 222 -34.25 -6.96 9.74
CA PRO F 222 -35.38 -6.27 9.11
C PRO F 222 -36.67 -6.40 9.89
N GLY F 223 -36.88 -7.52 10.55
CA GLY F 223 -38.09 -7.67 11.33
C GLY F 223 -38.97 -8.79 10.81
N LEU F 224 -39.42 -9.64 11.73
CA LEU F 224 -40.27 -10.77 11.37
C LEU F 224 -41.63 -10.31 10.90
N GLN F 225 -42.30 -11.17 10.15
CA GLN F 225 -43.70 -10.95 9.78
C GLN F 225 -44.59 -11.39 10.92
N GLY F 226 -45.27 -10.44 11.54
CA GLY F 226 -46.11 -10.78 12.68
C GLY F 226 -47.26 -11.69 12.28
N ALA F 227 -47.64 -12.57 13.19
CA ALA F 227 -48.78 -13.42 12.97
C ALA F 227 -50.06 -12.58 13.00
N PRO F 228 -51.05 -12.94 12.19
CA PRO F 228 -52.29 -12.15 12.17
C PRO F 228 -53.26 -12.55 13.26
N GLY F 229 -54.45 -11.96 13.23
CA GLY F 229 -55.52 -12.35 14.14
C GLY F 229 -56.86 -12.23 13.44
N ALA F 230 -57.83 -12.96 13.97
CA ALA F 230 -59.16 -12.96 13.36
C ALA F 230 -59.76 -11.56 13.43
N PRO F 231 -59.90 -10.87 12.30
CA PRO F 231 -60.43 -9.50 12.28
C PRO F 231 -61.94 -9.42 12.36
N GLY F 232 -62.53 -10.16 13.29
CA GLY F 232 -63.94 -10.00 13.57
C GLY F 232 -64.13 -8.78 14.43
N SER F 233 -65.08 -8.83 15.37
CA SER F 233 -65.25 -7.74 16.31
C SER F 233 -66.34 -8.12 17.30
N GLN F 234 -66.33 -7.45 18.45
CA GLN F 234 -67.43 -7.56 19.39
C GLN F 234 -68.64 -6.80 18.85
N GLY F 235 -69.83 -7.24 19.26
CA GLY F 235 -71.04 -6.60 18.82
C GLY F 235 -72.30 -7.13 19.47
N ALA F 236 -73.36 -7.27 18.69
CA ALA F 236 -74.67 -7.70 19.20
C ALA F 236 -75.16 -8.87 18.36
N PRO F 237 -74.49 -10.01 18.43
CA PRO F 237 -74.96 -11.23 17.75
C PRO F 237 -76.08 -11.93 18.52
N GLY F 238 -77.05 -11.14 18.97
CA GLY F 238 -78.13 -11.67 19.78
C GLY F 238 -79.29 -12.15 18.92
N LEU F 239 -79.92 -13.24 19.36
CA LEU F 239 -81.08 -13.77 18.64
C LEU F 239 -82.18 -12.71 18.54
N GLN F 240 -82.26 -11.83 19.53
CA GLN F 240 -83.21 -10.72 19.45
C GLN F 240 -82.90 -9.86 18.24
N GLY F 241 -83.93 -9.56 17.45
CA GLY F 241 -83.74 -8.78 16.25
C GLY F 241 -84.50 -7.48 16.26
N ALA F 242 -85.19 -7.18 15.17
CA ALA F 242 -85.93 -5.93 15.07
C ALA F 242 -87.14 -5.97 15.99
N PRO F 243 -87.30 -5.03 16.92
CA PRO F 243 -88.41 -5.01 17.88
C PRO F 243 -89.77 -4.93 17.19
N GLN G 180 97.76 -5.55 24.94
CA GLN G 180 96.47 -6.02 24.43
C GLN G 180 95.44 -6.14 25.54
N GLY G 181 94.23 -6.57 25.19
CA GLY G 181 93.14 -6.74 26.13
C GLY G 181 92.12 -5.63 26.10
N ALA G 182 92.46 -4.48 25.55
CA ALA G 182 91.52 -3.37 25.39
C ALA G 182 91.55 -2.86 23.95
N PRO G 183 91.22 -3.73 22.99
CA PRO G 183 91.18 -3.33 21.58
C PRO G 183 89.81 -2.82 21.14
N GLY G 184 89.30 -1.84 21.88
CA GLY G 184 87.99 -1.29 21.58
C GLY G 184 87.06 -1.27 22.78
N ALA G 185 85.79 -1.56 22.55
CA ALA G 185 84.75 -1.51 23.59
C ALA G 185 83.99 -2.82 23.59
N PRO G 186 84.54 -3.86 24.23
CA PRO G 186 83.83 -5.14 24.31
C PRO G 186 82.76 -5.16 25.40
N GLY G 187 82.35 -3.98 25.87
CA GLY G 187 81.27 -3.92 26.82
C GLY G 187 79.93 -4.27 26.18
N SER G 188 79.45 -3.40 25.30
CA SER G 188 78.25 -3.67 24.52
C SER G 188 77.04 -3.95 25.42
N GLN G 189 76.04 -4.61 24.87
CA GLN G 189 74.80 -4.96 25.55
C GLN G 189 74.47 -6.44 25.42
N GLY G 190 74.76 -7.05 24.27
CA GLY G 190 74.68 -8.48 24.11
C GLY G 190 73.81 -8.96 22.97
N ALA G 191 72.65 -8.34 22.78
CA ALA G 191 71.77 -8.76 21.69
C ALA G 191 70.55 -7.86 21.60
N PRO G 192 69.94 -7.74 20.42
CA PRO G 192 68.81 -6.81 20.27
C PRO G 192 67.79 -7.02 21.38
N GLY G 193 67.45 -5.93 22.06
CA GLY G 193 66.64 -6.01 23.25
C GLY G 193 65.27 -6.59 22.98
N LEU G 194 64.45 -6.66 24.01
CA LEU G 194 63.19 -7.38 23.94
C LEU G 194 62.24 -6.66 22.99
N GLN G 195 61.04 -7.22 22.87
CA GLN G 195 60.05 -6.71 21.92
C GLN G 195 59.44 -5.41 22.42
N GLY G 196 59.23 -4.47 21.50
CA GLY G 196 58.53 -3.25 21.84
C GLY G 196 57.95 -2.53 20.65
N ALA G 197 56.65 -2.20 20.69
CA ALA G 197 56.01 -1.42 19.63
C ALA G 197 54.50 -1.42 19.74
N PRO G 198 53.83 -2.51 19.37
CA PRO G 198 52.39 -2.43 19.10
C PRO G 198 51.57 -2.20 20.36
N GLY G 199 50.35 -1.68 20.15
CA GLY G 199 49.43 -1.44 21.23
C GLY G 199 48.14 -2.22 21.08
N ALA G 200 47.06 -1.72 21.68
CA ALA G 200 45.78 -2.41 21.74
C ALA G 200 45.41 -3.00 20.38
N PRO G 201 45.06 -4.28 20.34
CA PRO G 201 44.73 -4.95 19.07
C PRO G 201 43.28 -4.75 18.63
N GLY G 202 42.78 -3.53 18.79
CA GLY G 202 41.42 -3.20 18.39
C GLY G 202 40.40 -4.24 18.79
N SER G 203 40.70 -4.97 19.86
CA SER G 203 39.96 -6.17 20.23
C SER G 203 38.71 -5.87 21.05
N GLN G 204 38.18 -4.66 20.95
CA GLN G 204 37.01 -4.25 21.71
C GLN G 204 35.96 -5.35 21.76
N GLY G 205 35.60 -5.75 22.99
CA GLY G 205 34.78 -6.95 23.15
C GLY G 205 33.57 -6.87 24.04
N ALA G 206 33.47 -5.84 24.87
CA ALA G 206 32.31 -5.72 25.73
C ALA G 206 31.06 -5.54 24.87
N PRO G 207 29.96 -6.20 25.20
CA PRO G 207 28.74 -6.01 24.40
C PRO G 207 28.30 -4.56 24.44
N GLY G 208 27.91 -4.04 23.27
CA GLY G 208 27.46 -2.68 23.17
C GLY G 208 26.38 -2.29 24.15
N LEU G 209 25.18 -2.83 23.98
CA LEU G 209 24.04 -2.51 24.83
C LEU G 209 23.30 -3.77 25.25
N GLN G 210 24.06 -4.83 25.49
CA GLN G 210 23.61 -5.97 26.26
C GLN G 210 22.30 -6.56 25.72
N GLY G 211 22.31 -6.85 24.43
CA GLY G 211 21.26 -7.59 23.77
C GLY G 211 19.84 -7.31 24.24
N ALA G 212 19.13 -8.36 24.68
CA ALA G 212 17.78 -8.28 25.20
C ALA G 212 16.74 -7.83 24.16
N PRO G 213 16.45 -8.65 23.14
CA PRO G 213 15.34 -8.31 22.23
C PRO G 213 14.02 -8.93 22.65
N GLY G 214 13.59 -8.68 23.88
CA GLY G 214 12.44 -9.36 24.47
C GLY G 214 11.25 -8.44 24.66
N ALA G 215 10.06 -8.93 24.31
CA ALA G 215 8.82 -8.17 24.44
C ALA G 215 7.78 -9.04 25.14
N PRO G 216 7.93 -9.25 26.44
CA PRO G 216 7.06 -10.19 27.15
C PRO G 216 5.68 -9.60 27.40
N GLY G 217 4.76 -10.48 27.78
CA GLY G 217 3.44 -10.07 28.23
C GLY G 217 2.73 -9.16 27.26
N SER G 218 2.61 -7.88 27.63
CA SER G 218 2.07 -6.87 26.74
C SER G 218 2.56 -7.09 25.31
N GLN G 219 3.87 -7.33 25.16
CA GLN G 219 4.44 -7.65 23.86
C GLN G 219 3.87 -6.67 22.85
N GLY G 220 2.94 -7.15 22.02
CA GLY G 220 2.14 -6.27 21.22
C GLY G 220 0.69 -6.62 21.42
N ALA G 221 -0.17 -5.63 21.61
CA ALA G 221 -1.62 -5.78 21.59
C ALA G 221 -2.10 -7.14 22.09
N PRO G 222 -1.87 -7.48 23.36
CA PRO G 222 -2.38 -8.77 23.87
C PRO G 222 -3.89 -8.86 23.78
N GLY G 223 -4.45 -9.98 24.22
CA GLY G 223 -5.87 -10.24 24.12
C GLY G 223 -6.72 -9.01 24.32
N LEU G 224 -7.71 -8.83 23.45
CA LEU G 224 -8.48 -7.59 23.41
C LEU G 224 -8.94 -7.17 24.80
N GLN G 225 -9.09 -5.87 24.98
CA GLN G 225 -9.69 -5.35 26.21
C GLN G 225 -11.18 -5.68 26.23
N GLY G 226 -11.85 -5.20 27.27
CA GLY G 226 -13.24 -5.55 27.49
C GLY G 226 -14.15 -5.50 26.28
N ALA G 227 -15.06 -6.46 26.20
CA ALA G 227 -16.09 -6.46 25.16
C ALA G 227 -17.31 -5.70 25.68
N PRO G 228 -17.46 -4.44 25.31
CA PRO G 228 -18.55 -3.63 25.85
C PRO G 228 -19.90 -4.31 25.70
N GLY G 229 -20.51 -4.68 26.82
CA GLY G 229 -21.77 -5.39 26.76
C GLY G 229 -22.83 -4.56 26.05
N ALA G 230 -23.69 -5.24 25.28
CA ALA G 230 -24.75 -4.58 24.54
C ALA G 230 -26.09 -4.96 25.14
N PRO G 231 -26.70 -4.11 25.94
CA PRO G 231 -28.06 -4.38 26.42
C PRO G 231 -29.07 -4.08 25.33
N GLY G 232 -30.35 -4.15 25.66
CA GLY G 232 -31.36 -3.71 24.73
C GLY G 232 -32.70 -4.33 25.04
N SER G 233 -33.69 -3.91 24.25
CA SER G 233 -35.06 -4.34 24.47
C SER G 233 -35.15 -5.85 24.56
N GLN G 234 -36.19 -6.32 25.23
CA GLN G 234 -36.47 -7.74 25.37
C GLN G 234 -37.81 -8.02 24.71
N GLY G 235 -38.32 -9.24 24.92
CA GLY G 235 -39.48 -9.71 24.20
C GLY G 235 -40.54 -8.65 23.96
N ALA G 236 -40.82 -8.39 22.69
CA ALA G 236 -41.78 -7.39 22.30
C ALA G 236 -43.18 -7.98 22.36
N PRO G 237 -43.94 -7.73 23.43
CA PRO G 237 -45.28 -8.29 23.54
C PRO G 237 -46.36 -7.51 22.81
N GLY G 238 -45.97 -6.56 21.97
CA GLY G 238 -46.89 -5.59 21.41
C GLY G 238 -48.26 -6.15 21.10
N LEU G 239 -49.30 -5.41 21.50
CA LEU G 239 -50.68 -5.87 21.38
C LEU G 239 -50.90 -7.10 22.25
N GLN G 240 -50.82 -6.90 23.55
CA GLN G 240 -50.96 -7.98 24.51
C GLN G 240 -52.40 -8.47 24.50
N GLY G 241 -52.74 -9.40 25.39
CA GLY G 241 -54.07 -9.98 25.43
C GLY G 241 -55.19 -8.96 25.44
N ALA G 242 -56.40 -9.44 25.19
CA ALA G 242 -57.58 -8.56 25.14
C ALA G 242 -58.23 -8.50 26.51
N PRO G 243 -58.40 -7.32 27.11
CA PRO G 243 -59.09 -7.25 28.40
C PRO G 243 -60.58 -7.49 28.28
N GLY G 244 -61.32 -7.27 29.36
CA GLY G 244 -62.72 -7.64 29.44
C GLY G 244 -63.54 -7.38 28.18
N ALA G 245 -63.57 -6.13 27.74
CA ALA G 245 -64.34 -5.78 26.56
C ALA G 245 -65.80 -6.17 26.75
N PRO G 246 -66.49 -5.58 27.71
CA PRO G 246 -67.90 -5.93 27.92
C PRO G 246 -68.78 -5.61 26.74
N GLY G 247 -68.32 -4.77 25.81
CA GLY G 247 -69.16 -4.30 24.73
C GLY G 247 -69.74 -5.43 23.91
N SER G 248 -71.04 -5.65 24.10
CA SER G 248 -71.84 -6.57 23.32
C SER G 248 -73.25 -6.02 23.16
N GLN G 249 -73.35 -4.69 23.09
CA GLN G 249 -74.64 -4.01 23.12
C GLN G 249 -75.59 -4.56 22.06
N GLY G 250 -76.67 -5.19 22.50
CA GLY G 250 -77.65 -5.75 21.59
C GLY G 250 -78.72 -4.75 21.21
N ALA G 251 -79.21 -4.00 22.19
CA ALA G 251 -80.23 -2.99 21.95
C ALA G 251 -80.51 -2.22 23.23
N PRO G 252 -81.23 -1.10 23.15
CA PRO G 252 -81.62 -0.40 24.38
C PRO G 252 -82.58 -1.25 25.21
N GLY G 253 -83.01 -0.74 26.35
CA GLY G 253 -83.94 -1.48 27.19
C GLY G 253 -85.16 -1.95 26.40
N LEU G 254 -85.43 -3.25 26.43
CA LEU G 254 -86.54 -3.82 25.68
C LEU G 254 -87.82 -3.82 26.51
N PRO H 183 95.21 -1.98 19.71
CA PRO H 183 93.78 -2.16 20.03
C PRO H 183 92.91 -2.11 18.79
N GLY H 184 92.57 -3.28 18.26
CA GLY H 184 91.84 -3.36 17.01
C GLY H 184 90.34 -3.24 17.15
N ALA H 185 89.61 -4.16 16.51
CA ALA H 185 88.16 -4.11 16.44
C ALA H 185 87.53 -3.99 17.83
N PRO H 186 86.89 -2.86 18.12
CA PRO H 186 86.21 -2.73 19.41
C PRO H 186 85.08 -3.74 19.54
N GLY H 187 84.82 -4.15 20.78
CA GLY H 187 83.74 -5.08 21.04
C GLY H 187 82.43 -4.58 20.47
N SER H 188 81.79 -5.40 19.63
CA SER H 188 80.54 -4.98 19.00
C SER H 188 79.51 -4.63 20.06
N GLN H 189 79.12 -3.36 20.13
CA GLN H 189 78.17 -2.93 21.13
C GLN H 189 76.86 -3.68 20.97
N GLY H 190 76.11 -3.76 22.07
CA GLY H 190 74.89 -4.52 22.11
C GLY H 190 73.65 -3.69 21.85
N ALA H 191 72.51 -4.33 22.02
CA ALA H 191 71.22 -3.71 21.75
C ALA H 191 71.01 -2.46 22.58
N PRO H 192 71.04 -1.28 21.97
CA PRO H 192 70.53 -0.10 22.66
C PRO H 192 69.07 -0.23 23.02
N GLY H 193 68.29 -0.94 22.21
CA GLY H 193 66.87 -1.12 22.46
C GLY H 193 66.56 -2.46 23.10
N LEU H 194 65.38 -2.52 23.72
CA LEU H 194 64.89 -3.72 24.38
C LEU H 194 63.37 -3.70 24.31
N GLN H 195 62.72 -4.47 25.18
CA GLN H 195 61.26 -4.61 25.18
C GLN H 195 60.56 -3.28 25.13
N GLY H 196 59.28 -3.28 24.76
CA GLY H 196 58.50 -2.06 24.66
C GLY H 196 57.00 -2.30 24.69
N ALA H 197 56.28 -1.57 23.86
CA ALA H 197 54.81 -1.63 23.88
C ALA H 197 54.33 -2.94 23.27
N PRO H 198 53.81 -3.88 24.06
CA PRO H 198 53.40 -5.17 23.49
C PRO H 198 52.11 -5.03 22.68
N GLY H 199 52.14 -5.53 21.45
CA GLY H 199 50.95 -5.52 20.64
C GLY H 199 49.92 -6.50 21.15
N ALA H 200 48.67 -6.23 20.79
CA ALA H 200 47.56 -7.06 21.24
C ALA H 200 47.38 -7.02 22.76
N PRO H 201 47.30 -5.82 23.36
CA PRO H 201 47.02 -5.74 24.80
C PRO H 201 45.54 -5.86 25.13
N GLY H 202 44.74 -6.31 24.19
CA GLY H 202 43.31 -6.38 24.41
C GLY H 202 42.64 -5.03 24.38
N SER H 203 42.57 -4.42 23.19
CA SER H 203 42.01 -3.08 23.08
C SER H 203 40.70 -2.96 23.85
N GLN H 204 39.82 -3.95 23.68
CA GLN H 204 38.59 -4.01 24.47
C GLN H 204 37.67 -2.85 24.14
N GLY H 205 36.37 -3.04 24.31
CA GLY H 205 35.40 -2.05 23.91
C GLY H 205 34.02 -2.68 23.80
N ALA H 206 33.14 -1.98 23.08
CA ALA H 206 31.74 -2.40 23.01
C ALA H 206 31.38 -2.88 21.61
N PRO H 207 31.86 -4.05 21.20
CA PRO H 207 31.47 -4.58 19.89
C PRO H 207 30.00 -4.92 19.86
N GLY H 208 29.43 -4.88 18.66
CA GLY H 208 28.05 -5.24 18.46
C GLY H 208 27.12 -4.58 19.46
N LEU H 209 27.01 -3.25 19.39
CA LEU H 209 26.09 -2.53 20.27
C LEU H 209 24.72 -3.18 20.20
N GLN H 210 23.89 -2.96 21.22
CA GLN H 210 22.66 -3.72 21.35
C GLN H 210 21.56 -2.79 21.83
N GLY H 211 20.45 -3.36 22.28
CA GLY H 211 19.32 -2.60 22.75
C GLY H 211 18.43 -3.43 23.64
N ALA H 212 18.12 -2.90 24.82
CA ALA H 212 17.40 -3.64 25.84
C ALA H 212 16.04 -4.11 25.32
N PRO H 213 15.34 -4.96 26.06
CA PRO H 213 14.06 -5.48 25.58
C PRO H 213 12.93 -4.48 25.83
N GLY H 214 11.71 -4.91 25.55
CA GLY H 214 10.55 -4.08 25.79
C GLY H 214 9.33 -4.70 25.14
N ALA H 215 8.18 -4.25 25.58
CA ALA H 215 6.93 -4.74 25.01
C ALA H 215 5.80 -3.77 25.28
N PRO H 216 5.55 -2.80 24.39
CA PRO H 216 4.43 -1.87 24.56
C PRO H 216 3.07 -2.42 24.15
N GLY H 217 2.94 -3.74 23.95
CA GLY H 217 1.69 -4.30 23.47
C GLY H 217 0.52 -4.12 24.42
N SER H 218 0.78 -3.76 25.67
CA SER H 218 -0.20 -3.81 26.74
C SER H 218 -1.57 -3.30 26.30
N GLN H 219 -2.63 -3.88 26.87
CA GLN H 219 -4.00 -3.56 26.48
C GLN H 219 -4.19 -2.08 26.18
N GLY H 220 -4.81 -1.80 25.04
CA GLY H 220 -5.06 -0.43 24.62
C GLY H 220 -6.50 0.01 24.83
N ALA H 221 -7.20 0.32 23.75
CA ALA H 221 -8.56 0.82 23.82
C ALA H 221 -9.55 -0.25 23.38
N PRO H 222 -10.39 -0.77 24.28
CA PRO H 222 -11.41 -1.75 23.86
C PRO H 222 -12.56 -1.10 23.10
N GLY H 223 -13.56 -1.90 22.75
CA GLY H 223 -14.69 -1.37 22.02
C GLY H 223 -15.50 -0.38 22.85
N LEU H 224 -16.15 0.56 22.15
CA LEU H 224 -17.00 1.52 22.80
C LEU H 224 -18.25 0.82 23.35
N GLN H 225 -18.96 1.53 24.24
CA GLN H 225 -20.08 0.96 24.97
C GLN H 225 -20.90 0.01 24.11
N GLY H 226 -21.14 -1.19 24.65
CA GLY H 226 -21.86 -2.19 23.88
C GLY H 226 -23.27 -1.73 23.57
N ALA H 227 -23.80 -2.24 22.46
CA ALA H 227 -25.09 -1.81 21.95
C ALA H 227 -26.13 -1.78 23.05
N PRO H 228 -26.54 -0.60 23.51
CA PRO H 228 -27.54 -0.52 24.59
C PRO H 228 -28.95 -0.75 24.07
N GLY H 229 -29.92 -0.56 24.95
CA GLY H 229 -31.31 -0.68 24.54
C GLY H 229 -32.24 -0.49 25.71
N ALA H 230 -33.49 -0.88 25.52
CA ALA H 230 -34.53 -0.77 26.54
C ALA H 230 -35.20 -2.14 26.69
N PRO H 231 -34.52 -3.08 27.35
CA PRO H 231 -35.11 -4.40 27.55
C PRO H 231 -36.42 -4.31 28.32
N GLY H 232 -37.32 -5.25 28.02
CA GLY H 232 -38.57 -5.33 28.75
C GLY H 232 -39.77 -5.60 27.86
N SER H 233 -40.94 -5.11 28.28
CA SER H 233 -42.18 -5.31 27.55
C SER H 233 -42.13 -4.43 26.30
N GLN H 234 -41.43 -4.94 25.29
CA GLN H 234 -41.22 -4.21 24.05
C GLN H 234 -42.51 -4.21 23.23
N GLY H 235 -43.59 -3.71 23.81
CA GLY H 235 -44.89 -3.82 23.16
C GLY H 235 -45.78 -2.61 23.34
N ALA H 236 -47.08 -2.81 23.15
CA ALA H 236 -48.06 -1.73 23.19
C ALA H 236 -49.37 -2.28 23.72
N PRO H 237 -50.40 -1.44 23.89
CA PRO H 237 -51.69 -1.93 24.43
C PRO H 237 -52.13 -3.22 23.77
N GLY H 238 -52.94 -4.00 24.48
CA GLY H 238 -53.25 -5.35 24.05
C GLY H 238 -54.38 -5.46 23.05
N LEU H 239 -55.31 -6.37 23.30
CA LEU H 239 -56.40 -6.69 22.39
C LEU H 239 -57.72 -6.19 22.96
N GLN H 240 -58.81 -6.58 22.31
CA GLN H 240 -60.15 -6.10 22.66
C GLN H 240 -60.32 -6.00 24.17
N GLY H 241 -60.64 -4.80 24.63
CA GLY H 241 -60.83 -4.54 26.04
C GLY H 241 -62.09 -3.74 26.29
N ALA H 242 -62.25 -3.25 27.53
CA ALA H 242 -63.44 -2.50 27.89
C ALA H 242 -63.72 -1.44 26.84
N PRO H 243 -64.78 -1.60 26.05
CA PRO H 243 -65.05 -0.62 25.00
C PRO H 243 -65.23 0.79 25.55
N GLY H 244 -64.30 1.68 25.25
CA GLY H 244 -64.37 3.04 25.73
C GLY H 244 -64.77 3.07 27.20
N ALA H 245 -65.96 3.61 27.46
CA ALA H 245 -66.59 3.49 28.76
C ALA H 245 -67.75 2.50 28.64
N PRO H 246 -67.47 1.19 28.73
CA PRO H 246 -68.54 0.20 28.51
C PRO H 246 -69.68 0.38 29.49
N GLY H 247 -70.89 0.10 29.02
CA GLY H 247 -72.08 0.24 29.83
C GLY H 247 -73.07 -0.89 29.65
N SER H 248 -74.36 -0.55 29.60
CA SER H 248 -75.43 -1.54 29.47
C SER H 248 -75.49 -2.03 28.03
N GLN H 249 -74.48 -2.80 27.65
CA GLN H 249 -74.45 -3.37 26.30
C GLN H 249 -75.64 -4.29 26.06
N GLY H 250 -75.73 -5.37 26.82
CA GLY H 250 -76.86 -6.27 26.67
C GLY H 250 -78.18 -5.52 26.79
N ALA H 251 -79.15 -5.94 25.97
CA ALA H 251 -80.45 -5.28 25.93
C ALA H 251 -80.96 -5.07 27.36
N PRO H 252 -81.00 -3.83 27.84
CA PRO H 252 -81.44 -3.59 29.21
C PRO H 252 -82.84 -4.14 29.44
N GLY H 253 -83.04 -4.70 30.63
CA GLY H 253 -84.33 -5.29 30.97
C GLY H 253 -84.50 -6.69 30.40
N PRO I 183 96.38 -3.90 21.48
CA PRO I 183 95.45 -4.99 21.76
C PRO I 183 95.01 -5.73 20.50
N GLY I 184 94.09 -6.68 20.68
CA GLY I 184 93.59 -7.47 19.56
C GLY I 184 92.35 -6.87 18.94
N ALA I 185 91.21 -7.56 19.04
CA ALA I 185 89.98 -7.05 18.45
C ALA I 185 88.75 -7.70 19.07
N PRO I 186 88.19 -7.14 20.15
CA PRO I 186 86.90 -7.64 20.64
C PRO I 186 85.87 -7.68 19.52
N GLY I 187 85.49 -8.89 19.11
CA GLY I 187 84.68 -9.05 17.92
C GLY I 187 83.26 -8.53 18.05
N SER I 188 82.45 -9.20 18.86
CA SER I 188 81.05 -8.81 19.02
C SER I 188 80.64 -9.12 20.45
N GLN I 189 80.74 -8.11 21.32
CA GLN I 189 80.31 -8.24 22.70
C GLN I 189 78.88 -7.80 22.90
N GLY I 190 78.19 -7.41 21.84
CA GLY I 190 76.79 -7.03 21.95
C GLY I 190 76.16 -6.94 20.58
N ALA I 191 74.84 -7.07 20.56
CA ALA I 191 74.05 -6.98 19.33
C ALA I 191 73.07 -5.82 19.46
N PRO I 192 73.36 -4.67 18.87
CA PRO I 192 72.43 -3.54 18.99
C PRO I 192 71.09 -3.85 18.36
N GLY I 193 70.04 -3.27 18.92
CA GLY I 193 68.69 -3.41 18.41
C GLY I 193 67.73 -3.81 19.52
N LEU I 194 66.61 -4.37 19.12
CA LEU I 194 65.60 -4.89 20.03
C LEU I 194 64.59 -5.67 19.20
N GLN I 195 63.51 -6.09 19.83
CA GLN I 195 62.41 -6.75 19.15
C GLN I 195 61.15 -5.91 19.26
N GLY I 196 60.15 -6.25 18.45
CA GLY I 196 58.87 -5.58 18.45
C GLY I 196 57.76 -6.50 18.90
N ALA I 197 56.56 -5.92 18.99
CA ALA I 197 55.36 -6.62 19.44
C ALA I 197 55.62 -7.41 20.72
N PRO I 198 55.94 -6.72 21.81
CA PRO I 198 56.12 -7.42 23.10
C PRO I 198 54.92 -8.29 23.40
N GLY I 199 55.05 -9.17 24.37
CA GLY I 199 54.00 -10.11 24.71
C GLY I 199 52.63 -9.47 24.71
N ALA I 200 51.74 -9.96 23.84
CA ALA I 200 50.41 -9.39 23.69
C ALA I 200 49.81 -9.12 25.06
N PRO I 201 49.57 -7.87 25.40
CA PRO I 201 49.14 -7.53 26.75
C PRO I 201 47.69 -7.87 27.04
N GLY I 202 47.08 -8.74 26.22
CA GLY I 202 45.72 -9.18 26.50
C GLY I 202 44.73 -9.03 25.38
N SER I 203 45.18 -9.12 24.13
CA SER I 203 44.33 -8.91 22.97
C SER I 203 42.98 -9.58 23.15
N GLN I 204 41.92 -8.78 23.11
CA GLN I 204 40.56 -9.26 23.27
C GLN I 204 40.05 -9.83 21.96
N GLY I 205 38.77 -10.21 21.91
CA GLY I 205 38.20 -10.79 20.72
C GLY I 205 36.79 -10.33 20.42
N ALA I 206 36.47 -9.10 20.80
CA ALA I 206 35.12 -8.55 20.64
C ALA I 206 34.06 -9.50 21.20
N PRO I 207 34.12 -9.82 22.49
CA PRO I 207 33.09 -10.68 23.10
C PRO I 207 31.67 -10.29 22.75
N GLY I 208 30.74 -11.22 22.97
CA GLY I 208 29.37 -11.11 22.51
C GLY I 208 28.55 -10.00 23.12
N LEU I 209 27.24 -10.13 23.05
CA LEU I 209 26.29 -9.20 23.62
C LEU I 209 25.51 -9.88 24.73
N GLN I 210 24.59 -9.13 25.35
CA GLN I 210 23.64 -9.70 26.29
C GLN I 210 22.29 -9.94 25.61
N GLY I 211 22.30 -10.82 24.62
CA GLY I 211 21.08 -11.18 23.91
C GLY I 211 21.04 -10.67 22.49
N ALA I 212 20.14 -9.72 22.22
CA ALA I 212 20.08 -9.04 20.94
C ALA I 212 19.35 -7.73 21.11
N PRO I 213 19.75 -6.68 20.43
CA PRO I 213 19.06 -5.39 20.55
C PRO I 213 17.63 -5.43 20.04
N GLY I 214 16.99 -4.26 19.98
CA GLY I 214 15.64 -4.19 19.46
C GLY I 214 14.56 -4.51 20.47
N ALA I 215 14.41 -3.67 21.48
CA ALA I 215 13.32 -3.80 22.43
C ALA I 215 12.02 -4.03 21.67
N PRO I 216 11.48 -5.23 21.73
CA PRO I 216 10.28 -5.55 20.95
C PRO I 216 8.99 -5.02 21.57
N GLY I 217 7.87 -5.48 21.06
CA GLY I 217 6.57 -5.06 21.54
C GLY I 217 6.00 -3.98 20.65
N SER I 218 4.67 -3.98 20.51
CA SER I 218 4.04 -3.15 19.51
C SER I 218 3.24 -1.99 20.11
N GLN I 219 2.16 -2.26 20.83
CA GLN I 219 1.32 -1.17 21.32
C GLN I 219 0.07 -1.67 22.02
N GLY I 220 -0.71 -0.73 22.57
CA GLY I 220 -1.95 -1.04 23.24
C GLY I 220 -2.73 -2.17 22.62
N ALA I 221 -3.06 -3.17 23.44
CA ALA I 221 -3.74 -4.35 22.95
C ALA I 221 -5.12 -4.02 22.42
N PRO I 222 -5.64 -4.84 21.51
CA PRO I 222 -6.97 -4.60 20.97
C PRO I 222 -8.02 -4.65 22.06
N GLY I 223 -9.23 -4.22 21.72
CA GLY I 223 -10.32 -4.26 22.66
C GLY I 223 -11.49 -5.10 22.19
N LEU I 224 -11.99 -5.98 23.04
CA LEU I 224 -13.14 -6.80 22.66
C LEU I 224 -14.29 -5.90 22.23
N GLN I 225 -14.92 -6.28 21.12
CA GLN I 225 -16.00 -5.49 20.57
C GLN I 225 -17.16 -5.38 21.57
N GLY I 226 -18.10 -4.49 21.24
CA GLY I 226 -19.29 -4.36 22.05
C GLY I 226 -20.04 -5.66 22.14
N ALA I 227 -19.98 -6.32 23.29
CA ALA I 227 -20.68 -7.57 23.49
C ALA I 227 -22.17 -7.35 23.22
N PRO I 228 -22.68 -7.84 22.09
CA PRO I 228 -24.08 -7.57 21.75
C PRO I 228 -25.04 -8.29 22.70
N GLY I 229 -26.24 -7.71 22.81
CA GLY I 229 -27.31 -8.31 23.58
C GLY I 229 -28.60 -8.30 22.81
N ALA I 230 -29.64 -7.69 23.37
CA ALA I 230 -30.89 -7.56 22.63
C ALA I 230 -31.25 -6.09 22.46
N PRO I 231 -30.32 -5.25 21.97
CA PRO I 231 -30.59 -3.81 21.88
C PRO I 231 -31.97 -3.49 21.31
N GLY I 232 -32.55 -2.40 21.78
CA GLY I 232 -33.89 -2.00 21.38
C GLY I 232 -34.54 -1.17 22.45
N SER I 233 -35.87 -1.14 22.42
CA SER I 233 -36.65 -0.44 23.44
C SER I 233 -38.00 -1.13 23.55
N GLN I 234 -38.93 -0.46 24.24
CA GLN I 234 -40.29 -0.95 24.42
C GLN I 234 -41.25 0.20 24.19
N GLY I 235 -42.48 -0.14 23.81
CA GLY I 235 -43.49 0.87 23.55
C GLY I 235 -44.33 1.17 24.78
N ALA I 236 -45.63 0.97 24.68
CA ALA I 236 -46.55 1.15 25.79
C ALA I 236 -47.42 -0.10 25.94
N PRO I 237 -46.80 -1.23 26.25
CA PRO I 237 -47.54 -2.49 26.24
C PRO I 237 -48.58 -2.59 27.34
N GLY I 238 -49.85 -2.49 26.96
CA GLY I 238 -50.96 -2.76 27.84
C GLY I 238 -51.84 -3.86 27.29
N LEU I 239 -52.94 -4.11 27.98
CA LEU I 239 -53.89 -5.13 27.55
C LEU I 239 -55.05 -4.56 26.77
N GLN I 240 -55.55 -3.39 27.18
CA GLN I 240 -56.66 -2.73 26.48
C GLN I 240 -56.14 -2.03 25.22
N GLY I 241 -55.49 -2.82 24.37
CA GLY I 241 -55.06 -2.31 23.08
C GLY I 241 -56.14 -2.30 22.04
N ALA I 242 -57.23 -3.03 22.27
CA ALA I 242 -58.37 -2.98 21.38
C ALA I 242 -59.67 -2.87 22.17
N PRO I 243 -59.75 -1.99 23.18
CA PRO I 243 -61.02 -1.80 23.87
C PRO I 243 -62.08 -1.38 22.86
N GLY I 244 -63.27 -1.96 23.00
CA GLY I 244 -64.33 -1.69 22.05
C GLY I 244 -64.59 -0.20 21.93
N ALA I 245 -65.48 0.13 21.00
CA ALA I 245 -65.88 1.52 20.80
C ALA I 245 -66.25 2.12 22.15
N PRO I 246 -66.19 3.44 22.32
CA PRO I 246 -66.53 4.03 23.61
C PRO I 246 -67.85 3.48 24.12
N GLY I 247 -67.80 2.72 25.21
CA GLY I 247 -68.94 1.97 25.66
C GLY I 247 -70.21 2.80 25.70
N SER I 248 -70.31 3.71 26.66
CA SER I 248 -71.47 4.59 26.77
C SER I 248 -72.76 3.83 26.51
N GLN I 249 -72.82 2.57 26.97
CA GLN I 249 -73.97 1.71 26.69
C GLN I 249 -75.11 2.02 27.65
N GLY I 250 -75.52 3.29 27.63
CA GLY I 250 -76.68 3.71 28.38
C GLY I 250 -77.94 3.43 27.61
N ALA I 251 -78.09 2.19 27.15
CA ALA I 251 -79.21 1.78 26.34
C ALA I 251 -80.52 2.21 27.00
N PRO I 252 -81.31 3.07 26.37
CA PRO I 252 -82.53 3.56 27.03
C PRO I 252 -83.45 2.41 27.41
N GLY I 253 -84.06 2.53 28.59
CA GLY I 253 -84.94 1.51 29.10
C GLY I 253 -86.27 1.45 28.36
N SER J 188 81.35 -4.81 -6.67
CA SER J 188 81.46 -4.55 -5.24
C SER J 188 82.67 -3.67 -4.95
N GLN J 189 82.82 -3.28 -3.68
CA GLN J 189 83.95 -2.48 -3.25
C GLN J 189 84.16 -2.75 -1.77
N GLY J 190 85.15 -3.60 -1.46
CA GLY J 190 85.35 -4.07 -0.11
C GLY J 190 85.49 -3.00 0.95
N ALA J 191 84.73 -3.12 2.02
CA ALA J 191 84.75 -2.15 3.11
C ALA J 191 83.93 -2.67 4.28
N PRO J 192 83.95 -1.99 5.42
CA PRO J 192 83.09 -2.40 6.54
C PRO J 192 81.62 -2.41 6.13
N GLY J 193 80.88 -3.37 6.67
CA GLY J 193 79.51 -3.58 6.23
C GLY J 193 78.59 -2.44 6.58
N LEU J 194 77.47 -2.38 5.86
CA LEU J 194 76.43 -1.39 6.10
C LEU J 194 75.08 -2.01 5.76
N GLN J 195 74.02 -1.44 6.32
CA GLN J 195 72.70 -2.04 6.27
C GLN J 195 71.72 -1.14 5.53
N GLY J 196 70.62 -1.74 5.09
CA GLY J 196 69.51 -1.02 4.49
C GLY J 196 68.29 -0.98 5.38
N ALA J 197 67.26 -1.77 5.05
CA ALA J 197 66.05 -1.81 5.89
C ALA J 197 65.14 -2.97 5.50
N PRO J 198 64.64 -3.72 6.47
CA PRO J 198 63.66 -4.76 6.17
C PRO J 198 62.38 -4.16 5.59
N GLY J 199 61.77 -4.89 4.65
CA GLY J 199 60.58 -4.41 3.98
C GLY J 199 59.28 -4.72 4.70
N ALA J 200 59.17 -4.27 5.96
CA ALA J 200 57.91 -4.34 6.70
C ALA J 200 57.50 -2.95 7.19
N PRO J 201 57.59 -1.92 6.34
CA PRO J 201 57.25 -0.57 6.80
C PRO J 201 55.84 -0.15 6.43
N GLY J 202 55.16 -0.98 5.64
CA GLY J 202 53.88 -0.61 5.07
C GLY J 202 52.89 -0.02 6.05
N SER J 203 52.40 -0.83 6.97
CA SER J 203 51.46 -0.45 8.02
C SER J 203 50.02 -0.35 7.53
N GLN J 204 49.72 -0.76 6.30
CA GLN J 204 48.34 -0.75 5.82
C GLN J 204 48.30 -1.34 4.42
N GLY J 205 47.08 -1.65 3.97
CA GLY J 205 46.86 -2.21 2.64
C GLY J 205 45.46 -1.85 2.17
N ALA J 206 45.14 -2.29 0.96
CA ALA J 206 43.89 -1.96 0.30
C ALA J 206 43.21 -3.22 -0.23
N PRO J 207 42.71 -4.07 0.68
CA PRO J 207 41.92 -5.22 0.22
C PRO J 207 40.70 -4.83 -0.61
N GLY J 208 40.04 -3.75 -0.26
CA GLY J 208 38.86 -3.30 -0.95
C GLY J 208 37.83 -2.77 0.02
N LEU J 209 36.58 -2.66 -0.43
CA LEU J 209 35.51 -2.11 0.37
C LEU J 209 34.24 -2.94 0.19
N GLN J 210 33.30 -2.76 1.11
CA GLN J 210 32.04 -3.48 1.10
C GLN J 210 30.92 -2.51 1.45
N GLY J 211 29.75 -3.05 1.76
CA GLY J 211 28.59 -2.27 2.16
C GLY J 211 28.38 -2.29 3.66
N ALA J 212 27.13 -2.04 4.05
CA ALA J 212 26.73 -2.02 5.45
C ALA J 212 25.50 -2.89 5.65
N PRO J 213 25.31 -3.41 6.86
CA PRO J 213 24.20 -4.35 7.10
C PRO J 213 22.86 -3.74 6.72
N GLY J 214 21.97 -4.58 6.19
CA GLY J 214 20.68 -4.14 5.71
C GLY J 214 19.68 -3.73 6.77
N ALA J 215 18.40 -3.73 6.41
CA ALA J 215 17.33 -3.36 7.31
C ALA J 215 16.59 -4.62 7.72
N PRO J 216 17.09 -5.34 8.72
CA PRO J 216 16.54 -6.66 9.04
C PRO J 216 15.03 -6.63 9.21
N GLY J 217 14.36 -7.60 8.58
CA GLY J 217 12.93 -7.75 8.71
C GLY J 217 12.19 -6.44 8.73
N SER J 218 12.61 -5.50 7.88
CA SER J 218 12.01 -4.17 7.88
C SER J 218 10.63 -4.22 7.26
N GLN J 219 9.68 -4.85 7.96
CA GLN J 219 8.30 -4.87 7.55
C GLN J 219 7.84 -3.46 7.19
N GLY J 220 7.24 -3.31 6.01
CA GLY J 220 7.05 -2.00 5.43
C GLY J 220 5.66 -1.38 5.46
N ALA J 221 5.17 -1.00 4.29
CA ALA J 221 3.90 -0.28 4.17
C ALA J 221 2.96 -0.99 3.20
N PRO J 222 1.67 -1.07 3.54
CA PRO J 222 0.70 -1.70 2.64
C PRO J 222 0.15 -0.76 1.58
N GLY J 223 -0.83 -1.24 0.83
CA GLY J 223 -1.57 -0.42 -0.11
C GLY J 223 -2.75 0.27 0.52
N LEU J 224 -3.71 0.66 -0.32
CA LEU J 224 -4.94 1.30 0.14
C LEU J 224 -6.14 0.62 -0.48
N GLN J 225 -7.23 0.57 0.27
CA GLN J 225 -8.41 -0.14 -0.20
C GLN J 225 -9.05 0.59 -1.38
N GLY J 226 -9.94 -0.12 -2.06
CA GLY J 226 -10.68 0.42 -3.17
C GLY J 226 -12.08 0.82 -2.75
N ALA J 227 -13.03 -0.07 -2.98
CA ALA J 227 -14.44 0.20 -2.77
C ALA J 227 -14.69 0.86 -1.41
N PRO J 228 -15.06 2.13 -1.37
CA PRO J 228 -15.64 2.68 -0.14
C PRO J 228 -17.10 2.27 -0.08
N GLY J 229 -17.43 1.32 0.77
CA GLY J 229 -18.73 0.66 0.70
C GLY J 229 -19.45 0.62 2.02
N ALA J 230 -20.74 0.92 1.97
CA ALA J 230 -21.56 0.94 3.17
C ALA J 230 -21.93 -0.47 3.60
N PRO J 231 -22.29 -0.66 4.86
CA PRO J 231 -22.94 -1.91 5.27
C PRO J 231 -24.28 -2.05 4.56
N GLY J 232 -24.54 -3.24 4.05
CA GLY J 232 -25.73 -3.48 3.25
C GLY J 232 -26.92 -4.03 4.01
N SER J 233 -27.45 -3.24 4.94
CA SER J 233 -28.67 -3.59 5.66
C SER J 233 -29.87 -2.79 5.17
N GLN J 234 -29.76 -2.16 4.00
CA GLN J 234 -30.82 -1.28 3.52
C GLN J 234 -32.13 -2.03 3.38
N GLY J 235 -33.20 -1.44 3.90
CA GLY J 235 -34.53 -2.03 3.84
C GLY J 235 -35.38 -1.37 2.77
N ALA J 236 -36.20 -2.17 2.09
CA ALA J 236 -36.97 -1.73 0.94
C ALA J 236 -38.45 -2.02 1.17
N PRO J 237 -39.06 -1.36 2.16
CA PRO J 237 -40.46 -1.61 2.47
C PRO J 237 -41.37 -1.01 1.40
N GLY J 238 -42.25 -1.84 0.86
CA GLY J 238 -43.28 -1.38 -0.06
C GLY J 238 -44.61 -2.08 0.09
N LEU J 239 -44.70 -3.03 1.02
CA LEU J 239 -45.85 -3.91 1.10
C LEU J 239 -46.95 -3.26 1.92
N GLN J 240 -48.19 -3.59 1.58
CA GLN J 240 -49.37 -3.05 2.25
C GLN J 240 -49.94 -4.09 3.22
N GLY J 241 -50.14 -3.69 4.46
CA GLY J 241 -50.82 -4.50 5.43
C GLY J 241 -52.25 -4.05 5.62
N ALA J 242 -52.49 -3.27 6.68
CA ALA J 242 -53.81 -2.71 6.95
C ALA J 242 -53.79 -1.22 6.64
N PRO J 243 -54.42 -0.76 5.55
CA PRO J 243 -54.53 0.69 5.30
C PRO J 243 -55.75 1.29 5.98
N GLY J 244 -55.75 1.27 7.31
CA GLY J 244 -56.86 1.79 8.08
C GLY J 244 -58.04 0.84 8.12
N ALA J 245 -59.11 1.19 7.39
CA ALA J 245 -60.29 0.32 7.37
C ALA J 245 -59.99 -1.07 6.87
N PRO J 246 -59.27 -1.26 5.76
CA PRO J 246 -59.03 -2.62 5.28
C PRO J 246 -58.40 -3.50 6.34
N GLY J 247 -58.87 -4.74 6.43
CA GLY J 247 -58.47 -5.64 7.48
C GLY J 247 -59.66 -6.21 8.21
N SER J 248 -60.73 -5.43 8.32
CA SER J 248 -61.95 -5.86 8.99
C SER J 248 -62.95 -6.39 7.95
N GLN J 249 -62.60 -7.53 7.39
CA GLN J 249 -63.41 -8.15 6.35
C GLN J 249 -64.33 -9.20 6.97
N GLY J 250 -64.99 -9.98 6.13
CA GLY J 250 -65.95 -10.97 6.60
C GLY J 250 -67.35 -10.35 6.80
N ALA J 251 -67.75 -10.18 8.04
CA ALA J 251 -69.03 -9.57 8.39
C ALA J 251 -68.85 -8.50 9.45
N PRO J 252 -68.08 -7.45 9.14
CA PRO J 252 -67.96 -6.33 10.09
C PRO J 252 -69.27 -5.64 10.38
N GLY J 253 -70.33 -5.94 9.62
CA GLY J 253 -71.66 -5.47 9.92
C GLY J 253 -72.68 -6.58 9.80
N LEU J 254 -73.97 -6.23 9.81
CA LEU J 254 -75.01 -7.25 9.69
C LEU J 254 -74.94 -7.95 8.33
N GLN J 255 -74.71 -7.18 7.27
CA GLN J 255 -74.65 -7.74 5.92
C GLN J 255 -75.94 -8.47 5.57
N GLY J 256 -75.96 -9.79 5.75
CA GLY J 256 -77.13 -10.56 5.37
C GLY J 256 -78.38 -10.15 6.10
N ALA J 257 -78.24 -9.71 7.34
CA ALA J 257 -79.38 -9.27 8.14
C ALA J 257 -80.22 -8.26 7.37
N PRO J 258 -81.47 -8.60 7.02
CA PRO J 258 -82.35 -7.56 6.46
C PRO J 258 -82.49 -6.38 7.40
N GLY J 259 -82.55 -6.63 8.70
CA GLY J 259 -82.60 -5.57 9.69
C GLY J 259 -82.02 -6.05 10.99
N ALA J 260 -82.68 -5.74 12.09
CA ALA J 260 -82.25 -6.24 13.39
C ALA J 260 -82.60 -7.71 13.52
N SER K 188 87.37 -3.12 -3.60
CA SER K 188 86.53 -3.98 -4.43
C SER K 188 87.12 -5.39 -4.49
N GLN K 189 87.18 -6.05 -3.34
CA GLN K 189 87.78 -7.37 -3.23
C GLN K 189 86.72 -8.46 -3.07
N GLY K 190 85.90 -8.39 -2.03
CA GLY K 190 84.89 -9.41 -1.81
C GLY K 190 83.46 -8.91 -1.88
N ALA K 191 83.24 -7.66 -1.48
CA ALA K 191 81.89 -7.09 -1.54
C ALA K 191 81.90 -5.67 -0.99
N PRO K 192 80.86 -4.86 -1.28
CA PRO K 192 80.84 -3.46 -0.87
C PRO K 192 80.23 -3.23 0.52
N GLY K 193 80.70 -4.00 1.50
CA GLY K 193 80.19 -3.83 2.86
C GLY K 193 78.70 -4.03 2.99
N LEU K 194 78.10 -4.83 2.13
CA LEU K 194 76.67 -5.12 2.25
C LEU K 194 76.26 -6.30 1.39
N GLN K 195 75.64 -7.29 2.01
CA GLN K 195 74.92 -8.33 1.26
C GLN K 195 73.44 -8.28 1.56
N GLY K 196 73.04 -8.41 2.83
CA GLY K 196 71.69 -8.11 3.27
C GLY K 196 70.60 -8.47 2.28
N ALA K 197 69.81 -7.48 1.91
CA ALA K 197 68.76 -7.64 0.91
C ALA K 197 67.91 -8.89 1.21
N PRO K 198 67.31 -8.97 2.39
CA PRO K 198 66.57 -10.18 2.75
C PRO K 198 65.33 -10.36 1.92
N GLY K 199 65.50 -10.56 0.62
CA GLY K 199 64.36 -10.78 -0.26
C GLY K 199 63.32 -9.70 -0.15
N ALA K 200 63.74 -8.44 -0.06
CA ALA K 200 62.81 -7.40 0.33
C ALA K 200 62.14 -7.84 1.62
N PRO K 201 62.86 -7.78 2.76
CA PRO K 201 62.38 -8.40 4.00
C PRO K 201 60.87 -8.26 4.20
N GLY K 202 60.26 -9.30 4.76
CA GLY K 202 58.81 -9.45 4.79
C GLY K 202 58.00 -8.19 4.99
N SER K 203 56.94 -8.05 4.21
CA SER K 203 55.95 -7.01 4.40
C SER K 203 54.63 -7.64 4.84
N GLN K 204 53.86 -6.88 5.61
CA GLN K 204 52.66 -7.43 6.23
C GLN K 204 51.59 -7.71 5.20
N GLY K 205 50.73 -8.68 5.53
CA GLY K 205 49.57 -8.96 4.72
C GLY K 205 48.48 -7.94 4.95
N ALA K 206 47.38 -8.09 4.21
CA ALA K 206 46.32 -7.09 4.23
C ALA K 206 45.14 -7.54 5.07
N PRO K 207 45.09 -7.15 6.35
CA PRO K 207 43.88 -7.40 7.15
C PRO K 207 42.73 -6.48 6.75
N GLY K 208 41.67 -6.49 7.54
CA GLY K 208 40.60 -5.53 7.37
C GLY K 208 39.54 -5.97 6.38
N LEU K 209 38.69 -5.00 6.01
CA LEU K 209 37.59 -5.24 5.09
C LEU K 209 36.49 -6.08 5.76
N GLN K 210 36.19 -5.74 7.01
CA GLN K 210 35.34 -6.58 7.85
C GLN K 210 33.88 -6.49 7.39
N GLY K 211 33.65 -6.90 6.15
CA GLY K 211 32.31 -6.95 5.60
C GLY K 211 32.26 -7.50 4.20
N ALA K 212 31.35 -8.42 3.95
CA ALA K 212 31.09 -8.87 2.59
C ALA K 212 30.28 -7.82 1.87
N PRO K 213 30.74 -7.31 0.73
CA PRO K 213 30.11 -6.11 0.15
C PRO K 213 28.70 -6.40 -0.33
N GLY K 214 27.77 -6.51 0.62
CA GLY K 214 26.37 -6.72 0.30
C GLY K 214 25.55 -5.45 0.42
N ALA K 215 25.96 -4.56 1.32
CA ALA K 215 25.31 -3.28 1.58
C ALA K 215 23.77 -3.43 1.54
N PRO K 216 23.22 -4.34 2.34
CA PRO K 216 21.76 -4.56 2.30
C PRO K 216 20.97 -3.39 2.87
N GLY K 217 19.66 -3.57 2.97
CA GLY K 217 18.78 -2.60 3.62
C GLY K 217 17.51 -2.31 2.83
N SER K 218 16.36 -2.56 3.44
CA SER K 218 15.08 -2.50 2.74
C SER K 218 14.29 -1.26 3.16
N GLN K 219 13.71 -0.60 2.17
CA GLN K 219 12.88 0.58 2.37
C GLN K 219 11.51 0.16 2.84
N GLY K 220 10.53 1.06 2.72
CA GLY K 220 9.17 0.71 3.07
C GLY K 220 8.71 -0.52 2.31
N ALA K 221 8.63 -1.63 3.03
CA ALA K 221 8.25 -2.93 2.52
C ALA K 221 6.75 -3.01 2.29
N PRO K 222 6.22 -4.16 1.86
CA PRO K 222 4.79 -4.25 1.63
C PRO K 222 4.01 -4.34 2.93
N GLY K 223 2.71 -4.12 2.81
CA GLY K 223 1.81 -4.31 3.93
C GLY K 223 0.59 -5.09 3.49
N LEU K 224 0.06 -5.87 4.42
CA LEU K 224 -1.05 -6.75 4.11
C LEU K 224 -2.27 -5.92 3.70
N GLN K 225 -2.91 -6.33 2.61
CA GLN K 225 -4.09 -5.62 2.13
C GLN K 225 -5.17 -5.61 3.20
N GLY K 226 -5.84 -4.48 3.34
CA GLY K 226 -7.00 -4.41 4.22
C GLY K 226 -8.18 -5.13 3.60
N ALA K 227 -8.57 -6.26 4.20
CA ALA K 227 -9.69 -7.05 3.70
C ALA K 227 -10.87 -6.12 3.41
N PRO K 228 -11.20 -5.92 2.14
CA PRO K 228 -12.12 -4.83 1.78
C PRO K 228 -13.46 -4.97 2.48
N GLY K 229 -13.98 -3.84 2.94
CA GLY K 229 -15.34 -3.79 3.43
C GLY K 229 -16.29 -3.72 2.25
N ALA K 230 -17.00 -4.81 2.01
CA ALA K 230 -17.84 -4.91 0.84
C ALA K 230 -18.85 -3.77 0.83
N PRO K 231 -18.92 -2.98 -0.24
CA PRO K 231 -19.87 -1.87 -0.26
C PRO K 231 -21.31 -2.36 -0.14
N GLY K 232 -22.13 -1.55 0.50
CA GLY K 232 -23.55 -1.84 0.67
C GLY K 232 -24.33 -0.57 0.85
N SER K 233 -25.41 -0.65 1.62
CA SER K 233 -26.21 0.53 1.90
C SER K 233 -27.01 0.28 3.16
N GLN K 234 -26.82 1.12 4.17
CA GLN K 234 -27.69 1.08 5.34
C GLN K 234 -29.13 1.25 4.91
N GLY K 235 -30.05 0.82 5.77
CA GLY K 235 -31.45 0.96 5.47
C GLY K 235 -32.29 0.62 6.67
N ALA K 236 -33.60 0.65 6.46
CA ALA K 236 -34.59 0.38 7.51
C ALA K 236 -35.54 -0.69 7.03
N PRO K 237 -35.05 -1.92 6.84
CA PRO K 237 -35.96 -3.04 6.57
C PRO K 237 -36.78 -3.34 7.81
N GLY K 238 -38.10 -3.22 7.67
CA GLY K 238 -38.99 -3.45 8.79
C GLY K 238 -39.95 -4.60 8.51
N LEU K 239 -41.25 -4.30 8.54
CA LEU K 239 -42.23 -5.26 8.05
C LEU K 239 -43.22 -4.60 7.10
N GLN K 240 -43.51 -3.32 7.31
CA GLN K 240 -44.53 -2.60 6.56
C GLN K 240 -43.87 -1.68 5.55
N GLY K 241 -44.35 -1.72 4.30
CA GLY K 241 -43.76 -0.87 3.28
C GLY K 241 -44.70 0.16 2.68
N ALA K 242 -45.96 -0.18 2.50
CA ALA K 242 -46.94 0.76 1.98
C ALA K 242 -48.36 0.27 2.25
N PRO K 243 -48.80 0.27 3.50
CA PRO K 243 -50.15 -0.23 3.84
C PRO K 243 -51.23 0.80 3.52
N GLY K 244 -51.42 1.07 2.23
CA GLY K 244 -52.45 2.00 1.81
C GLY K 244 -53.20 1.52 0.59
N ALA K 245 -53.03 0.25 0.25
CA ALA K 245 -53.61 -0.27 -0.98
C ALA K 245 -55.13 -0.39 -0.89
N PRO K 246 -55.67 -1.28 -0.06
CA PRO K 246 -57.14 -1.47 -0.05
C PRO K 246 -57.86 -0.18 0.34
N GLY K 247 -59.02 0.01 -0.26
CA GLY K 247 -59.74 1.26 -0.13
C GLY K 247 -60.74 1.30 1.00
N SER K 248 -60.27 1.18 2.23
CA SER K 248 -61.11 1.28 3.41
C SER K 248 -62.05 0.07 3.54
N GLN K 249 -61.57 -1.10 3.12
CA GLN K 249 -62.29 -2.37 3.30
C GLN K 249 -63.75 -2.22 2.89
N GLY K 250 -63.96 -1.99 1.60
CA GLY K 250 -65.27 -1.61 1.14
C GLY K 250 -65.55 -0.23 1.69
N ALA K 251 -64.87 0.78 1.12
CA ALA K 251 -64.68 2.10 1.71
C ALA K 251 -65.87 2.57 2.55
N PRO K 252 -67.09 2.54 2.02
CA PRO K 252 -68.23 3.02 2.81
C PRO K 252 -68.39 2.26 4.11
N GLY K 253 -68.56 0.94 4.00
CA GLY K 253 -68.79 0.12 5.17
C GLY K 253 -70.27 0.01 5.49
N LEU K 254 -70.82 -1.20 5.39
CA LEU K 254 -72.25 -1.43 5.62
C LEU K 254 -73.08 -0.38 4.90
N GLN K 255 -72.99 -0.41 3.57
CA GLN K 255 -73.51 0.68 2.75
C GLN K 255 -75.01 0.87 2.95
N GLY K 256 -75.75 -0.21 3.03
CA GLY K 256 -77.18 -0.11 3.28
C GLY K 256 -77.56 0.32 4.67
N ALA K 257 -76.57 0.53 5.54
CA ALA K 257 -76.77 0.99 6.91
C ALA K 257 -77.30 -0.14 7.77
N PRO K 258 -76.83 -0.26 9.00
CA PRO K 258 -77.35 -1.28 9.92
C PRO K 258 -78.63 -0.84 10.59
N GLY K 259 -79.77 -1.04 9.93
CA GLY K 259 -81.04 -0.71 10.54
C GLY K 259 -81.09 -1.24 11.96
N ALA K 260 -81.15 -2.56 12.09
CA ALA K 260 -81.06 -3.27 13.37
C ALA K 260 -81.72 -2.47 14.50
N PRO K 261 -83.03 -2.26 14.43
CA PRO K 261 -83.68 -1.47 15.49
C PRO K 261 -83.47 -2.02 16.89
N GLY K 262 -83.41 -3.34 17.03
CA GLY K 262 -83.21 -3.96 18.33
C GLY K 262 -82.02 -4.91 18.35
N SER L 188 92.95 -5.63 -0.83
CA SER L 188 92.86 -4.71 0.30
C SER L 188 91.41 -4.50 0.73
N GLN L 189 91.10 -4.88 1.97
CA GLN L 189 89.72 -4.87 2.49
C GLN L 189 88.93 -5.88 1.67
N GLY L 190 87.69 -5.58 1.25
CA GLY L 190 86.92 -6.54 0.49
C GLY L 190 85.80 -7.20 1.28
N ALA L 191 85.03 -6.41 2.04
CA ALA L 191 84.03 -6.95 2.93
C ALA L 191 82.63 -6.51 2.53
N PRO L 192 81.67 -7.44 2.46
CA PRO L 192 80.25 -7.07 2.54
C PRO L 192 79.83 -6.91 3.99
N GLY L 193 78.55 -6.78 4.27
CA GLY L 193 78.10 -6.82 5.65
C GLY L 193 76.76 -6.14 5.87
N LEU L 194 76.08 -6.59 6.93
CA LEU L 194 74.87 -5.93 7.42
C LEU L 194 73.71 -6.09 6.45
N GLN L 195 72.68 -5.27 6.65
CA GLN L 195 71.49 -5.30 5.79
C GLN L 195 71.80 -4.69 4.43
N GLY L 196 72.60 -5.38 3.62
CA GLY L 196 72.86 -4.93 2.27
C GLY L 196 71.62 -4.93 1.40
N ALA L 197 71.09 -3.73 1.12
CA ALA L 197 69.96 -3.56 0.23
C ALA L 197 68.75 -4.43 0.59
N PRO L 198 68.27 -4.36 1.83
CA PRO L 198 67.02 -5.09 2.17
C PRO L 198 65.83 -4.40 1.52
N GLY L 199 65.12 -5.14 0.67
CA GLY L 199 64.00 -4.58 -0.04
C GLY L 199 62.76 -4.39 0.82
N ALA L 200 61.75 -3.76 0.23
CA ALA L 200 60.48 -3.48 0.91
C ALA L 200 59.32 -4.01 0.09
N PRO L 201 58.75 -5.15 0.48
CA PRO L 201 57.55 -5.64 -0.23
C PRO L 201 56.41 -4.65 -0.22
N GLY L 202 56.23 -3.96 0.90
CA GLY L 202 55.07 -3.09 1.08
C GLY L 202 54.04 -3.79 1.92
N SER L 203 54.00 -3.47 3.22
CA SER L 203 53.06 -4.11 4.11
C SER L 203 51.63 -3.76 3.72
N GLN L 204 50.71 -4.65 4.04
CA GLN L 204 49.29 -4.47 3.77
C GLN L 204 48.53 -4.37 5.08
N GLY L 205 47.23 -4.17 4.99
CA GLY L 205 46.45 -3.90 6.18
C GLY L 205 44.97 -3.85 5.89
N ALA L 206 44.23 -3.34 6.88
CA ALA L 206 42.78 -3.27 6.77
C ALA L 206 42.38 -2.19 5.75
N PRO L 207 41.65 -2.55 4.69
CA PRO L 207 41.37 -1.55 3.64
C PRO L 207 40.66 -0.31 4.15
N GLY L 208 39.77 -0.45 5.14
CA GLY L 208 39.07 0.70 5.68
C GLY L 208 37.59 0.45 5.92
N LEU L 209 36.96 -0.35 5.07
CA LEU L 209 35.56 -0.72 5.25
C LEU L 209 35.52 -2.03 6.01
N GLN L 210 35.33 -1.93 7.33
CA GLN L 210 35.22 -3.09 8.20
C GLN L 210 33.78 -3.36 8.62
N GLY L 211 32.81 -2.75 7.94
CA GLY L 211 31.41 -2.95 8.27
C GLY L 211 30.80 -4.15 7.57
N ALA L 212 30.63 -5.24 8.31
CA ALA L 212 30.03 -6.44 7.74
C ALA L 212 28.58 -6.16 7.40
N PRO L 213 28.25 -6.02 6.11
CA PRO L 213 26.87 -5.75 5.69
C PRO L 213 26.02 -7.02 5.64
N GLY L 214 25.52 -7.43 6.81
CA GLY L 214 24.81 -8.68 6.91
C GLY L 214 23.44 -8.61 7.54
N ALA L 215 22.89 -7.40 7.68
CA ALA L 215 21.55 -7.28 8.23
C ALA L 215 20.54 -7.76 7.18
N PRO L 216 19.54 -8.55 7.59
CA PRO L 216 18.70 -9.25 6.61
C PRO L 216 17.76 -8.37 5.80
N GLY L 217 17.86 -7.04 5.93
CA GLY L 217 17.02 -6.19 5.11
C GLY L 217 17.24 -6.41 3.63
N SER L 218 18.51 -6.40 3.20
CA SER L 218 18.90 -6.74 1.84
C SER L 218 18.11 -5.97 0.79
N GLN L 219 17.47 -4.87 1.19
CA GLN L 219 16.61 -4.09 0.31
C GLN L 219 15.32 -4.82 0.01
N GLY L 220 15.21 -6.07 0.43
CA GLY L 220 14.02 -6.85 0.16
C GLY L 220 12.89 -6.43 1.07
N ALA L 221 11.83 -5.89 0.48
CA ALA L 221 10.72 -5.36 1.26
C ALA L 221 10.22 -6.43 2.22
N PRO L 222 10.51 -6.31 3.51
CA PRO L 222 10.17 -7.38 4.45
C PRO L 222 8.69 -7.45 4.76
N GLY L 223 8.34 -8.33 5.71
CA GLY L 223 6.96 -8.70 5.99
C GLY L 223 5.95 -7.58 5.91
N LEU L 224 4.75 -7.93 5.44
CA LEU L 224 3.66 -6.97 5.36
C LEU L 224 3.09 -6.73 6.75
N GLN L 225 2.15 -5.80 6.85
CA GLN L 225 1.59 -5.35 8.11
C GLN L 225 0.13 -5.75 8.20
N GLY L 226 -0.36 -5.87 9.43
CA GLY L 226 -1.67 -6.42 9.69
C GLY L 226 -2.74 -6.05 8.68
N ALA L 227 -3.36 -7.06 8.08
CA ALA L 227 -4.38 -6.85 7.07
C ALA L 227 -5.70 -6.47 7.71
N PRO L 228 -6.12 -5.22 7.59
CA PRO L 228 -7.41 -4.82 8.16
C PRO L 228 -8.58 -5.34 7.33
N GLY L 229 -9.79 -4.91 7.67
CA GLY L 229 -10.95 -5.36 6.95
C GLY L 229 -12.18 -4.60 7.34
N ALA L 230 -13.32 -5.03 6.82
CA ALA L 230 -14.58 -4.36 7.07
C ALA L 230 -15.75 -5.27 6.71
N PRO L 231 -16.99 -4.83 6.95
CA PRO L 231 -18.16 -5.63 6.54
C PRO L 231 -18.60 -5.30 5.13
N GLY L 232 -19.71 -5.89 4.69
CA GLY L 232 -20.21 -5.71 3.35
C GLY L 232 -21.67 -5.31 3.33
N SER L 233 -22.39 -5.66 2.26
CA SER L 233 -23.83 -5.46 2.25
C SER L 233 -24.50 -6.59 3.02
N GLN L 234 -24.82 -6.33 4.28
CA GLN L 234 -25.07 -7.39 5.24
C GLN L 234 -26.40 -8.10 5.05
N GLY L 235 -27.49 -7.38 5.23
CA GLY L 235 -28.79 -7.99 5.05
C GLY L 235 -29.58 -7.34 3.94
N ALA L 236 -29.41 -6.02 3.80
CA ALA L 236 -30.08 -5.21 2.80
C ALA L 236 -31.46 -5.77 2.49
N PRO L 237 -32.29 -6.00 3.49
CA PRO L 237 -33.62 -6.57 3.22
C PRO L 237 -34.42 -5.64 2.33
N GLY L 238 -35.15 -6.23 1.40
CA GLY L 238 -35.93 -5.46 0.45
C GLY L 238 -37.32 -5.20 0.97
N LEU L 239 -38.33 -5.73 0.29
CA LEU L 239 -39.70 -5.61 0.77
C LEU L 239 -39.81 -6.17 2.18
N GLN L 240 -40.88 -5.84 2.87
CA GLN L 240 -41.13 -6.35 4.21
C GLN L 240 -42.57 -6.84 4.29
N GLY L 241 -42.79 -7.80 5.19
CA GLY L 241 -44.04 -8.55 5.17
C GLY L 241 -45.26 -7.66 5.30
N ALA L 242 -45.22 -6.75 6.26
CA ALA L 242 -46.31 -5.78 6.41
C ALA L 242 -47.63 -6.50 6.59
N PRO L 243 -47.78 -7.30 7.65
CA PRO L 243 -49.05 -8.01 7.84
C PRO L 243 -50.20 -7.01 7.98
N GLY L 244 -50.13 -6.17 9.01
CA GLY L 244 -51.03 -5.05 9.12
C GLY L 244 -52.45 -5.49 9.40
N ALA L 245 -53.04 -6.14 8.40
CA ALA L 245 -54.36 -6.74 8.44
C ALA L 245 -54.51 -7.57 7.18
N PRO L 246 -55.64 -8.25 6.98
CA PRO L 246 -55.90 -8.83 5.66
C PRO L 246 -55.85 -7.79 4.55
N GLY L 247 -56.06 -6.52 4.88
CA GLY L 247 -55.92 -5.46 3.90
C GLY L 247 -56.86 -5.63 2.73
N SER L 248 -58.14 -5.86 3.03
CA SER L 248 -59.13 -6.21 2.03
C SER L 248 -60.27 -5.21 2.03
N GLN L 249 -60.94 -5.11 0.87
CA GLN L 249 -62.15 -4.30 0.74
C GLN L 249 -63.33 -5.07 1.34
N GLY L 250 -63.34 -5.12 2.66
CA GLY L 250 -64.37 -5.83 3.39
C GLY L 250 -65.55 -4.97 3.75
N ALA L 251 -65.74 -4.71 5.04
CA ALA L 251 -66.94 -4.02 5.52
C ALA L 251 -68.15 -4.90 5.27
N PRO L 252 -69.20 -4.78 6.08
CA PRO L 252 -70.39 -5.58 5.82
C PRO L 252 -70.89 -5.42 4.40
N GLY L 253 -70.85 -4.20 3.86
CA GLY L 253 -71.17 -4.00 2.46
C GLY L 253 -72.58 -4.32 2.06
N LEU L 254 -73.48 -4.52 3.02
CA LEU L 254 -74.86 -4.86 2.73
C LEU L 254 -75.78 -3.76 3.25
N GLN L 255 -77.08 -4.03 3.21
CA GLN L 255 -78.10 -3.07 3.60
C GLN L 255 -79.04 -3.68 4.63
N GLY L 256 -79.41 -2.90 5.64
CA GLY L 256 -80.24 -3.41 6.71
C GLY L 256 -81.38 -2.54 7.20
N ALA L 257 -81.44 -1.26 6.80
CA ALA L 257 -82.48 -0.41 7.36
C ALA L 257 -83.86 -0.82 6.86
N PRO L 258 -84.21 -0.58 5.59
CA PRO L 258 -85.48 -1.13 5.08
C PRO L 258 -85.48 -2.63 4.88
N GLY L 259 -84.35 -3.31 5.09
CA GLY L 259 -84.36 -4.75 4.95
C GLY L 259 -85.22 -5.44 6.00
N ALA L 260 -85.15 -4.97 7.24
CA ALA L 260 -85.93 -5.54 8.33
C ALA L 260 -85.71 -4.76 9.63
N ALA M 200 89.13 7.07 13.34
CA ALA M 200 87.80 6.50 13.17
C ALA M 200 87.09 7.11 11.98
N PRO M 201 87.20 6.45 10.81
CA PRO M 201 86.54 6.99 9.61
C PRO M 201 85.02 6.97 9.72
N GLY M 202 84.34 7.39 8.66
CA GLY M 202 82.89 7.51 8.70
C GLY M 202 82.18 6.25 9.12
N SER M 203 80.89 6.38 9.44
CA SER M 203 80.05 5.25 9.84
C SER M 203 78.64 5.78 10.07
N GLN M 204 77.71 4.84 10.22
CA GLN M 204 76.31 5.15 10.46
C GLN M 204 75.91 4.70 11.87
N GLY M 205 74.62 4.83 12.16
CA GLY M 205 74.14 4.44 13.48
C GLY M 205 72.64 4.35 13.51
N ALA M 206 72.10 4.54 14.72
CA ALA M 206 70.67 4.49 14.93
C ALA M 206 69.97 5.45 13.98
N PRO M 207 68.67 5.31 13.75
CA PRO M 207 67.99 6.24 12.85
C PRO M 207 67.99 7.66 13.41
N GLY M 208 67.90 8.62 12.51
CA GLY M 208 67.60 9.97 12.94
C GLY M 208 66.35 10.02 13.78
N LEU M 209 65.31 9.29 13.36
CA LEU M 209 64.12 9.07 14.16
C LEU M 209 63.86 7.58 14.26
N GLN M 210 63.52 7.13 15.47
CA GLN M 210 63.26 5.71 15.66
C GLN M 210 62.04 5.26 14.86
N GLY M 211 60.91 5.95 15.03
CA GLY M 211 59.73 5.74 14.20
C GLY M 211 59.46 4.30 13.81
N ALA M 212 59.26 4.08 12.50
CA ALA M 212 59.14 2.77 11.85
C ALA M 212 57.73 2.53 11.32
N PRO M 213 56.68 2.72 12.12
CA PRO M 213 55.34 2.39 11.66
C PRO M 213 54.94 3.13 10.39
N GLY M 214 55.72 4.11 9.95
CA GLY M 214 55.57 4.65 8.62
C GLY M 214 54.48 5.67 8.44
N ALA M 215 53.23 5.31 8.70
CA ALA M 215 52.14 6.22 8.40
C ALA M 215 50.76 5.60 8.64
N PRO M 216 50.47 4.48 8.02
CA PRO M 216 49.09 3.97 8.05
C PRO M 216 48.80 3.05 9.22
N GLY M 217 47.60 2.48 9.22
CA GLY M 217 47.16 1.59 10.28
C GLY M 217 46.28 2.33 11.26
N SER M 218 46.49 2.10 12.55
CA SER M 218 45.84 2.94 13.55
C SER M 218 46.24 4.40 13.36
N GLN M 219 47.35 4.65 12.68
CA GLN M 219 47.63 6.01 12.22
C GLN M 219 46.73 6.35 11.04
N GLY M 220 46.88 5.61 9.95
CA GLY M 220 46.11 5.87 8.74
C GLY M 220 44.65 5.55 8.85
N ALA M 221 44.31 4.26 8.99
CA ALA M 221 42.92 3.84 9.00
C ALA M 221 42.56 3.30 10.38
N PRO M 222 42.43 4.16 11.39
CA PRO M 222 42.08 3.68 12.74
C PRO M 222 40.70 3.07 12.85
N GLY M 223 39.93 3.00 11.77
CA GLY M 223 38.65 2.32 11.78
C GLY M 223 37.49 3.29 11.96
N LEU M 224 36.28 2.72 11.92
CA LEU M 224 35.07 3.53 12.01
C LEU M 224 35.01 4.27 13.34
N GLN M 225 34.43 5.46 13.31
CA GLN M 225 34.35 6.34 14.47
C GLN M 225 33.09 6.02 15.28
N GLY M 226 32.74 6.91 16.21
CA GLY M 226 31.56 6.72 17.02
C GLY M 226 30.34 6.46 16.18
N ALA M 227 29.55 5.46 16.57
CA ALA M 227 28.39 5.05 15.77
C ALA M 227 27.45 6.23 15.57
N PRO M 228 27.40 6.78 14.37
CA PRO M 228 26.47 7.87 14.06
C PRO M 228 25.11 7.30 13.70
N GLY M 229 24.13 7.56 14.54
CA GLY M 229 22.80 7.00 14.31
C GLY M 229 21.71 7.93 14.79
N ALA M 230 20.55 7.82 14.14
CA ALA M 230 19.37 8.57 14.51
C ALA M 230 18.19 7.64 14.67
N PRO M 231 17.20 8.03 15.47
CA PRO M 231 15.99 7.20 15.61
C PRO M 231 15.11 7.31 14.37
N GLY M 232 13.93 6.71 14.41
CA GLY M 232 13.06 6.75 13.26
C GLY M 232 11.62 6.51 13.64
N SER M 233 10.73 7.00 12.78
CA SER M 233 9.30 6.86 13.00
C SER M 233 8.84 5.44 12.70
N GLN M 234 7.54 5.19 12.88
CA GLN M 234 6.99 3.85 12.70
C GLN M 234 6.00 3.73 11.55
N GLY M 235 4.96 4.57 11.47
CA GLY M 235 3.92 4.27 10.50
C GLY M 235 2.90 5.34 10.25
N ALA M 236 1.64 4.96 10.21
CA ALA M 236 0.57 5.91 9.92
C ALA M 236 -0.76 5.46 10.53
N PRO M 237 -0.83 5.30 11.86
CA PRO M 237 -2.09 4.98 12.51
C PRO M 237 -3.05 6.15 12.57
N GLY M 238 -4.11 6.02 13.38
CA GLY M 238 -5.21 6.83 13.84
C GLY M 238 -6.22 7.15 12.78
N LEU M 239 -6.31 6.32 11.75
CA LEU M 239 -7.35 6.47 10.76
C LEU M 239 -8.56 5.61 11.07
N GLN M 240 -8.55 4.89 12.19
CA GLN M 240 -9.67 4.00 12.51
C GLN M 240 -10.97 4.78 12.67
N GLY M 241 -10.91 5.93 13.35
CA GLY M 241 -12.01 6.86 13.31
C GLY M 241 -13.40 6.28 13.51
N ALA M 242 -13.72 5.87 14.73
CA ALA M 242 -15.06 5.39 15.01
C ALA M 242 -15.79 6.38 15.91
N PRO M 243 -16.15 7.55 15.39
CA PRO M 243 -16.90 8.51 16.19
C PRO M 243 -18.22 7.93 16.68
N GLY M 244 -18.62 8.34 17.88
CA GLY M 244 -19.99 8.20 18.34
C GLY M 244 -20.70 6.94 17.90
N ALA M 245 -21.83 7.09 17.24
CA ALA M 245 -22.65 5.96 16.79
C ALA M 245 -22.79 6.00 15.27
N PRO M 246 -22.23 5.03 14.55
CA PRO M 246 -22.53 4.94 13.11
C PRO M 246 -24.02 4.80 12.85
N GLY M 247 -24.72 4.08 13.72
CA GLY M 247 -26.17 3.98 13.69
C GLY M 247 -26.78 3.86 12.31
N SER M 248 -27.91 4.51 12.12
CA SER M 248 -28.63 4.46 10.85
C SER M 248 -29.57 5.66 10.79
N GLN M 249 -30.48 5.64 9.82
CA GLN M 249 -31.47 6.70 9.62
C GLN M 249 -32.72 6.06 9.06
N GLY M 250 -33.86 6.27 9.71
CA GLY M 250 -35.10 5.68 9.28
C GLY M 250 -36.28 6.58 9.59
N ALA M 251 -37.31 6.47 8.76
CA ALA M 251 -38.49 7.31 8.93
C ALA M 251 -39.29 6.88 10.15
N PRO M 252 -40.14 7.76 10.67
CA PRO M 252 -40.80 7.49 11.95
C PRO M 252 -41.43 6.10 11.97
N GLY M 253 -41.54 5.54 13.17
CA GLY M 253 -42.09 4.20 13.29
C GLY M 253 -43.49 4.12 12.69
N LEU M 254 -44.27 5.17 12.85
CA LEU M 254 -45.66 5.19 12.39
C LEU M 254 -46.18 6.61 12.59
N GLN M 255 -47.48 6.79 12.39
CA GLN M 255 -48.13 8.08 12.50
C GLN M 255 -48.66 8.27 13.93
N GLY M 256 -49.59 9.19 14.11
CA GLY M 256 -50.29 9.34 15.37
C GLY M 256 -51.23 8.17 15.64
N ALA M 257 -52.30 8.41 16.40
CA ALA M 257 -53.20 7.35 16.86
C ALA M 257 -54.64 7.69 16.48
N PRO M 258 -54.99 7.54 15.21
CA PRO M 258 -56.35 7.85 14.77
C PRO M 258 -57.26 6.63 14.70
N GLY M 259 -58.54 6.86 14.40
CA GLY M 259 -59.46 5.78 14.14
C GLY M 259 -60.60 5.65 15.14
N ALA M 260 -61.84 5.75 14.65
CA ALA M 260 -63.00 5.49 15.47
C ALA M 260 -64.29 5.71 14.67
N PRO M 261 -64.57 6.93 14.23
CA PRO M 261 -65.81 7.20 13.50
C PRO M 261 -65.62 7.17 12.00
N GLY M 262 -66.65 6.68 11.30
CA GLY M 262 -66.68 6.67 9.85
C GLY M 262 -66.94 5.33 9.21
N SER M 263 -67.08 4.23 9.95
CA SER M 263 -67.22 2.92 9.31
C SER M 263 -68.65 2.65 8.88
N GLN M 264 -69.56 2.51 9.84
CA GLN M 264 -70.97 2.27 9.53
C GLN M 264 -71.76 2.28 10.83
N GLY M 265 -73.08 2.39 10.70
CA GLY M 265 -73.95 2.41 11.85
C GLY M 265 -75.31 3.02 11.57
N ALA M 266 -76.34 2.51 12.23
CA ALA M 266 -77.69 3.03 12.05
C ALA M 266 -78.55 2.72 13.27
N PRO M 267 -78.17 3.22 14.46
CA PRO M 267 -78.99 2.98 15.65
C PRO M 267 -80.24 3.83 15.64
N GLY M 268 -81.26 3.39 14.92
CA GLY M 268 -82.44 4.20 14.70
C GLY M 268 -83.08 3.93 13.36
N LEU M 269 -82.43 3.12 12.54
CA LEU M 269 -83.03 2.61 11.31
C LEU M 269 -83.75 1.30 11.60
N GLN M 270 -84.94 1.15 11.04
CA GLN M 270 -85.65 -0.12 11.12
C GLN M 270 -86.16 -0.55 9.75
N GLY M 271 -86.48 0.42 8.90
CA GLY M 271 -86.87 0.12 7.54
C GLY M 271 -87.97 -0.91 7.43
N ALA M 272 -88.99 -0.82 8.29
CA ALA M 272 -90.09 -1.77 8.27
C ALA M 272 -91.21 -1.28 7.38
N PRO N 201 84.97 3.74 10.23
CA PRO N 201 83.98 3.58 11.30
C PRO N 201 84.23 4.50 12.48
N GLY N 202 83.16 5.04 13.06
CA GLY N 202 83.30 5.94 14.19
C GLY N 202 82.36 7.14 14.11
N SER N 203 82.11 7.63 12.89
CA SER N 203 81.17 8.75 12.74
C SER N 203 79.77 8.33 13.14
N GLN N 204 79.36 7.12 12.77
CA GLN N 204 78.08 6.53 13.18
C GLN N 204 76.92 7.50 12.95
N GLY N 205 76.76 7.90 11.69
CA GLY N 205 75.63 8.73 11.33
C GLY N 205 74.30 8.06 11.63
N ALA N 206 73.28 8.87 11.84
CA ALA N 206 71.98 8.36 12.24
C ALA N 206 70.94 8.60 11.15
N PRO N 207 71.12 8.01 9.96
CA PRO N 207 70.19 8.26 8.85
C PRO N 207 69.01 7.31 8.77
N GLY N 208 68.72 6.52 9.80
CA GLY N 208 67.58 5.62 9.73
C GLY N 208 66.28 6.38 9.54
N LEU N 209 66.06 7.41 10.35
CA LEU N 209 64.97 8.37 10.15
C LEU N 209 63.59 7.72 10.20
N GLN N 210 63.49 6.52 10.77
CA GLN N 210 62.20 5.84 10.80
C GLN N 210 61.20 6.63 11.63
N GLY N 211 59.96 6.66 11.18
CA GLY N 211 58.96 7.52 11.81
C GLY N 211 57.61 6.89 12.06
N ALA N 212 56.63 7.75 12.34
CA ALA N 212 55.26 7.36 12.64
C ALA N 212 55.19 6.40 13.82
N PRO N 213 55.94 6.65 14.90
CA PRO N 213 55.90 5.74 16.06
C PRO N 213 54.58 5.81 16.79
N GLY N 214 54.18 7.02 17.18
CA GLY N 214 52.97 7.25 17.94
C GLY N 214 51.79 7.77 17.14
N ALA N 215 51.86 7.74 15.81
CA ALA N 215 50.77 8.20 14.96
C ALA N 215 49.49 7.40 15.13
N PRO N 216 49.55 6.11 15.49
CA PRO N 216 48.31 5.33 15.57
C PRO N 216 47.29 5.94 16.53
N GLY N 217 46.02 5.77 16.17
CA GLY N 217 44.91 6.30 16.93
C GLY N 217 44.33 7.54 16.29
N SER N 218 43.30 7.37 15.47
CA SER N 218 42.71 8.50 14.76
C SER N 218 41.27 8.14 14.37
N GLN N 219 40.30 8.64 15.13
CA GLN N 219 38.91 8.49 14.75
C GLN N 219 38.57 9.62 13.79
N GLY N 220 38.80 9.38 12.51
CA GLY N 220 38.66 10.41 11.50
C GLY N 220 37.30 11.05 11.50
N ALA N 221 36.31 10.35 10.96
CA ALA N 221 34.92 10.80 11.07
C ALA N 221 33.98 9.65 10.76
N PRO N 222 33.06 9.33 11.65
CA PRO N 222 32.14 8.23 11.37
C PRO N 222 31.11 8.66 10.33
N GLY N 223 30.46 7.68 9.73
CA GLY N 223 29.46 7.96 8.75
C GLY N 223 28.37 8.86 9.30
N LEU N 224 27.36 9.17 8.49
CA LEU N 224 26.23 9.90 9.02
C LEU N 224 25.46 9.00 9.98
N GLN N 225 24.49 9.59 10.66
CA GLN N 225 23.63 8.81 11.54
C GLN N 225 23.06 7.64 10.75
N GLY N 226 23.18 6.44 11.31
CA GLY N 226 22.78 5.23 10.62
C GLY N 226 21.52 5.46 9.81
N ALA N 227 20.58 6.17 10.41
CA ALA N 227 19.43 6.70 9.68
C ALA N 227 18.68 7.68 10.55
N PRO N 228 18.31 8.84 10.01
CA PRO N 228 17.44 9.75 10.77
C PRO N 228 16.06 9.13 10.94
N GLY N 229 15.15 9.86 11.57
CA GLY N 229 13.80 9.37 11.72
C GLY N 229 13.02 10.24 12.67
N ALA N 230 11.72 9.98 12.72
CA ALA N 230 10.78 10.72 13.56
C ALA N 230 9.93 9.73 14.34
N PRO N 231 10.56 8.99 15.26
CA PRO N 231 9.85 7.90 15.96
C PRO N 231 8.46 8.27 16.43
N GLY N 232 7.50 7.53 15.92
CA GLY N 232 6.10 7.71 16.24
C GLY N 232 5.31 7.12 15.10
N SER N 233 4.19 6.47 15.40
CA SER N 233 3.35 5.96 14.34
C SER N 233 2.37 7.05 13.96
N GLN N 234 2.24 7.32 12.66
CA GLN N 234 1.49 8.48 12.22
C GLN N 234 0.02 8.25 12.53
N GLY N 235 -0.31 8.39 13.81
CA GLY N 235 -1.70 8.42 14.21
C GLY N 235 -2.42 9.51 13.47
N ALA N 236 -3.74 9.55 13.59
CA ALA N 236 -4.51 10.50 12.79
C ALA N 236 -5.90 10.68 13.39
N PRO N 237 -6.72 11.56 12.82
CA PRO N 237 -8.10 11.69 13.33
C PRO N 237 -8.90 10.40 13.23
N GLY N 238 -8.72 9.64 12.16
CA GLY N 238 -9.49 8.42 11.99
C GLY N 238 -10.22 8.33 10.65
N LEU N 239 -11.52 8.12 10.72
CA LEU N 239 -12.37 7.88 9.56
C LEU N 239 -13.82 7.94 10.04
N GLN N 240 -14.75 7.58 9.16
CA GLN N 240 -16.16 7.57 9.51
C GLN N 240 -16.44 6.46 10.50
N GLY N 241 -16.75 6.83 11.74
CA GLY N 241 -17.07 5.85 12.75
C GLY N 241 -18.45 6.06 13.35
N ALA N 242 -19.19 7.01 12.81
CA ALA N 242 -20.57 7.23 13.23
C ALA N 242 -21.42 7.73 12.07
N PRO N 243 -21.43 7.02 10.93
CA PRO N 243 -22.12 7.54 9.74
C PRO N 243 -23.51 8.07 10.01
N GLY N 244 -24.40 7.21 10.51
CA GLY N 244 -25.70 7.66 10.95
C GLY N 244 -25.74 7.64 12.45
N ALA N 245 -26.80 7.07 13.02
CA ALA N 245 -26.80 6.78 14.44
C ALA N 245 -28.11 6.08 14.82
N PRO N 246 -28.18 5.50 16.01
CA PRO N 246 -29.43 4.85 16.42
C PRO N 246 -30.48 5.86 16.85
N GLY N 247 -30.60 6.92 16.08
CA GLY N 247 -31.54 7.98 16.36
C GLY N 247 -32.64 8.02 15.32
N SER N 248 -32.45 8.86 14.31
CA SER N 248 -33.53 9.13 13.38
C SER N 248 -33.82 7.90 12.53
N GLN N 249 -34.35 6.87 13.17
CA GLN N 249 -34.87 5.70 12.47
C GLN N 249 -36.21 5.41 13.11
N GLY N 250 -37.25 6.10 12.63
CA GLY N 250 -38.57 5.95 13.19
C GLY N 250 -38.65 5.88 14.69
N ALA N 251 -39.45 4.93 15.18
CA ALA N 251 -39.65 4.61 16.58
C ALA N 251 -40.97 5.17 17.08
N PRO N 252 -41.07 6.46 17.37
CA PRO N 252 -42.23 6.96 18.13
C PRO N 252 -43.57 6.77 17.43
N GLY N 253 -43.58 6.51 16.13
CA GLY N 253 -44.82 6.53 15.38
C GLY N 253 -45.94 5.63 15.88
N LEU N 254 -47.12 6.22 16.08
CA LEU N 254 -48.32 5.46 16.40
C LEU N 254 -49.01 5.05 15.11
N GLN N 255 -50.12 4.31 15.25
CA GLN N 255 -50.82 3.81 14.08
C GLN N 255 -50.94 4.87 12.99
N GLY N 256 -51.48 6.03 13.35
CA GLY N 256 -51.66 7.10 12.39
C GLY N 256 -52.57 6.70 11.26
N ALA N 257 -53.31 5.61 11.46
CA ALA N 257 -54.28 5.11 10.48
C ALA N 257 -55.65 5.14 11.14
N PRO N 258 -56.46 6.15 10.89
CA PRO N 258 -57.77 6.20 11.55
C PRO N 258 -58.68 5.12 11.02
N GLY N 259 -58.88 4.06 11.81
CA GLY N 259 -59.76 3.00 11.38
C GLY N 259 -61.16 3.49 11.08
N ALA N 260 -61.58 4.57 11.72
CA ALA N 260 -62.92 5.12 11.55
C ALA N 260 -63.95 4.00 11.66
N PRO N 261 -63.82 3.08 12.64
CA PRO N 261 -64.69 1.90 12.68
C PRO N 261 -66.05 2.13 13.33
N GLY N 262 -66.70 3.22 12.95
CA GLY N 262 -68.09 3.42 13.30
C GLY N 262 -68.66 4.70 12.73
N SER N 263 -69.81 4.59 12.06
CA SER N 263 -70.51 5.76 11.55
C SER N 263 -72.01 5.44 11.59
N GLN N 264 -72.64 5.80 12.70
CA GLN N 264 -74.03 5.47 12.97
C GLN N 264 -74.89 6.69 12.68
N GLY N 265 -75.64 6.63 11.58
CA GLY N 265 -76.56 7.70 11.28
C GLY N 265 -77.61 7.81 12.36
N ALA N 266 -78.46 6.79 12.46
CA ALA N 266 -79.52 6.66 13.47
C ALA N 266 -80.85 7.15 12.91
N PRO N 267 -81.06 8.46 12.71
CA PRO N 267 -82.32 8.91 12.13
C PRO N 267 -82.49 8.41 10.70
N GLY N 268 -83.47 7.54 10.48
CA GLY N 268 -83.72 7.00 9.17
C GLY N 268 -84.97 6.16 9.19
N LEU N 269 -85.32 5.62 8.01
CA LEU N 269 -86.59 4.93 7.86
C LEU N 269 -86.80 3.92 8.98
N GLN N 270 -87.80 4.18 9.82
CA GLN N 270 -88.12 3.30 10.95
C GLN N 270 -86.93 3.21 11.91
N GLY N 271 -87.19 2.79 13.15
CA GLY N 271 -86.13 2.64 14.13
C GLY N 271 -86.17 3.67 15.24
N GLY O 202 85.67 3.63 7.09
CA GLY O 202 84.56 2.92 6.49
C GLY O 202 83.27 3.05 7.28
N SER O 203 82.26 3.65 6.64
CA SER O 203 80.97 3.86 7.30
C SER O 203 80.27 2.52 7.45
N GLN O 204 80.34 1.95 8.65
CA GLN O 204 79.78 0.63 8.95
C GLN O 204 78.87 0.72 10.15
N GLY O 205 77.98 1.71 10.16
CA GLY O 205 77.18 1.99 11.34
C GLY O 205 75.71 1.66 11.23
N ALA O 206 75.29 1.09 10.10
CA ALA O 206 73.93 0.58 9.99
C ALA O 206 72.89 1.63 10.35
N PRO O 207 72.62 2.61 9.48
CA PRO O 207 71.57 3.58 9.78
C PRO O 207 70.30 2.89 10.26
N GLY O 208 69.59 3.54 11.17
CA GLY O 208 68.44 2.92 11.80
C GLY O 208 67.21 2.87 10.92
N LEU O 209 67.25 2.03 9.89
CA LEU O 209 66.15 1.97 8.92
C LEU O 209 65.12 0.91 9.33
N GLN O 210 64.63 1.06 10.56
CA GLN O 210 63.61 0.17 11.10
C GLN O 210 62.24 0.51 10.52
N GLY O 211 61.63 -0.43 9.82
CA GLY O 211 60.31 -0.20 9.28
C GLY O 211 60.31 0.99 8.34
N ALA O 212 59.35 1.88 8.53
CA ALA O 212 59.15 3.01 7.64
C ALA O 212 59.57 4.30 8.30
N PRO O 213 60.49 5.06 7.71
CA PRO O 213 60.84 6.38 8.28
C PRO O 213 59.68 7.35 8.30
N GLY O 214 58.65 7.14 7.48
CA GLY O 214 57.53 8.06 7.42
C GLY O 214 56.95 8.32 8.79
N ALA O 215 56.74 9.59 9.11
CA ALA O 215 56.29 10.02 10.44
C ALA O 215 55.07 10.93 10.31
N PRO O 216 53.97 10.41 9.79
CA PRO O 216 52.70 11.14 9.91
C PRO O 216 52.02 10.73 11.21
N GLY O 217 50.81 11.23 11.44
CA GLY O 217 50.12 10.90 12.68
C GLY O 217 48.64 10.71 12.57
N SER O 218 48.16 9.55 13.00
CA SER O 218 46.73 9.30 13.16
C SER O 218 45.92 9.85 11.98
N GLN O 219 46.16 9.30 10.80
CA GLN O 219 45.38 9.67 9.64
C GLN O 219 43.92 9.28 9.86
N GLY O 220 43.02 10.05 9.25
CA GLY O 220 41.60 9.87 9.48
C GLY O 220 41.12 8.45 9.26
N ALA O 221 40.49 7.87 10.26
CA ALA O 221 39.98 6.52 10.17
C ALA O 221 38.64 6.47 9.45
N PRO O 222 38.26 5.31 8.94
CA PRO O 222 36.97 5.19 8.24
C PRO O 222 35.81 5.56 9.15
N GLY O 223 34.69 5.91 8.53
CA GLY O 223 33.54 6.40 9.26
C GLY O 223 32.56 5.31 9.63
N LEU O 224 32.21 5.24 10.90
CA LEU O 224 31.20 4.30 11.36
C LEU O 224 29.81 4.82 11.04
N GLN O 225 28.84 3.90 11.08
CA GLN O 225 27.44 4.24 10.97
C GLN O 225 26.72 3.72 12.19
N GLY O 226 25.82 4.52 12.75
CA GLY O 226 25.17 4.17 13.99
C GLY O 226 23.69 3.89 13.82
N ALA O 227 22.90 4.26 14.84
CA ALA O 227 21.47 4.02 14.87
C ALA O 227 20.80 4.43 13.57
N PRO O 228 20.36 3.47 12.76
CA PRO O 228 19.60 3.77 11.54
C PRO O 228 18.10 3.84 11.81
N GLY O 229 17.66 4.95 12.38
CA GLY O 229 16.24 5.13 12.64
C GLY O 229 15.44 5.14 11.35
N ALA O 230 14.19 4.67 11.45
CA ALA O 230 13.32 4.62 10.29
C ALA O 230 12.40 5.84 10.30
N PRO O 231 12.70 6.89 9.55
CA PRO O 231 11.83 8.07 9.57
C PRO O 231 10.49 7.77 8.92
N GLY O 232 9.69 6.91 9.57
CA GLY O 232 8.34 6.66 9.09
C GLY O 232 7.50 7.88 9.37
N SER O 233 6.21 7.70 9.66
CA SER O 233 5.35 8.81 9.98
C SER O 233 4.76 8.57 11.36
N GLN O 234 4.53 9.67 12.09
CA GLN O 234 4.29 9.59 13.53
C GLN O 234 3.04 10.37 13.91
N GLY O 235 2.43 9.92 15.00
CA GLY O 235 1.22 10.52 15.50
C GLY O 235 0.59 9.63 16.56
N ALA O 236 -0.63 10.00 16.94
CA ALA O 236 -1.42 9.20 17.87
C ALA O 236 -2.52 8.48 17.12
N PRO O 237 -2.58 7.16 17.15
CA PRO O 237 -3.61 6.45 16.39
C PRO O 237 -5.01 6.70 16.94
N GLY O 238 -5.55 7.88 16.67
CA GLY O 238 -6.84 8.29 17.21
C GLY O 238 -7.99 8.01 16.26
N LEU O 239 -9.08 7.49 16.82
CA LEU O 239 -10.31 7.29 16.08
C LEU O 239 -11.08 8.60 16.05
N GLN O 240 -12.35 8.57 15.64
CA GLN O 240 -13.23 9.72 15.52
C GLN O 240 -12.98 10.47 14.21
N GLY O 241 -12.06 10.02 13.37
CA GLY O 241 -11.72 10.72 12.15
C GLY O 241 -12.88 11.29 11.37
N ALA O 242 -14.03 10.61 11.40
CA ALA O 242 -15.21 11.07 10.67
C ALA O 242 -16.47 10.63 11.42
N PRO O 243 -17.08 11.51 12.18
CA PRO O 243 -18.40 11.20 12.74
C PRO O 243 -19.52 11.51 11.77
N GLY O 244 -20.21 10.49 11.27
CA GLY O 244 -21.28 10.73 10.33
C GLY O 244 -22.49 11.37 10.97
N ALA O 245 -23.18 10.60 11.81
CA ALA O 245 -24.24 11.13 12.68
C ALA O 245 -24.04 10.59 14.09
N PRO O 246 -22.84 10.70 14.64
CA PRO O 246 -22.54 10.03 15.90
C PRO O 246 -23.57 10.38 16.97
N GLY O 247 -24.05 9.35 17.65
CA GLY O 247 -25.12 9.55 18.60
C GLY O 247 -26.45 9.60 17.88
N SER O 248 -27.43 8.86 18.38
CA SER O 248 -28.74 8.77 17.75
C SER O 248 -29.22 10.13 17.28
N GLN O 249 -29.45 10.25 15.97
CA GLN O 249 -30.02 11.49 15.42
C GLN O 249 -31.53 11.48 15.63
N GLY O 250 -32.22 12.38 14.95
CA GLY O 250 -33.61 12.69 15.27
C GLY O 250 -34.59 11.58 14.95
N ALA O 251 -34.62 10.55 15.82
CA ALA O 251 -35.50 9.41 15.62
C ALA O 251 -36.90 9.91 15.25
N PRO O 252 -37.31 9.72 14.00
CA PRO O 252 -38.60 10.27 13.57
C PRO O 252 -39.74 9.59 14.28
N GLY O 253 -40.64 10.39 14.82
CA GLY O 253 -41.75 9.88 15.62
C GLY O 253 -43.09 10.32 15.04
N LEU O 254 -44.08 9.44 15.16
CA LEU O 254 -45.39 9.69 14.59
C LEU O 254 -45.25 10.33 13.22
N GLN O 255 -44.64 9.59 12.28
CA GLN O 255 -44.46 10.05 10.92
C GLN O 255 -45.69 10.82 10.47
N GLY O 256 -46.88 10.27 10.74
CA GLY O 256 -48.10 11.04 10.76
C GLY O 256 -48.53 11.29 12.20
N ALA O 257 -49.54 12.12 12.35
CA ALA O 257 -50.07 12.34 13.68
C ALA O 257 -51.59 12.35 13.69
N PRO O 258 -52.24 11.38 13.03
CA PRO O 258 -53.71 11.33 13.08
C PRO O 258 -54.17 10.82 14.43
N GLY O 259 -55.17 11.48 15.00
CA GLY O 259 -55.76 11.06 16.25
C GLY O 259 -57.13 10.47 16.00
N ALA O 260 -57.51 9.51 16.84
CA ALA O 260 -58.76 8.81 16.63
C ALA O 260 -59.91 9.80 16.71
N PRO O 261 -60.70 9.96 15.65
CA PRO O 261 -61.83 10.91 15.72
C PRO O 261 -62.95 10.42 16.63
N GLY O 262 -62.73 9.31 17.32
CA GLY O 262 -63.53 8.95 18.47
C GLY O 262 -65.01 8.75 18.22
N SER O 263 -65.38 8.09 17.11
CA SER O 263 -66.73 7.67 16.83
C SER O 263 -67.73 8.81 16.77
N GLN O 264 -67.27 10.07 16.77
CA GLN O 264 -68.20 11.18 16.62
C GLN O 264 -68.94 11.10 15.30
N GLY O 265 -68.23 10.73 14.23
CA GLY O 265 -68.87 10.32 12.99
C GLY O 265 -69.67 9.05 13.09
N ALA O 266 -69.81 8.49 14.30
CA ALA O 266 -70.66 7.35 14.56
C ALA O 266 -71.75 7.73 15.54
N PRO O 267 -72.49 8.83 15.29
CA PRO O 267 -73.48 9.32 16.26
C PRO O 267 -74.86 8.72 16.03
N GLY O 268 -74.95 7.40 16.13
CA GLY O 268 -76.24 6.75 15.96
C GLY O 268 -77.02 6.66 17.25
N LEU O 269 -77.93 7.61 17.45
CA LEU O 269 -78.75 7.65 18.64
C LEU O 269 -80.22 7.85 18.29
N GLN O 270 -80.47 8.58 17.21
CA GLN O 270 -81.83 8.91 16.79
C GLN O 270 -82.35 7.85 15.83
N GLY O 271 -83.47 8.13 15.17
CA GLY O 271 -84.05 7.22 14.22
C GLY O 271 -85.35 7.75 13.66
N ALA O 272 -86.29 6.86 13.38
CA ALA O 272 -87.63 7.25 12.94
C ALA O 272 -88.64 6.37 13.66
N PRO O 273 -89.88 6.85 13.81
CA PRO O 273 -90.95 6.11 14.48
C PRO O 273 -91.15 4.71 13.89
N GLN P 165 78.75 12.68 9.26
CA GLN P 165 77.65 11.96 8.65
C GLN P 165 78.08 11.34 7.33
N GLY P 166 77.12 11.09 6.45
CA GLY P 166 77.39 10.57 5.13
C GLY P 166 77.54 11.61 4.04
N ALA P 167 77.74 12.87 4.40
CA ALA P 167 77.84 13.96 3.44
C ALA P 167 76.63 13.95 2.51
N PRO P 168 75.42 14.07 3.06
CA PRO P 168 74.21 13.96 2.24
C PRO P 168 73.99 15.17 1.34
N GLY P 169 74.73 15.24 0.24
CA GLY P 169 74.61 16.39 -0.64
C GLY P 169 73.21 16.57 -1.19
N ALA P 170 72.54 15.46 -1.50
CA ALA P 170 71.20 15.54 -2.06
C ALA P 170 70.24 16.20 -1.07
N PRO P 171 69.54 17.26 -1.44
CA PRO P 171 68.77 18.03 -0.44
C PRO P 171 67.70 17.24 0.27
N GLY P 172 67.06 16.28 -0.39
CA GLY P 172 65.93 15.59 0.21
C GLY P 172 64.68 16.43 0.28
N SER P 173 64.54 17.41 -0.61
CA SER P 173 63.45 18.38 -0.53
C SER P 173 62.09 17.70 -0.43
N GLN P 174 61.46 17.86 0.72
CA GLN P 174 60.14 17.29 0.98
C GLN P 174 60.03 15.87 0.42
N GLY P 175 61.08 15.08 0.59
CA GLY P 175 61.01 13.69 0.14
C GLY P 175 59.86 12.95 0.79
N ALA P 176 59.43 13.39 1.97
CA ALA P 176 58.24 12.84 2.61
C ALA P 176 57.18 13.93 2.67
N PRO P 177 56.54 14.26 1.55
CA PRO P 177 55.47 15.25 1.58
C PRO P 177 54.32 14.78 2.46
N GLY P 178 53.37 15.68 2.66
CA GLY P 178 52.26 15.40 3.54
C GLY P 178 51.39 14.26 3.03
N LEU P 179 50.24 14.12 3.69
CA LEU P 179 49.29 13.07 3.38
C LEU P 179 47.90 13.66 3.23
N GLN P 180 47.10 13.03 2.37
CA GLN P 180 45.77 13.54 2.01
C GLN P 180 44.71 12.92 2.93
N GLY P 181 44.76 13.34 4.20
CA GLY P 181 43.77 12.93 5.18
C GLY P 181 42.50 13.75 5.21
N ALA P 182 42.46 14.87 4.47
CA ALA P 182 41.24 15.65 4.41
C ALA P 182 40.02 14.87 3.94
N PRO P 183 40.16 13.82 3.13
CA PRO P 183 38.98 13.01 2.80
C PRO P 183 38.32 12.47 4.06
N GLY P 184 36.99 12.42 4.06
CA GLY P 184 36.24 11.94 5.19
C GLY P 184 34.96 12.70 5.43
N ALA P 185 34.52 12.75 6.68
CA ALA P 185 33.28 13.42 7.02
C ALA P 185 32.12 12.75 6.29
N PRO P 186 31.79 11.52 6.64
CA PRO P 186 30.67 10.82 5.97
C PRO P 186 29.31 11.27 6.48
N GLY P 187 29.02 12.56 6.30
CA GLY P 187 27.75 13.13 6.68
C GLY P 187 27.12 13.91 5.54
N SER P 188 27.29 13.40 4.32
CA SER P 188 26.89 14.07 3.09
C SER P 188 25.65 13.43 2.50
N GLN P 189 25.30 13.87 1.28
CA GLN P 189 24.21 13.31 0.50
C GLN P 189 22.85 13.82 0.96
N GLY P 190 21.94 13.99 0.02
CA GLY P 190 20.58 14.38 0.32
C GLY P 190 19.74 13.18 0.70
N ALA P 191 18.43 13.40 0.75
CA ALA P 191 17.53 12.33 1.15
C ALA P 191 16.13 12.54 0.59
N PRO P 192 15.55 11.53 -0.06
CA PRO P 192 14.14 11.62 -0.43
C PRO P 192 13.27 11.73 0.81
N GLY P 193 12.20 12.50 0.69
CA GLY P 193 11.22 12.64 1.75
C GLY P 193 10.09 11.65 1.59
N LEU P 194 8.91 12.03 2.10
CA LEU P 194 7.67 11.31 1.87
C LEU P 194 6.61 12.32 1.38
N GLN P 195 6.61 12.59 0.08
CA GLN P 195 5.48 13.28 -0.55
C GLN P 195 5.65 13.22 -2.06
N GLY P 196 4.75 12.52 -2.73
CA GLY P 196 4.62 12.73 -4.15
C GLY P 196 3.89 14.03 -4.35
N ALA P 197 2.61 14.05 -4.00
CA ALA P 197 1.84 15.28 -3.88
C ALA P 197 0.43 14.97 -3.40
N PRO P 198 -0.33 15.99 -2.99
CA PRO P 198 -1.72 15.76 -2.58
C PRO P 198 -2.58 15.19 -3.69
N GLY P 199 -3.87 14.95 -3.39
CA GLY P 199 -4.80 14.42 -4.35
C GLY P 199 -5.89 15.41 -4.73
N ALA P 200 -6.92 14.87 -5.37
CA ALA P 200 -8.09 15.62 -5.78
C ALA P 200 -9.36 14.95 -5.25
N PRO P 201 -10.45 15.70 -5.09
CA PRO P 201 -11.62 15.15 -4.40
C PRO P 201 -12.31 14.02 -5.15
N GLY P 202 -13.37 13.48 -4.55
CA GLY P 202 -14.05 12.32 -5.11
C GLY P 202 -14.18 11.16 -4.13
N SER P 203 -15.41 10.85 -3.75
CA SER P 203 -15.75 9.69 -2.94
C SER P 203 -17.27 9.69 -2.77
N GLN P 204 -17.78 8.60 -2.18
CA GLN P 204 -19.22 8.49 -1.94
C GLN P 204 -19.61 7.09 -1.46
N GLY P 205 -19.86 6.18 -2.40
CA GLY P 205 -20.41 4.89 -2.07
C GLY P 205 -21.93 4.92 -2.02
N ALA P 206 -22.46 5.55 -0.98
CA ALA P 206 -23.89 5.86 -0.88
C ALA P 206 -24.08 7.02 0.09
N PRO P 207 -24.25 8.24 -0.40
CA PRO P 207 -24.26 9.40 0.51
C PRO P 207 -25.61 9.65 1.17
N GLY P 208 -26.25 8.59 1.66
CA GLY P 208 -27.54 8.74 2.30
C GLY P 208 -28.72 8.84 1.37
N LEU P 209 -29.00 7.78 0.62
CA LEU P 209 -30.15 7.76 -0.28
C LEU P 209 -31.43 8.03 0.50
N GLN P 210 -32.30 8.85 -0.08
CA GLN P 210 -33.49 9.33 0.62
C GLN P 210 -34.79 8.89 -0.04
N GLY P 211 -34.98 9.18 -1.32
CA GLY P 211 -36.21 8.83 -2.00
C GLY P 211 -37.21 9.96 -2.08
N ALA P 212 -37.75 10.17 -3.28
CA ALA P 212 -38.64 11.29 -3.57
C ALA P 212 -39.89 11.25 -2.71
N PRO P 213 -40.71 12.30 -2.75
CA PRO P 213 -41.96 12.29 -1.97
C PRO P 213 -42.93 11.25 -2.50
N GLY P 214 -43.91 10.92 -1.66
CA GLY P 214 -44.81 9.83 -1.96
C GLY P 214 -45.78 10.10 -3.09
N ALA P 215 -46.77 10.96 -2.86
CA ALA P 215 -47.72 11.29 -3.91
C ALA P 215 -48.62 12.44 -3.49
N PRO P 216 -49.46 12.95 -4.39
CA PRO P 216 -50.41 14.01 -4.02
C PRO P 216 -51.77 13.46 -3.63
N GLY P 217 -52.41 14.18 -2.72
CA GLY P 217 -53.66 13.75 -2.14
C GLY P 217 -54.62 13.14 -3.14
N SER P 218 -54.96 11.87 -2.93
CA SER P 218 -55.83 11.16 -3.85
C SER P 218 -57.27 11.63 -3.65
N GLN P 219 -58.19 10.94 -4.33
CA GLN P 219 -59.61 11.11 -4.04
C GLN P 219 -60.06 10.25 -2.86
N GLY P 220 -59.21 9.36 -2.37
CA GLY P 220 -59.56 8.56 -1.21
C GLY P 220 -60.79 7.71 -1.47
N ALA P 221 -61.78 7.85 -0.60
CA ALA P 221 -63.01 7.05 -0.66
C ALA P 221 -64.22 7.97 -0.66
N PRO P 222 -64.41 8.75 -1.72
CA PRO P 222 -65.52 9.70 -1.76
C PRO P 222 -66.85 9.00 -1.46
N GLY P 223 -67.62 9.61 -0.56
CA GLY P 223 -68.87 9.03 -0.12
C GLY P 223 -69.96 9.19 -1.13
N LEU P 224 -71.15 8.70 -0.77
CA LEU P 224 -72.32 8.84 -1.62
C LEU P 224 -73.40 9.70 -0.98
N GLN P 225 -73.87 9.33 0.21
CA GLN P 225 -74.91 10.09 0.89
C GLN P 225 -75.23 9.39 2.21
N GLY P 226 -76.05 10.06 3.02
CA GLY P 226 -76.48 9.46 4.28
C GLY P 226 -77.36 8.24 4.08
N ALA P 227 -78.32 8.32 3.16
CA ALA P 227 -79.22 7.21 2.88
C ALA P 227 -79.91 7.42 1.54
N PRO P 228 -79.96 6.39 0.69
CA PRO P 228 -80.57 6.54 -0.63
C PRO P 228 -82.04 6.13 -0.67
N GLY P 229 -82.67 6.33 -1.83
CA GLY P 229 -84.00 5.82 -2.09
C GLY P 229 -85.06 6.86 -2.43
N ALA P 230 -85.13 7.96 -1.70
CA ALA P 230 -85.96 9.07 -2.13
C ALA P 230 -85.83 10.26 -1.18
N PRO P 231 -85.92 11.49 -1.68
CA PRO P 231 -85.78 12.65 -0.79
C PRO P 231 -87.12 13.18 -0.33
N GLY P 232 -88.21 12.61 -0.87
CA GLY P 232 -89.54 13.05 -0.51
C GLY P 232 -89.89 12.69 0.92
N SER P 233 -90.93 13.35 1.42
CA SER P 233 -91.38 13.11 2.78
C SER P 233 -91.85 11.66 2.95
N GLN P 234 -91.56 11.08 4.10
CA GLN P 234 -91.94 9.71 4.38
C GLN P 234 -93.41 9.61 4.79
N GLY Q 169 73.41 16.81 6.53
CA GLY Q 169 72.26 16.27 7.23
C GLY Q 169 71.06 16.05 6.35
N ALA Q 170 71.24 16.24 5.04
CA ALA Q 170 70.15 16.06 4.10
C ALA Q 170 69.76 14.59 4.01
N PRO Q 171 68.56 14.31 3.52
CA PRO Q 171 68.11 12.93 3.37
C PRO Q 171 68.38 12.31 2.00
N GLY Q 172 69.06 13.02 1.10
CA GLY Q 172 69.45 12.45 -0.17
C GLY Q 172 68.36 12.45 -1.23
N SER Q 173 67.90 13.64 -1.61
CA SER Q 173 66.87 13.90 -2.61
C SER Q 173 65.48 13.53 -2.10
N GLN Q 174 65.36 12.92 -0.94
CA GLN Q 174 64.08 12.58 -0.32
C GLN Q 174 64.35 12.26 1.14
N GLY Q 175 63.38 12.57 1.99
CA GLY Q 175 63.56 12.36 3.41
C GLY Q 175 63.13 13.55 4.24
N ALA Q 176 62.45 14.50 3.63
CA ALA Q 176 61.83 15.58 4.39
C ALA Q 176 60.47 15.10 4.88
N PRO Q 177 60.35 14.78 6.16
CA PRO Q 177 59.14 14.11 6.65
C PRO Q 177 57.93 15.01 6.81
N GLY Q 178 57.95 16.21 6.22
CA GLY Q 178 56.81 17.08 6.33
C GLY Q 178 55.54 16.42 5.83
N LEU Q 179 54.67 16.03 6.74
CA LEU Q 179 53.46 15.28 6.42
C LEU Q 179 52.22 16.08 6.79
N GLN Q 180 51.08 15.65 6.24
CA GLN Q 180 49.82 16.35 6.35
C GLN Q 180 48.75 15.42 6.90
N GLY Q 181 49.08 14.76 8.01
CA GLY Q 181 48.13 13.84 8.61
C GLY Q 181 46.83 14.53 8.97
N ALA Q 182 45.72 13.87 8.63
CA ALA Q 182 44.38 14.32 9.00
C ALA Q 182 44.11 15.78 8.64
N PRO Q 183 44.16 16.12 7.36
CA PRO Q 183 43.74 17.48 6.95
C PRO Q 183 42.35 17.84 7.45
N GLY Q 184 41.43 16.89 7.49
CA GLY Q 184 40.12 17.14 8.05
C GLY Q 184 39.09 16.22 7.43
N ALA Q 185 37.83 16.50 7.75
CA ALA Q 185 36.68 15.79 7.22
C ALA Q 185 35.65 16.82 6.77
N PRO Q 186 35.81 17.37 5.56
CA PRO Q 186 34.88 18.41 5.10
C PRO Q 186 33.59 17.88 4.49
N GLY Q 187 33.53 16.59 4.14
CA GLY Q 187 32.43 16.07 3.36
C GLY Q 187 31.17 15.75 4.14
N SER Q 188 31.08 16.22 5.38
CA SER Q 188 29.90 15.96 6.21
C SER Q 188 28.81 17.01 5.99
N GLN Q 189 28.39 17.17 4.73
CA GLN Q 189 27.38 18.17 4.43
C GLN Q 189 25.99 17.71 4.88
N GLY Q 190 25.48 16.66 4.24
CA GLY Q 190 24.16 16.15 4.59
C GLY Q 190 23.08 17.00 3.96
N ALA Q 191 22.06 16.37 3.38
CA ALA Q 191 20.99 17.15 2.77
C ALA Q 191 19.68 16.36 2.72
N PRO Q 192 19.20 15.84 3.85
CA PRO Q 192 17.94 15.10 3.82
C PRO Q 192 16.81 15.93 3.24
N GLY Q 193 16.33 15.56 2.05
CA GLY Q 193 15.25 16.32 1.44
C GLY Q 193 13.99 16.31 2.29
N LEU Q 194 13.61 15.13 2.75
CA LEU Q 194 12.54 14.96 3.74
C LEU Q 194 11.35 15.86 3.41
N GLN Q 195 10.80 15.69 2.21
CA GLN Q 195 9.61 16.44 1.84
C GLN Q 195 8.53 16.26 2.90
N GLY Q 196 8.25 15.02 3.27
CA GLY Q 196 7.38 14.74 4.40
C GLY Q 196 6.01 15.38 4.31
N ALA Q 197 5.38 15.34 3.14
CA ALA Q 197 4.13 16.04 2.91
C ALA Q 197 3.02 15.03 2.58
N PRO Q 198 1.93 15.03 3.34
CA PRO Q 198 0.76 14.25 2.92
C PRO Q 198 0.02 14.94 1.78
N GLY Q 199 -1.14 14.42 1.41
CA GLY Q 199 -1.92 14.97 0.33
C GLY Q 199 -2.88 16.05 0.80
N ALA Q 200 -3.89 16.29 -0.01
CA ALA Q 200 -4.89 17.33 0.25
C ALA Q 200 -6.28 16.72 0.09
N PRO Q 201 -6.63 15.77 0.95
CA PRO Q 201 -7.90 15.04 0.81
C PRO Q 201 -9.13 15.88 1.14
N GLY Q 202 -9.32 16.96 0.38
CA GLY Q 202 -10.49 17.79 0.53
C GLY Q 202 -11.73 17.15 -0.05
N SER Q 203 -12.22 16.10 0.61
CA SER Q 203 -13.39 15.38 0.14
C SER Q 203 -14.51 16.34 -0.22
N GLN Q 204 -14.98 16.25 -1.46
CA GLN Q 204 -16.09 17.08 -1.88
C GLN Q 204 -17.34 16.74 -1.07
N GLY Q 205 -18.35 17.59 -1.21
CA GLY Q 205 -19.64 17.33 -0.61
C GLY Q 205 -20.49 16.43 -1.48
N ALA Q 206 -21.77 16.40 -1.17
CA ALA Q 206 -22.74 15.64 -1.95
C ALA Q 206 -23.58 16.59 -2.78
N PRO Q 207 -23.47 16.57 -4.11
CA PRO Q 207 -24.25 17.52 -4.93
C PRO Q 207 -25.74 17.46 -4.63
N GLY Q 208 -26.29 16.27 -4.40
CA GLY Q 208 -27.64 16.17 -3.90
C GLY Q 208 -27.64 15.98 -2.41
N LEU Q 209 -26.83 15.03 -1.94
CA LEU Q 209 -26.70 14.78 -0.50
C LEU Q 209 -28.08 14.35 0.01
N GLN Q 210 -28.35 14.57 1.29
CA GLN Q 210 -29.56 14.05 1.92
C GLN Q 210 -30.71 15.03 1.67
N GLY Q 211 -31.13 15.07 0.41
CA GLY Q 211 -32.35 15.81 0.08
C GLY Q 211 -33.53 15.30 0.88
N ALA Q 212 -33.67 13.98 0.94
CA ALA Q 212 -34.58 13.34 1.88
C ALA Q 212 -36.03 13.69 1.61
N PRO Q 213 -36.52 13.50 0.38
CA PRO Q 213 -37.94 13.77 0.11
C PRO Q 213 -38.82 12.97 1.05
N GLY Q 214 -39.85 13.63 1.57
CA GLY Q 214 -40.64 13.01 2.61
C GLY Q 214 -41.20 11.66 2.22
N ALA Q 215 -41.42 11.46 0.92
CA ALA Q 215 -42.09 10.26 0.42
C ALA Q 215 -43.31 9.93 1.26
N PRO Q 216 -44.13 10.93 1.63
CA PRO Q 216 -45.31 10.62 2.47
C PRO Q 216 -46.27 9.63 1.83
N GLY Q 217 -46.48 9.73 0.52
CA GLY Q 217 -47.42 8.87 -0.15
C GLY Q 217 -48.82 9.42 -0.09
N SER Q 218 -49.46 9.57 -1.24
CA SER Q 218 -50.73 10.28 -1.31
C SER Q 218 -51.82 9.58 -0.52
N GLN Q 219 -52.22 10.17 0.61
CA GLN Q 219 -53.38 9.71 1.34
C GLN Q 219 -54.64 10.48 0.98
N GLY Q 220 -54.53 11.60 0.28
CA GLY Q 220 -55.66 12.46 0.00
C GLY Q 220 -56.89 11.64 -0.28
N ALA Q 221 -57.96 11.86 0.48
CA ALA Q 221 -59.12 10.98 0.46
C ALA Q 221 -60.40 11.80 0.55
N PRO Q 222 -60.74 12.53 -0.50
CA PRO Q 222 -62.09 13.11 -0.54
C PRO Q 222 -63.09 11.98 -0.51
N GLY Q 223 -63.78 11.83 0.61
CA GLY Q 223 -64.54 10.63 0.86
C GLY Q 223 -65.86 10.89 1.55
N LEU Q 224 -66.48 12.02 1.27
CA LEU Q 224 -67.70 12.42 1.96
C LEU Q 224 -68.71 12.98 0.97
N GLN Q 225 -69.66 12.15 0.56
CA GLN Q 225 -70.91 12.60 -0.03
C GLN Q 225 -72.09 12.22 0.86
N GLY Q 226 -71.81 11.90 2.13
CA GLY Q 226 -72.79 11.31 3.01
C GLY Q 226 -73.96 12.19 3.41
N ALA Q 227 -74.13 13.32 2.75
CA ALA Q 227 -75.33 14.12 2.98
C ALA Q 227 -76.55 13.26 2.64
N PRO Q 228 -77.65 13.41 3.37
CA PRO Q 228 -78.77 12.49 3.17
C PRO Q 228 -79.12 12.38 1.69
N GLY Q 229 -78.83 11.22 1.11
CA GLY Q 229 -79.00 11.05 -0.31
C GLY Q 229 -80.41 10.65 -0.67
N ALA Q 230 -81.38 11.39 -0.14
CA ALA Q 230 -82.77 11.06 -0.37
C ALA Q 230 -83.01 9.64 0.13
N PRO Q 231 -82.95 9.43 1.45
CA PRO Q 231 -83.11 8.07 1.99
C PRO Q 231 -84.43 7.45 1.56
N GLY Q 232 -84.39 6.14 1.31
CA GLY Q 232 -85.56 5.42 0.86
C GLY Q 232 -86.59 5.26 1.96
N SER Q 233 -87.01 6.38 2.54
CA SER Q 233 -88.00 6.43 3.61
C SER Q 233 -89.03 7.46 3.20
N GLN Q 234 -90.03 7.03 2.43
CA GLN Q 234 -91.04 7.93 1.89
C GLN Q 234 -92.43 7.35 2.07
N GLY R 166 80.41 15.06 6.75
CA GLY R 166 81.45 15.84 6.11
C GLY R 166 80.92 16.87 5.14
N ALA R 167 79.87 16.49 4.40
CA ALA R 167 79.22 17.36 3.42
C ALA R 167 77.71 17.34 3.66
N PRO R 168 77.25 17.99 4.72
CA PRO R 168 75.80 18.03 4.98
C PRO R 168 75.08 18.71 3.83
N GLY R 169 73.87 18.23 3.55
CA GLY R 169 73.14 18.70 2.39
C GLY R 169 71.80 19.33 2.66
N ALA R 170 71.60 19.90 3.85
CA ALA R 170 70.38 20.64 4.12
C ALA R 170 69.17 19.73 3.96
N PRO R 171 68.91 18.82 4.90
CA PRO R 171 67.77 17.90 4.76
C PRO R 171 66.52 18.57 4.23
N GLY R 172 65.74 17.84 3.44
CA GLY R 172 64.65 18.44 2.69
C GLY R 172 63.69 19.20 3.57
N SER R 173 62.80 19.92 2.89
CA SER R 173 61.79 20.74 3.57
C SER R 173 60.70 19.84 4.14
N GLN R 174 60.53 19.86 5.45
CA GLN R 174 59.48 19.11 6.11
C GLN R 174 58.18 19.91 6.08
N GLY R 175 57.70 20.13 4.86
CA GLY R 175 56.51 20.94 4.63
C GLY R 175 55.40 20.66 5.62
N ALA R 176 54.91 19.44 5.64
CA ALA R 176 53.89 19.00 6.59
C ALA R 176 52.72 19.99 6.69
N PRO R 177 52.12 20.37 5.56
CA PRO R 177 50.98 21.31 5.63
C PRO R 177 49.82 20.79 6.47
N GLY R 178 49.70 19.48 6.63
CA GLY R 178 48.64 18.89 7.41
C GLY R 178 47.30 18.77 6.71
N LEU R 179 47.12 19.40 5.55
CA LEU R 179 45.80 19.55 4.96
C LEU R 179 45.83 19.31 3.45
N GLN R 180 46.38 18.17 3.02
CA GLN R 180 46.47 17.85 1.60
C GLN R 180 45.48 16.75 1.18
N GLY R 181 44.41 16.56 1.96
CA GLY R 181 43.45 15.53 1.62
C GLY R 181 42.47 15.95 0.55
N ALA R 182 41.96 14.94 -0.18
CA ALA R 182 41.02 15.15 -1.28
C ALA R 182 39.82 14.22 -1.12
N PRO R 183 38.88 14.56 -0.24
CA PRO R 183 37.69 13.72 -0.08
C PRO R 183 36.86 13.67 -1.35
N GLY R 184 36.23 12.52 -1.57
CA GLY R 184 35.28 12.37 -2.66
C GLY R 184 33.86 12.35 -2.16
N ALA R 185 33.14 13.45 -2.34
CA ALA R 185 31.78 13.56 -1.84
C ALA R 185 30.80 12.87 -2.77
N PRO R 186 29.89 12.05 -2.26
CA PRO R 186 28.88 11.42 -3.12
C PRO R 186 27.72 12.35 -3.43
N GLY R 187 27.89 13.65 -3.19
CA GLY R 187 26.85 14.62 -3.50
C GLY R 187 25.70 14.53 -2.52
N SER R 188 24.97 15.64 -2.35
CA SER R 188 23.89 15.72 -1.36
C SER R 188 22.66 16.35 -2.02
N GLN R 189 21.80 15.52 -2.60
CA GLN R 189 20.52 15.99 -3.10
C GLN R 189 19.39 15.06 -2.65
N GLY R 190 19.68 13.77 -2.53
CA GLY R 190 18.62 12.82 -2.22
C GLY R 190 17.54 12.85 -3.28
N ALA R 191 16.29 12.83 -2.83
CA ALA R 191 15.15 12.87 -3.73
C ALA R 191 13.90 13.28 -2.99
N PRO R 192 13.82 14.53 -2.51
CA PRO R 192 12.67 14.92 -1.68
C PRO R 192 11.35 14.61 -2.36
N GLY R 193 10.43 14.04 -1.60
CA GLY R 193 9.17 13.58 -2.15
C GLY R 193 9.03 12.08 -2.05
N LEU R 194 8.50 11.44 -3.09
CA LEU R 194 8.47 9.99 -3.17
C LEU R 194 7.55 9.37 -2.12
N GLN R 195 6.30 9.85 -2.07
CA GLN R 195 5.27 9.25 -1.23
C GLN R 195 3.95 9.16 -1.98
N GLY R 196 4.00 8.74 -3.24
CA GLY R 196 2.77 8.60 -4.00
C GLY R 196 2.04 9.93 -4.10
N ALA R 197 0.72 9.87 -4.11
CA ALA R 197 -0.13 11.05 -4.21
C ALA R 197 -1.08 11.04 -3.03
N PRO R 198 -0.60 11.38 -1.85
CA PRO R 198 -1.46 11.34 -0.66
C PRO R 198 -2.64 12.28 -0.78
N GLY R 199 -3.49 12.29 0.24
CA GLY R 199 -4.70 13.09 0.23
C GLY R 199 -5.86 12.37 -0.44
N ALA R 200 -5.86 12.33 -1.77
CA ALA R 200 -6.92 11.70 -2.56
C ALA R 200 -8.29 12.06 -1.96
N PRO R 201 -8.67 13.33 -2.00
CA PRO R 201 -9.91 13.75 -1.34
C PRO R 201 -11.10 12.89 -1.74
N GLY R 202 -12.05 12.79 -0.83
CA GLY R 202 -13.31 12.13 -1.08
C GLY R 202 -14.33 13.08 -1.68
N SER R 203 -15.58 12.71 -1.53
CA SER R 203 -16.69 13.54 -2.02
C SER R 203 -17.99 12.88 -1.56
N GLN R 204 -19.11 13.45 -1.98
CA GLN R 204 -20.41 12.84 -1.78
C GLN R 204 -21.27 13.16 -3.00
N GLY R 205 -22.53 12.75 -2.97
CA GLY R 205 -23.40 12.94 -4.12
C GLY R 205 -24.86 13.10 -3.79
N ALA R 206 -25.73 12.94 -4.79
CA ALA R 206 -27.16 13.08 -4.59
C ALA R 206 -27.78 11.70 -4.39
N PRO R 207 -27.87 11.23 -3.15
CA PRO R 207 -28.46 9.91 -2.90
C PRO R 207 -29.98 9.97 -2.83
N GLY R 208 -30.64 9.86 -3.97
CA GLY R 208 -32.07 9.97 -4.02
C GLY R 208 -32.50 11.41 -4.18
N LEU R 209 -33.79 11.60 -4.47
CA LEU R 209 -34.31 12.94 -4.65
C LEU R 209 -33.91 13.81 -3.47
N GLN R 210 -33.74 15.10 -3.73
CA GLN R 210 -33.27 16.04 -2.72
C GLN R 210 -34.34 17.08 -2.43
N GLY R 211 -34.05 17.94 -1.46
CA GLY R 211 -34.98 18.93 -1.01
C GLY R 211 -36.02 18.43 -0.04
N ALA R 212 -36.00 17.15 0.30
CA ALA R 212 -37.00 16.55 1.18
C ALA R 212 -38.39 16.89 0.71
N PRO R 213 -38.70 16.77 -0.58
CA PRO R 213 -40.04 17.12 -1.05
C PRO R 213 -41.09 16.34 -0.28
N GLY R 214 -41.99 17.08 0.38
CA GLY R 214 -43.18 16.47 0.92
C GLY R 214 -43.87 15.75 -0.21
N ALA R 215 -44.75 14.82 0.10
CA ALA R 215 -45.28 13.94 -0.93
C ALA R 215 -45.76 14.79 -2.11
N PRO R 216 -45.62 14.30 -3.34
CA PRO R 216 -46.07 15.07 -4.50
C PRO R 216 -47.37 15.80 -4.21
N GLY R 217 -47.51 17.01 -4.72
CA GLY R 217 -48.58 17.87 -4.26
C GLY R 217 -48.66 17.82 -2.75
N SER R 218 -49.79 17.37 -2.22
CA SER R 218 -49.92 17.06 -0.80
C SER R 218 -50.56 15.69 -0.70
N GLN R 219 -49.77 14.69 -0.32
CA GLN R 219 -50.21 13.31 -0.32
C GLN R 219 -51.61 13.14 0.24
N GLY R 220 -51.98 13.97 1.22
CA GLY R 220 -53.28 13.84 1.84
C GLY R 220 -54.11 15.10 1.82
N ALA R 221 -53.72 16.06 0.98
CA ALA R 221 -54.42 17.34 0.95
C ALA R 221 -55.93 17.19 0.78
N PRO R 222 -56.43 16.42 -0.18
CA PRO R 222 -57.88 16.21 -0.25
C PRO R 222 -58.36 15.30 0.88
N GLY R 223 -58.44 15.86 2.08
CA GLY R 223 -58.93 15.13 3.23
C GLY R 223 -60.44 15.09 3.24
N LEU R 224 -61.01 14.28 2.37
CA LEU R 224 -62.46 14.18 2.20
C LEU R 224 -62.97 15.37 1.42
N GLN R 225 -64.29 15.55 1.40
CA GLN R 225 -64.90 16.68 0.71
C GLN R 225 -66.35 16.75 1.17
N GLY R 226 -66.95 17.92 0.95
CA GLY R 226 -68.32 18.13 1.38
C GLY R 226 -69.25 17.02 0.93
N ALA R 227 -70.06 16.51 1.84
CA ALA R 227 -71.02 15.47 1.52
C ALA R 227 -72.22 16.07 0.81
N PRO R 228 -72.34 15.89 -0.50
CA PRO R 228 -73.55 16.36 -1.20
C PRO R 228 -74.70 15.40 -1.01
N GLY R 229 -74.43 14.10 -1.07
CA GLY R 229 -75.47 13.11 -0.97
C GLY R 229 -76.63 13.42 -1.91
N ALA R 230 -77.76 13.78 -1.32
CA ALA R 230 -78.93 14.23 -2.06
C ALA R 230 -79.71 15.17 -1.16
N PRO R 231 -80.85 15.72 -1.61
CA PRO R 231 -81.64 16.57 -0.72
C PRO R 231 -82.10 15.86 0.55
N GLY R 232 -82.13 14.53 0.54
CA GLY R 232 -82.56 13.77 1.69
C GLY R 232 -84.07 13.69 1.78
N SER R 233 -84.53 12.71 2.56
CA SER R 233 -85.97 12.51 2.73
C SER R 233 -86.59 13.76 3.35
N GLN R 234 -87.68 14.23 2.73
CA GLN R 234 -88.35 15.42 3.24
C GLN R 234 -88.95 15.13 4.62
N GLY R 235 -88.90 16.14 5.48
CA GLY R 235 -89.45 16.02 6.83
C GLY R 235 -90.94 15.76 6.84
N GLY S 193 97.03 3.79 -9.84
CA GLY S 193 96.48 2.71 -10.64
C GLY S 193 95.22 3.11 -11.40
N LEU S 194 94.09 2.51 -11.03
CA LEU S 194 92.81 2.77 -11.67
C LEU S 194 91.75 3.04 -10.62
N GLN S 195 90.76 3.84 -11.00
CA GLN S 195 89.68 4.25 -10.10
C GLN S 195 88.43 3.44 -10.39
N GLY S 196 87.89 2.79 -9.35
CA GLY S 196 86.67 2.03 -9.52
C GLY S 196 85.49 2.94 -9.77
N ALA S 197 84.74 2.64 -10.83
CA ALA S 197 83.59 3.48 -11.17
C ALA S 197 82.55 3.40 -10.07
N PRO S 198 82.00 4.54 -9.62
CA PRO S 198 80.99 4.50 -8.56
C PRO S 198 79.79 3.67 -9.00
N GLY S 199 79.44 2.68 -8.19
CA GLY S 199 78.25 1.90 -8.47
C GLY S 199 77.04 2.81 -8.58
N ALA S 200 76.18 2.51 -9.54
CA ALA S 200 75.02 3.35 -9.79
C ALA S 200 73.98 3.16 -8.67
N PRO S 201 73.06 4.11 -8.54
CA PRO S 201 71.94 3.92 -7.61
C PRO S 201 71.01 2.83 -8.13
N GLY S 202 71.08 1.65 -7.52
CA GLY S 202 70.42 0.49 -8.09
C GLY S 202 69.53 -0.25 -7.12
N SER S 203 68.82 0.47 -6.26
CA SER S 203 67.92 -0.13 -5.29
C SER S 203 66.55 0.51 -5.40
N GLN S 204 66.04 0.61 -6.63
CA GLN S 204 64.83 1.40 -6.87
C GLN S 204 63.64 0.73 -6.23
N GLY S 205 63.34 1.09 -4.98
CA GLY S 205 62.19 0.55 -4.30
C GLY S 205 60.92 1.23 -4.74
N ALA S 206 59.91 0.43 -5.05
CA ALA S 206 58.58 0.95 -5.33
C ALA S 206 57.80 0.97 -4.02
N PRO S 207 57.61 2.15 -3.42
CA PRO S 207 56.89 2.20 -2.14
C PRO S 207 55.45 1.71 -2.27
N GLY S 208 54.70 1.74 -1.19
CA GLY S 208 53.32 1.29 -1.23
C GLY S 208 52.53 2.00 -2.33
N LEU S 209 51.33 1.48 -2.57
CA LEU S 209 50.49 1.99 -3.64
C LEU S 209 49.07 2.16 -3.14
N GLN S 210 48.23 2.76 -3.99
CA GLN S 210 46.86 3.10 -3.63
C GLN S 210 45.83 2.14 -4.20
N GLY S 211 46.20 1.29 -5.15
CA GLY S 211 45.22 0.32 -5.60
C GLY S 211 44.02 0.98 -6.23
N ALA S 212 42.88 0.31 -6.12
CA ALA S 212 41.68 0.69 -6.86
C ALA S 212 40.48 0.79 -5.94
N PRO S 213 39.52 1.63 -6.31
CA PRO S 213 38.34 1.87 -5.46
C PRO S 213 37.22 0.88 -5.70
N GLY S 214 36.06 1.15 -5.10
CA GLY S 214 34.94 0.23 -5.09
C GLY S 214 34.34 -0.15 -6.43
N ALA S 215 34.94 0.27 -7.55
CA ALA S 215 34.54 -0.20 -8.87
C ALA S 215 33.36 0.58 -9.45
N PRO S 216 33.03 0.37 -10.73
CA PRO S 216 32.06 1.23 -11.42
C PRO S 216 30.60 0.87 -11.13
N GLY S 217 30.36 0.10 -10.07
CA GLY S 217 29.01 -0.35 -9.75
C GLY S 217 28.01 0.76 -9.48
N SER S 218 26.82 0.40 -8.99
CA SER S 218 25.75 1.36 -8.77
C SER S 218 24.70 0.71 -7.86
N GLN S 219 23.52 1.32 -7.79
CA GLN S 219 22.40 0.77 -7.04
C GLN S 219 21.11 1.37 -7.61
N GLY S 220 20.17 0.51 -8.01
CA GLY S 220 18.99 0.97 -8.72
C GLY S 220 17.67 0.31 -8.37
N ALA S 221 17.51 -0.12 -7.12
CA ALA S 221 16.28 -0.79 -6.70
C ALA S 221 15.08 0.15 -6.75
N PRO S 222 14.11 -0.08 -7.66
CA PRO S 222 12.84 0.68 -7.65
C PRO S 222 11.83 0.07 -6.70
N GLY S 223 11.99 0.39 -5.41
CA GLY S 223 11.24 -0.26 -4.37
C GLY S 223 9.73 -0.31 -4.53
N LEU S 224 9.12 -1.29 -3.87
CA LEU S 224 7.70 -1.57 -4.04
C LEU S 224 6.85 -0.36 -3.68
N GLN S 225 5.68 -0.30 -4.29
CA GLN S 225 4.78 0.84 -4.13
C GLN S 225 4.25 0.89 -2.71
N GLY S 226 3.39 1.86 -2.45
CA GLY S 226 2.57 1.82 -1.26
C GLY S 226 1.29 1.11 -1.65
N ALA S 227 0.22 1.85 -1.87
CA ALA S 227 -0.96 1.26 -2.46
C ALA S 227 -0.68 0.87 -3.91
N PRO S 228 -1.06 -0.32 -4.34
CA PRO S 228 -0.96 -0.67 -5.76
C PRO S 228 -2.18 -0.18 -6.53
N GLY S 229 -2.30 -0.56 -7.80
CA GLY S 229 -3.49 -0.24 -8.54
C GLY S 229 -3.94 -1.29 -9.53
N ALA S 230 -5.20 -1.70 -9.43
CA ALA S 230 -5.79 -2.65 -10.36
C ALA S 230 -6.84 -1.90 -11.17
N PRO S 231 -6.41 -1.04 -12.09
CA PRO S 231 -7.29 0.00 -12.63
C PRO S 231 -8.75 -0.37 -12.81
N GLY S 232 -9.62 0.52 -12.36
CA GLY S 232 -11.03 0.49 -12.69
C GLY S 232 -11.87 1.00 -11.54
N SER S 233 -13.15 1.24 -11.83
CA SER S 233 -14.06 1.92 -10.93
C SER S 233 -15.26 1.05 -10.65
N GLN S 234 -15.36 0.52 -9.43
CA GLN S 234 -16.44 -0.38 -9.08
C GLN S 234 -17.67 0.42 -8.66
N GLY S 235 -18.41 0.87 -9.65
CA GLY S 235 -19.74 1.38 -9.36
C GLY S 235 -20.51 0.31 -8.63
N ALA S 236 -21.21 0.66 -7.56
CA ALA S 236 -21.84 -0.32 -6.70
C ALA S 236 -23.33 -0.04 -6.53
N PRO S 237 -24.18 -1.02 -6.75
CA PRO S 237 -25.63 -0.78 -6.80
C PRO S 237 -26.25 -0.22 -5.54
N GLY S 238 -27.54 0.10 -5.64
CA GLY S 238 -28.38 0.38 -4.49
C GLY S 238 -29.44 -0.69 -4.39
N LEU S 239 -30.64 -0.34 -3.92
CA LEU S 239 -31.73 -1.30 -3.89
C LEU S 239 -33.04 -0.54 -4.09
N GLN S 240 -34.16 -1.18 -3.77
CA GLN S 240 -35.49 -0.59 -3.92
C GLN S 240 -35.72 -0.16 -5.38
N GLY S 241 -35.75 -1.14 -6.26
CA GLY S 241 -35.98 -0.84 -7.66
C GLY S 241 -37.39 -0.32 -7.85
N ALA S 242 -37.70 0.79 -7.16
CA ALA S 242 -39.06 1.26 -7.01
C ALA S 242 -39.92 0.14 -6.43
N PRO S 243 -39.68 -0.25 -5.18
CA PRO S 243 -40.41 -1.39 -4.60
C PRO S 243 -41.92 -1.24 -4.73
N GLY S 244 -42.37 -0.01 -4.98
CA GLY S 244 -43.79 0.25 -5.08
C GLY S 244 -44.16 0.97 -6.36
N ALA S 245 -43.35 0.79 -7.40
CA ALA S 245 -43.55 1.49 -8.67
C ALA S 245 -43.50 0.48 -9.81
N PRO S 246 -44.47 -0.43 -9.86
CA PRO S 246 -44.58 -1.35 -11.00
C PRO S 246 -45.34 -0.69 -12.14
N GLY S 247 -45.39 0.63 -12.11
CA GLY S 247 -46.31 1.38 -12.95
C GLY S 247 -47.72 1.29 -12.43
N SER S 248 -47.88 1.39 -11.12
CA SER S 248 -49.13 1.04 -10.47
C SER S 248 -49.48 -0.36 -11.01
N GLN S 249 -50.69 -0.58 -11.49
CA GLN S 249 -51.07 -1.88 -12.01
C GLN S 249 -52.52 -1.82 -12.48
N GLY S 250 -53.01 -2.90 -13.07
CA GLY S 250 -54.42 -3.01 -13.37
C GLY S 250 -55.28 -2.62 -12.19
N ALA S 251 -56.10 -1.58 -12.37
CA ALA S 251 -56.92 -1.05 -11.28
C ALA S 251 -58.39 -0.92 -11.71
N PRO S 252 -58.96 -1.97 -12.28
CA PRO S 252 -60.36 -1.90 -12.74
C PRO S 252 -61.37 -2.10 -11.62
N GLY S 253 -61.70 -1.02 -10.90
CA GLY S 253 -62.64 -1.14 -9.82
C GLY S 253 -63.26 0.16 -9.36
N LEU S 254 -64.57 0.12 -9.09
CA LEU S 254 -65.27 1.24 -8.46
C LEU S 254 -66.62 0.65 -8.03
N GLN S 255 -67.57 1.52 -7.69
CA GLN S 255 -68.73 1.17 -6.88
C GLN S 255 -69.33 -0.20 -7.18
N GLY S 256 -69.79 -0.87 -6.12
CA GLY S 256 -70.38 -2.18 -6.23
C GLY S 256 -71.86 -2.15 -6.52
N ALA S 257 -72.67 -2.69 -5.61
CA ALA S 257 -74.12 -2.80 -5.82
C ALA S 257 -74.88 -1.62 -5.24
N PRO S 258 -75.25 -0.63 -6.06
CA PRO S 258 -76.22 0.37 -5.60
C PRO S 258 -77.64 -0.06 -5.93
N GLY S 259 -78.04 -1.23 -5.46
CA GLY S 259 -79.32 -1.80 -5.86
C GLY S 259 -80.48 -1.54 -4.91
N ALA S 260 -80.98 -2.60 -4.30
CA ALA S 260 -82.13 -2.50 -3.38
C ALA S 260 -83.31 -1.85 -4.10
N PRO S 261 -84.36 -1.46 -3.37
CA PRO S 261 -85.47 -0.73 -4.02
C PRO S 261 -85.02 0.52 -4.75
N GLY S 262 -83.79 0.97 -4.57
CA GLY S 262 -83.27 2.12 -5.30
C GLY S 262 -82.22 1.74 -6.32
N LEU T 194 93.39 -0.87 -6.71
CA LEU T 194 92.65 0.39 -6.67
C LEU T 194 92.94 1.16 -5.38
N GLN T 195 92.00 2.02 -5.00
CA GLN T 195 92.11 2.84 -3.80
C GLN T 195 90.71 3.10 -3.27
N GLY T 196 90.63 3.94 -2.24
CA GLY T 196 89.34 4.25 -1.64
C GLY T 196 88.35 4.85 -2.63
N ALA T 197 87.15 4.29 -2.67
CA ALA T 197 86.15 4.77 -3.62
C ALA T 197 85.83 6.23 -3.34
N PRO T 198 85.85 7.09 -4.36
CA PRO T 198 85.53 8.50 -4.13
C PRO T 198 84.04 8.69 -3.88
N GLY T 199 83.58 9.94 -3.85
CA GLY T 199 82.17 10.22 -3.65
C GLY T 199 81.25 9.28 -4.41
N ALA T 200 80.43 8.54 -3.67
CA ALA T 200 79.54 7.56 -4.27
C ALA T 200 78.26 8.21 -4.77
N PRO T 201 77.57 7.56 -5.71
CA PRO T 201 76.26 8.07 -6.14
C PRO T 201 75.24 7.97 -5.02
N GLY T 202 74.10 8.60 -5.25
CA GLY T 202 73.02 8.66 -4.26
C GLY T 202 71.86 7.78 -4.66
N SER T 203 71.27 7.12 -3.66
CA SER T 203 70.10 6.29 -3.90
C SER T 203 68.95 7.13 -4.46
N GLN T 204 68.28 6.59 -5.47
CA GLN T 204 67.05 7.20 -5.95
C GLN T 204 66.03 7.31 -4.82
N GLY T 205 65.35 8.44 -4.77
CA GLY T 205 64.31 8.64 -3.78
C GLY T 205 63.04 7.87 -4.13
N ALA T 206 62.30 7.52 -3.08
CA ALA T 206 61.07 6.78 -3.26
C ALA T 206 59.95 7.73 -3.66
N PRO T 207 59.37 7.57 -4.85
CA PRO T 207 58.33 8.51 -5.27
C PRO T 207 57.28 8.69 -4.19
N GLY T 208 57.23 9.87 -3.59
CA GLY T 208 56.28 10.10 -2.53
C GLY T 208 54.87 9.94 -3.02
N LEU T 209 54.21 8.86 -2.62
CA LEU T 209 52.81 8.66 -2.97
C LEU T 209 52.03 9.92 -2.61
N GLN T 210 51.25 10.41 -3.58
CA GLN T 210 50.32 11.49 -3.25
C GLN T 210 49.43 11.08 -2.09
N GLY T 211 49.19 9.79 -1.95
CA GLY T 211 48.40 9.27 -0.86
C GLY T 211 48.45 7.76 -0.86
N ALA T 212 47.58 7.17 -0.06
CA ALA T 212 47.43 5.73 0.01
C ALA T 212 46.15 5.35 -0.73
N PRO T 213 45.84 4.06 -0.85
CA PRO T 213 44.56 3.70 -1.48
C PRO T 213 43.41 4.48 -0.86
N GLY T 214 42.85 5.40 -1.60
CA GLY T 214 41.65 6.09 -1.19
C GLY T 214 40.40 5.35 -1.57
N ALA T 215 40.54 4.09 -2.01
CA ALA T 215 39.48 3.36 -2.70
C ALA T 215 38.16 3.47 -1.95
N PRO T 216 37.23 4.25 -2.46
CA PRO T 216 35.88 4.27 -1.90
C PRO T 216 35.08 3.06 -2.40
N GLY T 217 34.02 2.76 -1.67
CA GLY T 217 33.36 1.49 -1.84
C GLY T 217 32.53 1.33 -3.09
N SER T 218 32.16 2.43 -3.74
CA SER T 218 31.29 2.34 -4.91
C SER T 218 29.99 1.63 -4.56
N GLN T 219 29.47 1.91 -3.39
CA GLN T 219 28.31 1.23 -2.87
C GLN T 219 27.04 1.90 -3.40
N GLY T 220 25.90 1.32 -3.05
CA GLY T 220 24.61 1.91 -3.39
C GLY T 220 23.60 1.57 -2.33
N ALA T 221 22.66 2.49 -2.11
CA ALA T 221 21.57 2.30 -1.15
C ALA T 221 20.25 2.56 -1.84
N PRO T 222 19.97 1.82 -2.89
CA PRO T 222 18.76 2.07 -3.69
C PRO T 222 17.53 1.47 -3.04
N GLY T 223 16.42 1.47 -3.76
CA GLY T 223 15.21 0.87 -3.24
C GLY T 223 14.29 1.88 -2.60
N LEU T 224 13.87 2.88 -3.36
CA LEU T 224 12.87 3.80 -2.85
C LEU T 224 11.59 3.04 -2.50
N GLN T 225 10.94 3.46 -1.43
CA GLN T 225 9.59 2.96 -1.23
C GLN T 225 8.84 3.30 -2.50
N GLY T 226 8.29 2.30 -3.16
CA GLY T 226 7.49 2.58 -4.33
C GLY T 226 6.34 3.48 -3.95
N ALA T 227 6.02 4.43 -4.80
CA ALA T 227 4.95 5.36 -4.48
C ALA T 227 3.64 4.60 -4.31
N PRO T 228 2.85 4.90 -3.29
CA PRO T 228 1.52 4.28 -3.18
C PRO T 228 0.70 4.52 -4.44
N GLY T 229 -0.41 3.80 -4.51
CA GLY T 229 -1.33 3.91 -5.63
C GLY T 229 -2.76 3.96 -5.17
N ALA T 230 -3.70 3.56 -6.03
CA ALA T 230 -5.13 3.60 -5.72
C ALA T 230 -5.75 2.25 -6.05
N PRO T 231 -5.56 1.24 -5.21
CA PRO T 231 -6.24 -0.02 -5.43
C PRO T 231 -7.75 0.19 -5.40
N GLY T 232 -8.44 -0.51 -6.28
CA GLY T 232 -9.88 -0.36 -6.39
C GLY T 232 -10.43 -1.33 -7.42
N SER T 233 -11.76 -1.34 -7.50
CA SER T 233 -12.49 -2.31 -8.31
C SER T 233 -13.25 -1.59 -9.41
N GLN T 234 -13.95 -2.39 -10.22
CA GLN T 234 -14.78 -1.89 -11.30
C GLN T 234 -16.16 -2.51 -11.19
N GLY T 235 -17.18 -1.69 -11.43
CA GLY T 235 -18.55 -2.16 -11.33
C GLY T 235 -19.52 -1.03 -11.58
N ALA T 236 -20.79 -1.38 -11.43
CA ALA T 236 -21.86 -0.44 -11.72
C ALA T 236 -22.80 -0.32 -10.53
N PRO T 237 -23.21 0.89 -10.18
CA PRO T 237 -24.28 1.03 -9.18
C PRO T 237 -25.61 0.56 -9.72
N GLY T 238 -25.83 -0.75 -9.69
CA GLY T 238 -27.06 -1.33 -10.18
C GLY T 238 -28.24 -1.12 -9.24
N LEU T 239 -28.43 0.13 -8.81
CA LEU T 239 -29.65 0.51 -8.12
C LEU T 239 -30.84 0.62 -9.05
N GLN T 240 -30.58 0.79 -10.34
CA GLN T 240 -31.64 0.72 -11.32
C GLN T 240 -32.34 -0.63 -11.25
N GLY T 241 -33.67 -0.61 -11.29
CA GLY T 241 -34.44 -1.82 -11.12
C GLY T 241 -33.94 -2.58 -9.91
N ALA T 242 -33.53 -1.85 -8.88
CA ALA T 242 -32.85 -2.42 -7.73
C ALA T 242 -33.80 -3.30 -6.93
N PRO T 243 -33.31 -3.94 -5.84
CA PRO T 243 -34.07 -5.00 -5.18
C PRO T 243 -35.56 -4.77 -4.99
N GLY T 244 -35.97 -3.72 -4.27
CA GLY T 244 -37.39 -3.50 -4.16
C GLY T 244 -37.90 -3.04 -5.51
N ALA T 245 -38.50 -3.94 -6.26
CA ALA T 245 -38.71 -3.73 -7.69
C ALA T 245 -40.01 -3.01 -7.93
N PRO T 246 -40.25 -2.58 -9.18
CA PRO T 246 -41.54 -1.96 -9.50
C PRO T 246 -42.67 -2.82 -9.00
N GLY T 247 -43.40 -2.35 -7.99
CA GLY T 247 -44.42 -3.18 -7.40
C GLY T 247 -45.14 -2.55 -6.23
N SER T 248 -45.40 -3.36 -5.21
CA SER T 248 -46.02 -2.90 -3.97
C SER T 248 -47.46 -2.42 -4.19
N GLN T 249 -47.89 -2.33 -5.45
CA GLN T 249 -49.14 -1.66 -5.76
C GLN T 249 -50.30 -2.36 -5.04
N GLY T 250 -51.44 -1.69 -5.08
CA GLY T 250 -52.61 -2.15 -4.36
C GLY T 250 -53.70 -2.67 -5.27
N ALA T 251 -54.65 -1.80 -5.59
CA ALA T 251 -55.87 -2.20 -6.25
C ALA T 251 -56.55 -3.32 -5.46
N PRO T 252 -56.60 -3.23 -4.13
CA PRO T 252 -57.21 -4.31 -3.35
C PRO T 252 -58.70 -4.07 -3.18
N GLY T 253 -59.46 -5.16 -3.27
CA GLY T 253 -60.90 -5.00 -3.35
C GLY T 253 -61.29 -4.19 -4.56
N LEU T 254 -60.63 -4.44 -5.69
CA LEU T 254 -60.86 -3.66 -6.89
C LEU T 254 -62.21 -4.04 -7.47
N GLN T 255 -63.26 -3.71 -6.71
CA GLN T 255 -64.62 -4.15 -7.00
C GLN T 255 -64.96 -4.09 -8.47
N GLY T 256 -64.76 -2.93 -9.08
CA GLY T 256 -65.14 -2.70 -10.46
C GLY T 256 -66.59 -2.32 -10.54
N ALA T 257 -67.48 -3.31 -10.46
CA ALA T 257 -68.91 -3.07 -10.46
C ALA T 257 -69.61 -4.22 -9.76
N PRO T 258 -69.22 -4.53 -8.52
CA PRO T 258 -69.68 -5.77 -7.87
C PRO T 258 -71.16 -6.05 -8.07
N GLY T 259 -72.00 -5.11 -7.67
CA GLY T 259 -73.43 -5.27 -7.79
C GLY T 259 -74.03 -4.47 -8.92
N ALA T 260 -73.75 -3.18 -8.93
CA ALA T 260 -74.25 -2.26 -9.94
C ALA T 260 -75.70 -2.58 -10.29
N PRO T 261 -76.58 -2.81 -9.30
CA PRO T 261 -77.98 -3.12 -9.60
C PRO T 261 -78.88 -1.90 -9.51
N GLY T 262 -80.01 -1.93 -10.20
CA GLY T 262 -80.95 -0.83 -10.16
C GLY T 262 -81.79 -0.84 -8.91
N SER T 263 -83.08 -0.55 -9.03
CA SER T 263 -84.01 -0.73 -7.93
C SER T 263 -84.54 -2.16 -7.89
N GLN T 264 -83.61 -3.11 -7.92
CA GLN T 264 -84.01 -4.51 -7.91
C GLN T 264 -84.74 -4.87 -6.62
N GLY T 265 -84.19 -4.42 -5.48
CA GLY T 265 -84.81 -4.68 -4.20
C GLY T 265 -86.10 -3.91 -3.99
N GLY U 193 96.37 0.71 -6.96
CA GLY U 193 95.52 1.29 -7.99
C GLY U 193 95.09 2.71 -7.67
N LEU U 194 93.80 2.99 -7.87
CA LEU U 194 93.23 4.30 -7.57
C LEU U 194 91.83 4.10 -7.01
N GLN U 195 91.22 5.21 -6.60
CA GLN U 195 89.96 5.20 -5.86
C GLN U 195 89.01 4.13 -6.38
N GLY U 196 88.46 3.34 -5.45
CA GLY U 196 87.58 2.27 -5.82
C GLY U 196 86.22 2.76 -6.29
N ALA U 197 85.35 1.81 -6.58
CA ALA U 197 84.00 2.11 -7.07
C ALA U 197 83.19 2.82 -5.99
N PRO U 198 82.92 4.12 -6.13
CA PRO U 198 82.21 4.83 -5.06
C PRO U 198 80.81 4.28 -4.84
N GLY U 199 80.64 3.57 -3.72
CA GLY U 199 79.35 3.45 -3.08
C GLY U 199 78.14 3.32 -3.99
N ALA U 200 78.04 2.24 -4.74
CA ALA U 200 76.85 2.03 -5.54
C ALA U 200 75.62 2.27 -4.68
N PRO U 201 74.91 3.37 -4.90
CA PRO U 201 73.79 3.72 -4.01
C PRO U 201 72.55 2.91 -4.34
N GLY U 202 71.59 2.98 -3.43
CA GLY U 202 70.31 2.36 -3.66
C GLY U 202 69.49 3.16 -4.66
N SER U 203 68.18 3.06 -4.56
CA SER U 203 67.28 3.83 -5.41
C SER U 203 65.88 3.67 -4.85
N GLN U 204 64.88 4.17 -5.59
CA GLN U 204 63.50 4.00 -5.17
C GLN U 204 62.60 4.26 -6.37
N GLY U 205 61.96 3.21 -6.88
CA GLY U 205 61.05 3.35 -7.98
C GLY U 205 59.68 3.80 -7.54
N ALA U 206 58.83 4.07 -8.53
CA ALA U 206 57.49 4.54 -8.24
C ALA U 206 56.80 3.55 -7.32
N PRO U 207 56.13 4.02 -6.27
CA PRO U 207 55.59 3.08 -5.28
C PRO U 207 54.45 2.25 -5.84
N GLY U 208 54.73 1.49 -6.89
CA GLY U 208 53.65 0.82 -7.60
C GLY U 208 52.59 1.83 -7.95
N LEU U 209 51.34 1.52 -7.60
CA LEU U 209 50.27 2.47 -7.78
C LEU U 209 50.51 3.70 -6.91
N GLN U 210 50.09 4.86 -7.41
CA GLN U 210 50.18 6.10 -6.67
C GLN U 210 48.87 6.84 -6.55
N GLY U 211 47.85 6.48 -7.33
CA GLY U 211 46.58 7.17 -7.27
C GLY U 211 45.63 6.63 -6.22
N ALA U 212 45.32 7.46 -5.22
CA ALA U 212 44.36 7.08 -4.20
C ALA U 212 43.03 6.81 -4.88
N PRO U 213 42.62 5.55 -4.98
CA PRO U 213 41.46 5.22 -5.78
C PRO U 213 40.19 5.89 -5.30
N GLY U 214 39.31 6.21 -6.25
CA GLY U 214 38.02 6.81 -5.96
C GLY U 214 36.90 6.00 -6.55
N ALA U 215 35.91 5.62 -5.75
CA ALA U 215 34.96 4.59 -6.12
C ALA U 215 34.27 4.94 -7.43
N PRO U 216 34.62 4.28 -8.52
CA PRO U 216 33.99 4.61 -9.81
C PRO U 216 32.49 4.43 -9.79
N GLY U 217 31.97 3.52 -8.99
CA GLY U 217 30.54 3.33 -8.85
C GLY U 217 29.95 4.32 -7.87
N SER U 218 28.65 4.14 -7.62
CA SER U 218 27.88 5.09 -6.81
C SER U 218 28.67 5.55 -5.59
N GLN U 219 29.22 4.60 -4.84
CA GLN U 219 30.10 4.96 -3.73
C GLN U 219 29.29 5.58 -2.61
N GLY U 220 29.63 5.27 -1.36
CA GLY U 220 28.85 5.75 -0.25
C GLY U 220 27.43 5.26 -0.28
N ALA U 221 27.16 4.16 -0.97
CA ALA U 221 25.83 3.57 -1.09
C ALA U 221 24.78 4.66 -1.25
N PRO U 222 24.80 5.41 -2.35
CA PRO U 222 23.86 6.52 -2.51
C PRO U 222 22.42 6.03 -2.40
N GLY U 223 21.51 7.00 -2.37
CA GLY U 223 20.15 6.76 -1.94
C GLY U 223 19.31 5.77 -2.74
N LEU U 224 18.03 5.71 -2.40
CA LEU U 224 17.10 4.76 -2.98
C LEU U 224 16.92 5.03 -4.47
N GLN U 225 16.14 4.19 -5.13
CA GLN U 225 15.93 4.31 -6.57
C GLN U 225 14.49 4.66 -6.94
N GLY U 226 13.51 3.85 -6.54
CA GLY U 226 12.13 4.17 -6.93
C GLY U 226 11.08 3.10 -6.68
N ALA U 227 10.28 2.83 -7.70
CA ALA U 227 9.12 1.95 -7.59
C ALA U 227 8.97 1.10 -8.83
N PRO U 228 8.36 -0.09 -8.71
CA PRO U 228 8.18 -0.97 -9.88
C PRO U 228 6.84 -0.80 -10.58
N GLY U 229 6.79 -1.16 -11.86
CA GLY U 229 5.59 -1.03 -12.66
C GLY U 229 4.32 -1.43 -11.94
N ALA U 230 3.38 -0.49 -11.79
CA ALA U 230 2.16 -0.76 -11.04
C ALA U 230 1.00 0.06 -11.60
N PRO U 231 -0.04 -0.60 -12.10
CA PRO U 231 -1.23 0.14 -12.53
C PRO U 231 -2.00 0.72 -11.36
N GLY U 232 -3.16 1.32 -11.63
CA GLY U 232 -3.96 1.94 -10.59
C GLY U 232 -5.44 1.96 -10.90
N SER U 233 -6.28 1.63 -9.92
CA SER U 233 -7.71 1.50 -10.13
C SER U 233 -8.48 2.63 -9.46
N GLN U 234 -9.71 2.81 -9.91
CA GLN U 234 -10.67 3.60 -9.15
C GLN U 234 -11.05 2.82 -7.88
N GLY U 235 -11.28 3.56 -6.81
CA GLY U 235 -11.53 2.91 -5.53
C GLY U 235 -12.90 2.30 -5.42
N ALA U 236 -13.33 1.57 -6.44
CA ALA U 236 -14.53 0.74 -6.37
C ALA U 236 -15.69 1.43 -5.69
N PRO U 237 -16.35 2.39 -6.34
CA PRO U 237 -17.46 3.11 -5.70
C PRO U 237 -18.34 2.23 -4.84
N GLY U 238 -18.75 2.74 -3.68
CA GLY U 238 -19.54 1.96 -2.75
C GLY U 238 -20.96 1.75 -3.23
N LEU U 239 -21.62 0.80 -2.58
CA LEU U 239 -22.97 0.43 -2.98
C LEU U 239 -23.94 1.56 -2.73
N GLN U 240 -24.82 1.79 -3.69
CA GLN U 240 -25.89 2.76 -3.55
C GLN U 240 -26.90 2.26 -2.52
N GLY U 241 -27.91 3.07 -2.25
CA GLY U 241 -28.87 2.75 -1.21
C GLY U 241 -30.07 1.99 -1.71
N ALA U 242 -31.24 2.61 -1.67
CA ALA U 242 -32.49 1.98 -2.09
C ALA U 242 -33.25 2.94 -2.99
N PRO U 243 -32.76 3.19 -4.20
CA PRO U 243 -33.47 4.13 -5.08
C PRO U 243 -34.77 3.54 -5.60
N GLY U 244 -35.87 3.95 -5.00
CA GLY U 244 -37.17 3.36 -5.31
C GLY U 244 -38.16 3.70 -4.22
N ALA U 245 -39.41 3.32 -4.47
CA ALA U 245 -40.54 3.72 -3.64
C ALA U 245 -41.41 2.52 -3.31
N PRO U 246 -42.22 2.62 -2.26
CA PRO U 246 -43.13 1.54 -1.88
C PRO U 246 -44.54 1.63 -2.47
N GLY U 247 -44.75 2.49 -3.48
CA GLY U 247 -46.09 2.72 -4.02
C GLY U 247 -46.95 1.48 -4.07
N SER U 248 -48.11 1.53 -3.43
CA SER U 248 -48.88 0.33 -3.14
C SER U 248 -50.37 0.55 -3.40
N GLN U 249 -50.71 1.12 -4.56
CA GLN U 249 -52.13 1.27 -4.85
C GLN U 249 -52.45 1.58 -6.30
N GLY U 250 -53.22 0.69 -6.95
CA GLY U 250 -53.76 0.99 -8.26
C GLY U 250 -55.19 1.48 -8.27
N ALA U 251 -56.12 0.66 -7.76
CA ALA U 251 -57.51 1.04 -7.54
C ALA U 251 -58.12 0.10 -6.51
N PRO U 252 -58.53 0.59 -5.35
CA PRO U 252 -58.90 -0.30 -4.27
C PRO U 252 -60.27 -0.91 -4.47
N GLY U 253 -60.79 -0.81 -5.69
CA GLY U 253 -62.03 -1.00 -6.39
C GLY U 253 -63.01 0.11 -6.14
N LEU U 254 -62.61 1.10 -5.35
CA LEU U 254 -63.20 2.44 -5.37
C LEU U 254 -64.60 2.50 -4.79
N GLN U 255 -65.23 1.34 -4.57
CA GLN U 255 -66.43 1.30 -3.77
C GLN U 255 -66.87 -0.15 -3.55
N GLY U 256 -67.09 -0.52 -2.30
CA GLY U 256 -67.59 -1.84 -1.99
C GLY U 256 -69.10 -1.93 -1.94
N ALA U 257 -69.74 -1.93 -3.11
CA ALA U 257 -71.21 -1.96 -3.13
C ALA U 257 -71.81 -0.72 -2.48
N PRO U 258 -71.76 0.44 -3.16
CA PRO U 258 -72.04 1.72 -2.50
C PRO U 258 -73.18 1.69 -1.51
N GLY U 259 -74.21 0.92 -1.79
CA GLY U 259 -75.32 0.78 -0.87
C GLY U 259 -76.54 0.23 -1.57
N ALA U 260 -77.49 -0.17 -0.75
CA ALA U 260 -78.76 -0.65 -1.27
C ALA U 260 -79.81 0.43 -1.04
N PRO U 261 -80.05 1.30 -2.03
CA PRO U 261 -81.02 2.37 -1.86
C PRO U 261 -82.39 1.84 -1.45
N GLY U 262 -83.00 2.50 -0.46
CA GLY U 262 -84.30 2.09 0.01
C GLY U 262 -85.39 2.19 -1.02
N SER U 263 -85.14 2.91 -2.12
CA SER U 263 -86.13 3.07 -3.18
C SER U 263 -85.56 3.93 -4.30
N GLN V 204 83.45 -15.40 -14.81
CA GLN V 204 83.44 -15.21 -16.25
C GLN V 204 84.18 -13.94 -16.64
N GLY V 205 84.52 -13.82 -17.92
CA GLY V 205 85.15 -12.61 -18.41
C GLY V 205 84.16 -11.50 -18.68
N ALA V 206 83.02 -11.54 -18.00
CA ALA V 206 82.02 -10.49 -18.05
C ALA V 206 81.07 -10.68 -16.88
N PRO V 207 81.53 -10.46 -15.65
CA PRO V 207 80.65 -10.65 -14.49
C PRO V 207 79.27 -10.05 -14.72
N GLY V 208 78.25 -10.78 -14.29
CA GLY V 208 76.89 -10.40 -14.62
C GLY V 208 76.63 -10.71 -16.07
N LEU V 209 77.29 -9.97 -16.96
CA LEU V 209 77.20 -10.21 -18.39
C LEU V 209 75.76 -10.03 -18.87
N GLN V 210 75.58 -9.83 -20.17
CA GLN V 210 74.26 -9.58 -20.74
C GLN V 210 73.19 -10.42 -20.04
N GLY V 211 73.49 -11.69 -19.84
CA GLY V 211 72.57 -12.57 -19.15
C GLY V 211 71.39 -12.97 -20.01
N ALA V 212 70.43 -13.62 -19.36
CA ALA V 212 69.29 -14.18 -20.07
C ALA V 212 68.23 -13.11 -20.24
N PRO V 213 67.97 -12.63 -21.45
CA PRO V 213 66.91 -11.64 -21.65
C PRO V 213 65.57 -12.18 -21.18
N GLY V 214 64.59 -11.28 -21.15
CA GLY V 214 63.25 -11.64 -20.77
C GLY V 214 62.79 -11.00 -19.48
N ALA V 215 62.07 -9.90 -19.62
CA ALA V 215 61.21 -9.39 -18.57
C ALA V 215 60.04 -8.72 -19.27
N PRO V 216 59.38 -9.41 -20.18
CA PRO V 216 58.33 -8.77 -20.98
C PRO V 216 57.05 -8.66 -20.19
N GLY V 217 56.81 -9.65 -19.35
CA GLY V 217 55.64 -9.68 -18.51
C GLY V 217 54.53 -10.47 -19.15
N SER V 218 54.34 -11.70 -18.70
CA SER V 218 53.25 -12.52 -19.22
C SER V 218 51.94 -11.77 -19.06
N GLN V 219 51.16 -11.72 -20.13
CA GLN V 219 49.91 -10.98 -20.06
C GLN V 219 48.92 -11.76 -19.20
N GLY V 220 49.15 -11.72 -17.88
CA GLY V 220 48.31 -12.44 -16.95
C GLY V 220 46.84 -12.28 -17.24
N ALA V 221 46.04 -13.29 -16.92
CA ALA V 221 44.64 -13.25 -17.26
C ALA V 221 43.99 -12.02 -16.64
N PRO V 222 43.06 -11.38 -17.34
CA PRO V 222 42.33 -10.26 -16.74
C PRO V 222 41.62 -10.72 -15.48
N GLY V 223 41.56 -9.83 -14.50
CA GLY V 223 40.88 -10.11 -13.26
C GLY V 223 39.47 -10.61 -13.50
N LEU V 224 38.84 -11.14 -12.45
CA LEU V 224 37.54 -11.78 -12.56
C LEU V 224 36.55 -10.90 -13.31
N GLN V 225 35.49 -11.50 -13.85
CA GLN V 225 34.48 -10.78 -14.61
C GLN V 225 34.00 -9.55 -13.86
N GLY V 226 33.46 -8.58 -14.58
CA GLY V 226 32.77 -7.49 -13.93
C GLY V 226 31.43 -7.99 -13.43
N ALA V 227 30.60 -7.05 -13.02
CA ALA V 227 29.29 -7.44 -12.52
C ALA V 227 28.49 -8.05 -13.65
N PRO V 228 28.33 -9.37 -13.68
CA PRO V 228 27.62 -9.99 -14.80
C PRO V 228 26.15 -10.17 -14.47
N GLY V 229 25.40 -10.69 -15.42
CA GLY V 229 24.00 -10.95 -15.20
C GLY V 229 23.35 -11.52 -16.43
N ALA V 230 22.52 -12.54 -16.25
CA ALA V 230 21.78 -13.11 -17.37
C ALA V 230 20.99 -12.00 -18.05
N PRO V 231 21.39 -11.57 -19.24
CA PRO V 231 20.68 -10.46 -19.88
C PRO V 231 19.20 -10.71 -19.99
N GLY V 232 18.41 -9.92 -19.28
CA GLY V 232 16.98 -9.96 -19.36
C GLY V 232 16.33 -9.32 -18.16
N SER V 233 15.07 -8.97 -18.32
CA SER V 233 14.29 -8.33 -17.27
C SER V 233 13.42 -9.37 -16.60
N GLN V 234 13.51 -9.45 -15.27
CA GLN V 234 12.71 -10.43 -14.55
C GLN V 234 11.26 -9.99 -14.52
N GLY V 235 10.64 -10.01 -15.69
CA GLY V 235 9.22 -9.75 -15.76
C GLY V 235 8.42 -10.89 -15.18
N ALA V 236 7.24 -10.56 -14.68
CA ALA V 236 6.33 -11.58 -14.23
C ALA V 236 4.93 -11.06 -14.52
N PRO V 237 4.10 -11.85 -15.19
CA PRO V 237 2.73 -11.40 -15.45
C PRO V 237 2.04 -11.07 -14.14
N GLY V 238 1.12 -10.12 -14.17
CA GLY V 238 0.48 -9.68 -12.94
C GLY V 238 -0.41 -10.78 -12.39
N LEU V 239 -1.46 -10.39 -11.69
CA LEU V 239 -2.29 -11.34 -10.97
C LEU V 239 -3.68 -11.33 -11.60
N GLN V 240 -4.62 -11.97 -10.93
CA GLN V 240 -6.03 -11.86 -11.29
C GLN V 240 -6.34 -10.43 -11.71
N GLY V 241 -7.02 -10.30 -12.84
CA GLY V 241 -7.24 -9.02 -13.46
C GLY V 241 -8.57 -8.48 -13.00
N ALA V 242 -9.63 -8.71 -13.79
CA ALA V 242 -10.98 -8.39 -13.34
C ALA V 242 -11.08 -8.74 -11.87
N PRO V 243 -11.27 -7.75 -11.01
CA PRO V 243 -11.18 -8.00 -9.56
C PRO V 243 -12.09 -9.14 -9.12
N GLY V 244 -13.37 -9.01 -9.41
CA GLY V 244 -14.32 -10.02 -9.03
C GLY V 244 -14.96 -10.71 -10.21
N ALA V 245 -16.23 -10.39 -10.45
CA ALA V 245 -17.04 -11.08 -11.46
C ALA V 245 -17.66 -10.04 -12.37
N PRO V 246 -16.93 -9.60 -13.39
CA PRO V 246 -17.50 -8.62 -14.34
C PRO V 246 -18.67 -9.16 -15.15
N GLY V 247 -19.11 -10.38 -14.87
CA GLY V 247 -20.22 -10.98 -15.58
C GLY V 247 -21.36 -10.04 -15.91
N SER V 248 -21.98 -9.44 -14.89
CA SER V 248 -23.09 -8.53 -15.09
C SER V 248 -23.51 -7.88 -13.78
N GLN V 249 -23.97 -6.63 -13.82
CA GLN V 249 -24.48 -5.98 -12.61
C GLN V 249 -25.45 -4.89 -13.05
N GLY V 250 -26.75 -5.14 -12.90
CA GLY V 250 -27.73 -4.15 -13.27
C GLY V 250 -28.97 -4.05 -12.42
N ALA V 251 -29.07 -4.87 -11.38
CA ALA V 251 -30.34 -5.11 -10.70
C ALA V 251 -31.42 -5.36 -11.76
N PRO V 252 -31.15 -6.25 -12.71
CA PRO V 252 -32.03 -6.35 -13.90
C PRO V 252 -33.44 -6.79 -13.59
N GLY V 253 -33.58 -7.95 -12.95
CA GLY V 253 -34.88 -8.57 -12.79
C GLY V 253 -35.84 -7.80 -11.92
N LEU V 254 -36.87 -7.23 -12.54
CA LEU V 254 -37.98 -6.61 -11.84
C LEU V 254 -39.21 -7.48 -12.08
N GLN V 255 -39.44 -8.42 -11.15
CA GLN V 255 -40.57 -9.34 -11.21
C GLN V 255 -40.70 -10.01 -12.58
N GLY V 256 -41.89 -10.51 -12.91
CA GLY V 256 -42.01 -11.27 -14.13
C GLY V 256 -43.43 -11.46 -14.58
N ALA V 257 -43.59 -12.30 -15.62
CA ALA V 257 -44.82 -12.46 -16.37
C ALA V 257 -46.02 -12.86 -15.51
N PRO V 258 -46.02 -14.06 -14.91
CA PRO V 258 -47.19 -14.44 -14.10
C PRO V 258 -47.61 -13.36 -13.12
N GLY V 259 -46.64 -12.66 -12.52
CA GLY V 259 -46.93 -11.53 -11.66
C GLY V 259 -48.11 -11.75 -10.76
N ALA V 260 -48.89 -10.69 -10.54
CA ALA V 260 -50.12 -10.85 -9.78
C ALA V 260 -51.00 -11.86 -10.51
N PRO V 261 -51.44 -12.93 -9.85
CA PRO V 261 -52.33 -13.87 -10.54
C PRO V 261 -53.56 -13.20 -11.12
N GLY V 262 -54.13 -12.23 -10.40
CA GLY V 262 -55.15 -11.35 -10.94
C GLY V 262 -56.09 -12.04 -11.90
N SER V 263 -56.52 -13.25 -11.57
CA SER V 263 -57.25 -14.11 -12.49
C SER V 263 -58.26 -13.33 -13.31
N GLN V 264 -58.93 -12.36 -12.69
CA GLN V 264 -59.78 -11.42 -13.41
C GLN V 264 -60.81 -12.13 -14.27
N GLY V 265 -61.55 -13.05 -13.65
CA GLY V 265 -62.54 -13.82 -14.36
C GLY V 265 -63.95 -13.29 -14.16
N ALA V 266 -64.31 -13.03 -12.91
CA ALA V 266 -65.66 -12.59 -12.58
C ALA V 266 -66.68 -13.68 -12.91
N PRO V 267 -66.49 -14.91 -12.42
CA PRO V 267 -67.46 -15.98 -12.70
C PRO V 267 -68.89 -15.48 -12.67
N GLY V 268 -69.19 -14.67 -11.67
CA GLY V 268 -70.43 -13.92 -11.66
C GLY V 268 -70.33 -12.72 -10.74
N LEU V 269 -70.63 -11.54 -11.28
CA LEU V 269 -70.74 -10.33 -10.47
C LEU V 269 -72.20 -9.96 -10.24
N GLN V 270 -72.96 -9.76 -11.31
CA GLN V 270 -74.40 -9.54 -11.20
C GLN V 270 -75.04 -10.05 -12.51
N GLY V 271 -75.52 -11.28 -12.47
CA GLY V 271 -76.22 -11.84 -13.61
C GLY V 271 -77.66 -12.15 -13.27
N ALA V 272 -77.98 -13.43 -13.21
CA ALA V 272 -79.30 -13.85 -12.75
C ALA V 272 -79.45 -13.50 -11.27
N PRO V 273 -80.25 -12.50 -10.92
CA PRO V 273 -80.26 -12.03 -9.53
C PRO V 273 -80.89 -13.00 -8.54
N GLY V 274 -80.37 -14.22 -8.49
CA GLY V 274 -80.81 -15.22 -7.54
C GLY V 274 -82.31 -15.33 -7.35
N ALA V 275 -83.08 -15.07 -8.40
CA ALA V 275 -84.53 -15.10 -8.30
C ALA V 275 -84.97 -14.08 -7.25
N PRO V 276 -84.80 -12.79 -7.52
CA PRO V 276 -85.11 -11.79 -6.48
C PRO V 276 -86.56 -11.81 -6.04
N GLY V 277 -87.49 -12.13 -6.94
CA GLY V 277 -88.90 -12.15 -6.60
C GLY V 277 -89.65 -10.93 -7.11
N ALA W 206 85.70 -4.93 -20.16
CA ALA W 206 85.05 -4.91 -18.85
C ALA W 206 83.88 -3.94 -18.83
N PRO W 207 82.75 -4.34 -19.43
CA PRO W 207 81.57 -3.48 -19.42
C PRO W 207 80.93 -3.39 -18.05
N GLY W 208 79.83 -2.65 -17.94
CA GLY W 208 79.08 -2.62 -16.71
C GLY W 208 78.07 -3.75 -16.61
N LEU W 209 77.62 -4.00 -15.39
CA LEU W 209 76.61 -5.04 -15.13
C LEU W 209 75.21 -4.43 -15.02
N GLN W 210 74.95 -3.41 -15.83
CA GLN W 210 73.71 -2.66 -15.74
C GLN W 210 72.55 -3.57 -16.14
N GLY W 211 71.34 -3.01 -16.16
CA GLY W 211 70.18 -3.76 -16.60
C GLY W 211 69.46 -4.49 -15.49
N ALA W 212 69.75 -5.79 -15.35
CA ALA W 212 69.08 -6.62 -14.37
C ALA W 212 69.91 -7.88 -14.18
N PRO W 213 69.55 -8.72 -13.20
CA PRO W 213 70.35 -9.92 -12.94
C PRO W 213 70.51 -10.78 -14.18
N GLY W 214 71.73 -10.88 -14.69
CA GLY W 214 71.99 -11.60 -15.93
C GLY W 214 70.90 -11.30 -16.94
N ALA W 215 70.79 -10.03 -17.33
CA ALA W 215 69.68 -9.59 -18.18
C ALA W 215 68.45 -9.42 -17.29
N PRO W 216 67.26 -9.20 -17.84
CA PRO W 216 66.16 -8.72 -17.02
C PRO W 216 65.49 -9.85 -16.26
N GLY W 217 64.81 -9.47 -15.19
CA GLY W 217 63.92 -10.39 -14.50
C GLY W 217 62.55 -10.37 -15.11
N SER W 218 62.18 -11.44 -15.80
CA SER W 218 60.90 -11.48 -16.51
C SER W 218 59.75 -11.39 -15.51
N GLN W 219 58.53 -11.33 -16.02
CA GLN W 219 57.39 -11.05 -15.15
C GLN W 219 56.11 -11.39 -15.92
N GLY W 220 54.98 -10.97 -15.35
CA GLY W 220 53.69 -11.19 -15.96
C GLY W 220 52.79 -9.98 -15.84
N ALA W 221 52.29 -9.50 -16.97
CA ALA W 221 51.34 -8.41 -16.94
C ALA W 221 50.12 -8.81 -16.12
N PRO W 222 49.73 -8.03 -15.12
CA PRO W 222 48.47 -8.31 -14.43
C PRO W 222 47.31 -8.37 -15.39
N GLY W 223 46.17 -8.77 -14.86
CA GLY W 223 44.97 -8.91 -15.67
C GLY W 223 43.88 -7.95 -15.23
N LEU W 224 43.30 -7.23 -16.19
CA LEU W 224 42.26 -6.27 -15.84
C LEU W 224 41.04 -7.01 -15.31
N GLN W 225 40.55 -6.57 -14.15
CA GLN W 225 39.37 -7.18 -13.56
C GLN W 225 38.23 -7.20 -14.56
N GLY W 226 37.72 -8.39 -14.83
CA GLY W 226 36.75 -8.61 -15.88
C GLY W 226 35.76 -7.49 -16.04
N ALA W 227 35.50 -7.12 -17.28
CA ALA W 227 34.57 -6.03 -17.54
C ALA W 227 33.22 -6.35 -16.90
N PRO W 228 32.58 -5.39 -16.27
CA PRO W 228 31.26 -5.63 -15.68
C PRO W 228 30.24 -5.98 -16.74
N GLY W 229 29.05 -6.30 -16.25
CA GLY W 229 27.92 -6.55 -17.11
C GLY W 229 26.72 -5.79 -16.57
N ALA W 230 25.66 -6.53 -16.25
CA ALA W 230 24.47 -5.93 -15.63
C ALA W 230 23.71 -7.02 -14.93
N PRO W 231 24.07 -7.32 -13.69
CA PRO W 231 23.29 -8.31 -12.93
C PRO W 231 21.80 -8.02 -12.98
N GLY W 232 20.98 -9.02 -12.70
CA GLY W 232 19.54 -8.84 -12.76
C GLY W 232 18.84 -10.18 -12.89
N SER W 233 17.63 -10.13 -13.42
CA SER W 233 16.84 -11.34 -13.62
C SER W 233 15.90 -11.13 -14.79
N GLN W 234 15.38 -12.23 -15.32
CA GLN W 234 14.57 -12.24 -16.53
C GLN W 234 13.17 -12.75 -16.24
N GLY W 235 12.23 -12.36 -17.08
CA GLY W 235 10.86 -12.82 -16.93
C GLY W 235 9.93 -12.04 -17.83
N ALA W 236 8.66 -12.45 -17.79
CA ALA W 236 7.62 -11.84 -18.61
C ALA W 236 6.79 -10.88 -17.77
N PRO W 237 7.12 -9.59 -17.78
CA PRO W 237 6.46 -8.66 -16.85
C PRO W 237 5.01 -8.37 -17.20
N GLY W 238 4.19 -9.41 -17.34
CA GLY W 238 2.78 -9.17 -17.60
C GLY W 238 2.13 -8.39 -16.47
N LEU W 239 1.20 -7.51 -16.82
CA LEU W 239 0.52 -6.73 -15.81
C LEU W 239 -0.46 -7.59 -15.01
N GLN W 240 -1.04 -8.61 -15.64
CA GLN W 240 -1.84 -9.58 -14.91
C GLN W 240 -1.77 -10.90 -15.66
N GLY W 241 -1.65 -11.99 -14.90
CA GLY W 241 -1.67 -13.31 -15.51
C GLY W 241 -3.00 -13.59 -16.18
N ALA W 242 -4.09 -13.14 -15.56
CA ALA W 242 -5.41 -13.32 -16.13
C ALA W 242 -6.43 -12.46 -15.39
N PRO W 243 -7.29 -11.75 -16.11
CA PRO W 243 -8.41 -11.06 -15.45
C PRO W 243 -9.26 -12.06 -14.67
N GLY W 244 -9.67 -11.65 -13.48
CA GLY W 244 -10.41 -12.52 -12.61
C GLY W 244 -11.89 -12.60 -12.91
N ALA W 245 -12.36 -13.81 -13.21
CA ALA W 245 -13.76 -14.07 -13.53
C ALA W 245 -14.35 -13.03 -14.49
N PRO W 246 -13.63 -12.67 -15.55
CA PRO W 246 -14.19 -11.72 -16.52
C PRO W 246 -15.50 -12.27 -17.09
N GLY W 247 -16.55 -11.47 -16.97
CA GLY W 247 -17.87 -11.93 -17.38
C GLY W 247 -18.27 -13.19 -16.63
N SER W 248 -18.07 -13.17 -15.31
CA SER W 248 -18.26 -14.38 -14.51
C SER W 248 -19.58 -15.08 -14.83
N GLN W 249 -20.70 -14.41 -14.58
CA GLN W 249 -22.01 -15.00 -14.78
C GLN W 249 -22.60 -14.53 -16.11
N GLY W 250 -23.48 -15.37 -16.66
CA GLY W 250 -24.12 -15.06 -17.92
C GLY W 250 -25.29 -14.11 -17.77
N ALA W 251 -25.12 -13.08 -16.94
CA ALA W 251 -26.15 -12.07 -16.72
C ALA W 251 -27.53 -12.73 -16.55
N PRO W 252 -27.69 -13.59 -15.55
CA PRO W 252 -29.01 -14.18 -15.31
C PRO W 252 -30.09 -13.10 -15.36
N GLY W 253 -31.08 -13.30 -16.21
CA GLY W 253 -32.02 -12.26 -16.51
C GLY W 253 -32.99 -12.08 -15.36
N LEU W 254 -34.29 -11.97 -15.65
CA LEU W 254 -35.26 -11.93 -14.58
C LEU W 254 -35.52 -13.34 -14.08
N GLN W 255 -34.44 -14.07 -13.79
CA GLN W 255 -34.48 -15.40 -13.20
C GLN W 255 -35.68 -16.19 -13.71
N GLY W 256 -35.89 -16.19 -15.02
CA GLY W 256 -37.04 -16.83 -15.60
C GLY W 256 -37.90 -15.86 -16.39
N ALA W 257 -39.15 -15.70 -15.96
CA ALA W 257 -40.11 -14.91 -16.73
C ALA W 257 -40.07 -13.46 -16.28
N PRO W 258 -39.65 -12.52 -17.11
CA PRO W 258 -39.93 -11.11 -16.86
C PRO W 258 -41.39 -10.79 -17.19
N GLY W 259 -41.76 -9.51 -17.18
CA GLY W 259 -43.12 -9.13 -17.53
C GLY W 259 -44.08 -9.03 -16.36
N ALA W 260 -43.80 -8.11 -15.45
CA ALA W 260 -44.44 -8.04 -14.14
C ALA W 260 -45.93 -8.36 -14.15
N PRO W 261 -46.76 -7.57 -14.82
CA PRO W 261 -48.21 -7.72 -14.63
C PRO W 261 -48.68 -9.14 -14.91
N GLY W 262 -49.57 -9.62 -14.06
CA GLY W 262 -50.10 -10.97 -14.18
C GLY W 262 -51.55 -10.96 -14.59
N SER W 263 -52.45 -11.13 -13.61
CA SER W 263 -53.89 -11.14 -13.88
C SER W 263 -54.27 -12.35 -14.73
N GLN W 264 -53.75 -13.51 -14.34
CA GLN W 264 -53.96 -14.75 -15.05
C GLN W 264 -54.84 -15.70 -14.23
N GLY W 265 -55.78 -16.35 -14.91
CA GLY W 265 -56.61 -17.36 -14.26
C GLY W 265 -58.07 -17.28 -14.63
N ALA W 266 -58.59 -16.07 -14.81
CA ALA W 266 -59.97 -15.86 -15.24
C ALA W 266 -60.93 -16.82 -14.55
N PRO W 267 -61.19 -16.66 -13.25
CA PRO W 267 -62.03 -17.66 -12.55
C PRO W 267 -63.38 -17.87 -13.22
N GLY W 268 -63.97 -16.82 -13.77
CA GLY W 268 -65.22 -16.94 -14.50
C GLY W 268 -65.34 -15.89 -15.57
N LEU W 269 -66.57 -15.53 -15.94
CA LEU W 269 -66.80 -14.46 -16.90
C LEU W 269 -67.60 -13.31 -16.30
N GLN W 270 -68.83 -13.55 -15.85
CA GLN W 270 -69.70 -12.51 -15.34
C GLN W 270 -71.03 -13.11 -14.93
N GLY W 271 -71.93 -12.30 -14.37
CA GLY W 271 -73.28 -12.76 -14.13
C GLY W 271 -73.45 -13.66 -12.93
N ALA W 272 -73.31 -13.09 -11.73
CA ALA W 272 -73.48 -13.84 -10.50
C ALA W 272 -74.70 -14.74 -10.60
N PRO W 273 -74.63 -15.96 -10.08
CA PRO W 273 -75.69 -16.95 -10.34
C PRO W 273 -77.00 -16.55 -9.69
N GLY W 274 -78.07 -17.16 -10.20
CA GLY W 274 -79.41 -16.94 -9.66
C GLY W 274 -80.50 -17.07 -10.69
N ALA W 275 -81.37 -16.07 -10.77
CA ALA W 275 -82.46 -16.04 -11.74
C ALA W 275 -82.57 -14.64 -12.33
N PRO W 276 -82.33 -14.49 -13.63
CA PRO W 276 -82.29 -13.13 -14.21
C PRO W 276 -83.65 -12.45 -14.13
N GLY W 277 -83.59 -11.13 -14.00
CA GLY W 277 -84.80 -10.32 -13.96
C GLY W 277 -84.52 -8.96 -13.35
N SER W 278 -85.50 -8.08 -13.52
CA SER W 278 -85.42 -6.72 -12.97
C SER W 278 -85.93 -6.68 -11.53
N GLN W 279 -85.40 -7.56 -10.70
CA GLN W 279 -85.82 -7.66 -9.30
C GLN W 279 -84.60 -7.70 -8.39
N GLY X 205 87.63 -11.28 -19.69
CA GLY X 205 87.93 -10.45 -20.84
C GLY X 205 87.22 -9.12 -20.82
N ALA X 206 85.91 -9.14 -20.62
CA ALA X 206 85.08 -7.95 -20.57
C ALA X 206 84.26 -7.98 -19.28
N PRO X 207 84.91 -7.83 -18.13
CA PRO X 207 84.17 -7.87 -16.86
C PRO X 207 82.99 -6.92 -16.84
N GLY X 208 81.79 -7.47 -16.79
CA GLY X 208 80.58 -6.66 -16.80
C GLY X 208 79.52 -7.17 -17.76
N LEU X 209 79.05 -6.30 -18.65
CA LEU X 209 78.03 -6.65 -19.63
C LEU X 209 76.65 -6.65 -19.01
N GLN X 210 75.63 -6.86 -19.85
CA GLN X 210 74.19 -6.80 -19.54
C GLN X 210 73.71 -5.39 -19.24
N GLY X 211 74.48 -4.37 -19.61
CA GLY X 211 74.10 -2.99 -19.33
C GLY X 211 72.60 -2.76 -19.48
N ALA X 212 72.04 -3.30 -20.55
CA ALA X 212 70.60 -3.47 -20.65
C ALA X 212 70.26 -4.89 -20.27
N PRO X 213 69.33 -5.12 -19.35
CA PRO X 213 69.10 -6.50 -18.91
C PRO X 213 68.38 -7.28 -19.99
N GLY X 214 69.10 -8.11 -20.73
CA GLY X 214 68.46 -8.99 -21.69
C GLY X 214 67.37 -8.29 -22.48
N ALA X 215 66.12 -8.71 -22.26
CA ALA X 215 64.97 -8.14 -22.95
C ALA X 215 63.80 -8.03 -21.99
N PRO X 216 63.84 -7.05 -21.08
CA PRO X 216 62.69 -6.80 -20.22
C PRO X 216 61.61 -6.00 -20.92
N GLY X 217 60.51 -6.65 -21.33
CA GLY X 217 59.38 -5.90 -21.82
C GLY X 217 58.86 -4.92 -20.79
N SER X 218 58.80 -5.34 -19.53
CA SER X 218 58.48 -4.45 -18.42
C SER X 218 59.36 -4.68 -17.20
N GLN X 219 59.95 -5.87 -17.03
CA GLN X 219 60.69 -6.22 -15.83
C GLN X 219 59.74 -6.45 -14.67
N GLY X 220 58.45 -6.17 -14.88
CA GLY X 220 57.44 -6.44 -13.88
C GLY X 220 56.03 -6.11 -14.32
N ALA X 221 55.11 -7.06 -14.14
CA ALA X 221 53.67 -6.85 -14.21
C ALA X 221 53.25 -5.86 -15.29
N PRO X 222 53.44 -6.19 -16.56
CA PRO X 222 52.94 -5.31 -17.62
C PRO X 222 51.44 -5.07 -17.47
N GLY X 223 50.93 -4.15 -18.30
CA GLY X 223 49.54 -3.76 -18.21
C GLY X 223 48.57 -4.91 -18.04
N LEU X 224 47.46 -4.66 -17.34
CA LEU X 224 46.49 -5.70 -17.09
C LEU X 224 45.79 -6.12 -18.38
N GLN X 225 45.43 -7.40 -18.45
CA GLN X 225 44.87 -7.99 -19.65
C GLN X 225 43.37 -7.81 -19.73
N GLY X 226 42.83 -8.03 -20.92
CA GLY X 226 41.47 -7.65 -21.24
C GLY X 226 40.43 -8.24 -20.31
N ALA X 227 39.89 -7.39 -19.44
CA ALA X 227 38.94 -7.86 -18.45
C ALA X 227 37.76 -8.55 -19.11
N PRO X 228 37.39 -9.74 -18.67
CA PRO X 228 36.23 -10.42 -19.27
C PRO X 228 34.99 -9.56 -19.15
N GLY X 229 34.16 -9.60 -20.19
CA GLY X 229 32.94 -8.80 -20.23
C GLY X 229 31.77 -9.46 -19.55
N ALA X 230 31.44 -9.03 -18.34
CA ALA X 230 30.38 -9.67 -17.58
C ALA X 230 29.06 -9.54 -18.33
N PRO X 231 28.26 -10.60 -18.38
CA PRO X 231 26.94 -10.49 -19.02
C PRO X 231 26.08 -9.46 -18.31
N GLY X 232 25.21 -8.80 -19.08
CA GLY X 232 24.32 -7.83 -18.49
C GLY X 232 22.89 -8.31 -18.38
N SER X 233 22.49 -8.74 -17.18
CA SER X 233 21.10 -9.01 -16.90
C SER X 233 20.33 -7.69 -16.76
N GLN X 234 19.02 -7.80 -16.59
CA GLN X 234 18.18 -6.64 -16.41
C GLN X 234 17.33 -6.82 -15.16
N GLY X 235 16.66 -5.74 -14.77
CA GLY X 235 15.87 -5.72 -13.56
C GLY X 235 14.79 -6.77 -13.53
N ALA X 236 14.00 -6.78 -12.46
CA ALA X 236 12.97 -7.79 -12.29
C ALA X 236 11.59 -7.16 -12.43
N PRO X 237 11.13 -6.89 -13.65
CA PRO X 237 9.76 -6.39 -13.82
C PRO X 237 8.74 -7.49 -13.52
N GLY X 238 8.78 -8.02 -12.31
CA GLY X 238 7.98 -9.17 -11.97
C GLY X 238 6.51 -8.84 -11.96
N LEU X 239 5.75 -9.54 -11.12
CA LEU X 239 4.30 -9.38 -11.05
C LEU X 239 3.92 -7.92 -11.19
N GLN X 240 2.90 -7.65 -12.01
CA GLN X 240 2.40 -6.31 -12.21
C GLN X 240 0.96 -6.21 -11.72
N GLY X 241 0.51 -4.98 -11.52
CA GLY X 241 -0.86 -4.77 -11.08
C GLY X 241 -1.85 -5.32 -12.08
N ALA X 242 -2.90 -5.96 -11.57
CA ALA X 242 -3.78 -6.74 -12.42
C ALA X 242 -5.19 -6.14 -12.45
N PRO X 243 -5.37 -4.97 -13.08
CA PRO X 243 -6.73 -4.41 -13.17
C PRO X 243 -7.73 -5.36 -13.78
N GLY X 244 -7.44 -5.91 -14.96
CA GLY X 244 -8.37 -6.81 -15.61
C GLY X 244 -9.75 -6.19 -15.78
N ALA X 245 -10.72 -7.07 -16.01
CA ALA X 245 -12.11 -6.68 -16.25
C ALA X 245 -12.69 -6.02 -15.01
N PRO X 246 -13.93 -5.53 -15.07
CA PRO X 246 -14.46 -4.76 -13.93
C PRO X 246 -14.58 -5.54 -12.63
N GLY X 247 -15.09 -6.77 -12.68
CA GLY X 247 -15.46 -7.48 -11.48
C GLY X 247 -16.71 -6.87 -10.85
N SER X 248 -17.84 -6.99 -11.55
CA SER X 248 -19.10 -6.36 -11.16
C SER X 248 -20.26 -7.34 -11.26
N GLN X 249 -20.11 -8.50 -10.60
CA GLN X 249 -21.14 -9.53 -10.66
C GLN X 249 -22.50 -9.01 -10.25
N GLY X 250 -23.55 -9.73 -10.63
CA GLY X 250 -24.93 -9.37 -10.46
C GLY X 250 -25.74 -9.96 -11.58
N ALA X 251 -26.90 -9.36 -11.85
CA ALA X 251 -27.71 -9.63 -13.04
C ALA X 251 -28.94 -10.49 -12.71
N PRO X 252 -28.77 -11.68 -12.10
CA PRO X 252 -29.95 -12.50 -11.78
C PRO X 252 -31.12 -11.67 -11.27
N GLY X 253 -32.25 -11.76 -11.97
CA GLY X 253 -33.38 -10.90 -11.69
C GLY X 253 -34.51 -11.58 -10.95
N LEU X 254 -35.75 -11.34 -11.41
CA LEU X 254 -36.92 -11.90 -10.77
C LEU X 254 -37.82 -12.55 -11.80
N GLN X 255 -38.29 -13.75 -11.49
CA GLN X 255 -39.03 -14.57 -12.44
C GLN X 255 -40.45 -14.05 -12.60
N GLY X 256 -41.27 -14.80 -13.33
CA GLY X 256 -42.57 -14.29 -13.74
C GLY X 256 -43.55 -14.10 -12.60
N ALA X 257 -43.59 -15.04 -11.66
CA ALA X 257 -44.65 -15.07 -10.67
C ALA X 257 -44.86 -13.76 -9.93
N PRO X 258 -43.83 -13.02 -9.49
CA PRO X 258 -44.09 -11.83 -8.66
C PRO X 258 -44.85 -10.74 -9.39
N GLY X 259 -44.29 -10.26 -10.50
CA GLY X 259 -44.95 -9.28 -11.33
C GLY X 259 -45.17 -7.90 -10.70
N ALA X 260 -46.11 -7.17 -11.31
CA ALA X 260 -46.47 -5.82 -10.89
C ALA X 260 -47.79 -5.90 -10.14
N PRO X 261 -47.80 -5.71 -8.83
CA PRO X 261 -48.96 -6.11 -8.03
C PRO X 261 -50.17 -5.20 -8.26
N GLY X 262 -51.35 -5.80 -8.06
CA GLY X 262 -52.61 -5.09 -8.07
C GLY X 262 -53.52 -5.41 -9.22
N SER X 263 -53.14 -6.32 -10.13
CA SER X 263 -54.01 -6.67 -11.23
C SER X 263 -55.36 -7.18 -10.74
N GLN X 264 -55.39 -7.78 -9.54
CA GLN X 264 -56.61 -8.16 -8.84
C GLN X 264 -57.50 -9.09 -9.65
N GLY X 265 -58.59 -9.54 -9.05
CA GLY X 265 -59.46 -10.54 -9.66
C GLY X 265 -60.87 -10.02 -9.85
N ALA X 266 -61.50 -10.47 -10.92
CA ALA X 266 -62.84 -10.09 -11.32
C ALA X 266 -63.95 -10.79 -10.54
N PRO X 267 -63.77 -12.07 -10.10
CA PRO X 267 -64.92 -12.92 -9.78
C PRO X 267 -66.08 -12.23 -9.07
N GLY X 268 -65.85 -11.67 -7.89
CA GLY X 268 -66.90 -10.99 -7.15
C GLY X 268 -68.26 -11.64 -7.24
N LEU X 269 -68.38 -12.88 -6.76
CA LEU X 269 -69.61 -13.65 -6.90
C LEU X 269 -70.46 -13.49 -5.65
N GLN X 270 -71.67 -12.94 -5.82
CA GLN X 270 -72.61 -12.75 -4.71
C GLN X 270 -74.03 -13.19 -5.03
N GLY X 271 -74.33 -13.57 -6.26
CA GLY X 271 -75.67 -14.03 -6.64
C GLY X 271 -76.50 -13.06 -7.44
N ALA X 272 -75.95 -11.89 -7.80
CA ALA X 272 -76.66 -10.91 -8.61
C ALA X 272 -77.75 -10.24 -7.77
N PRO X 273 -78.37 -9.16 -8.26
CA PRO X 273 -79.24 -8.32 -7.40
C PRO X 273 -80.60 -8.96 -7.09
N GLY X 274 -80.60 -9.83 -6.08
CA GLY X 274 -81.80 -10.55 -5.72
C GLY X 274 -82.58 -9.94 -4.57
N ALA X 275 -81.89 -9.32 -3.62
CA ALA X 275 -82.56 -8.77 -2.44
C ALA X 275 -83.39 -9.85 -1.78
N PRO X 276 -82.76 -10.83 -1.10
CA PRO X 276 -83.50 -11.97 -0.55
C PRO X 276 -84.84 -11.58 0.05
N GLY X 277 -85.90 -12.20 -0.46
CA GLY X 277 -87.25 -11.83 -0.10
C GLY X 277 -88.14 -11.75 -1.32
N SER X 278 -88.73 -10.57 -1.56
CA SER X 278 -89.57 -10.35 -2.74
C SER X 278 -89.20 -9.06 -3.46
N GLN X 279 -88.02 -8.50 -3.19
CA GLN X 279 -87.56 -7.27 -3.83
C GLN X 279 -88.66 -6.23 -3.95
N GLY Y 178 88.66 19.69 -12.00
CA GLY Y 178 88.36 19.23 -13.35
C GLY Y 178 87.23 18.22 -13.40
N LEU Y 179 86.79 17.74 -12.25
CA LEU Y 179 85.77 16.72 -12.16
C LEU Y 179 84.44 17.34 -11.73
N GLN Y 180 83.37 16.92 -12.39
CA GLN Y 180 82.04 17.46 -12.14
C GLN Y 180 81.38 16.75 -10.97
N GLY Y 181 80.61 17.52 -10.20
CA GLY Y 181 79.93 16.99 -9.04
C GLY Y 181 78.65 16.26 -9.41
N ALA Y 182 77.83 16.02 -8.39
CA ALA Y 182 76.59 15.27 -8.56
C ALA Y 182 75.44 16.25 -8.82
N PRO Y 183 74.82 16.23 -9.99
CA PRO Y 183 73.66 17.11 -10.21
C PRO Y 183 72.59 16.85 -9.16
N GLY Y 184 72.01 17.93 -8.66
CA GLY Y 184 70.94 17.80 -7.69
C GLY Y 184 69.68 17.26 -8.32
N ALA Y 185 68.69 17.04 -7.47
CA ALA Y 185 67.45 16.41 -7.91
C ALA Y 185 66.82 17.22 -9.02
N PRO Y 186 66.48 16.61 -10.16
CA PRO Y 186 65.74 17.33 -11.20
C PRO Y 186 64.26 17.45 -10.87
N GLY Y 187 63.47 17.97 -11.81
CA GLY Y 187 62.09 18.32 -11.54
C GLY Y 187 61.21 17.23 -10.97
N SER Y 188 60.46 17.56 -9.92
CA SER Y 188 59.41 16.69 -9.39
C SER Y 188 58.15 17.02 -10.18
N GLN Y 189 57.77 16.14 -11.09
CA GLN Y 189 56.75 16.47 -12.07
C GLN Y 189 55.45 16.91 -11.40
N GLY Y 190 55.12 18.20 -11.55
CA GLY Y 190 53.81 18.67 -11.18
C GLY Y 190 52.82 18.26 -12.25
N ALA Y 191 52.60 16.96 -12.36
CA ALA Y 191 51.84 16.45 -13.49
C ALA Y 191 50.40 16.93 -13.44
N PRO Y 192 49.90 17.57 -14.50
CA PRO Y 192 48.48 17.91 -14.53
C PRO Y 192 47.64 16.71 -14.92
N GLY Y 193 46.34 16.91 -15.11
CA GLY Y 193 45.44 15.82 -15.41
C GLY Y 193 44.35 16.25 -16.35
N LEU Y 194 43.10 15.95 -15.99
CA LEU Y 194 41.96 16.35 -16.79
C LEU Y 194 40.80 16.69 -15.87
N GLN Y 195 39.88 17.50 -16.38
CA GLN Y 195 38.70 17.86 -15.62
C GLN Y 195 37.64 16.76 -15.72
N GLY Y 196 36.73 16.75 -14.75
CA GLY Y 196 35.72 15.71 -14.68
C GLY Y 196 34.45 16.09 -15.41
N ALA Y 197 33.33 15.98 -14.72
CA ALA Y 197 32.04 16.39 -15.26
C ALA Y 197 31.57 17.60 -14.46
N PRO Y 198 32.28 18.71 -14.56
CA PRO Y 198 32.02 19.83 -13.63
C PRO Y 198 30.66 20.46 -13.87
N GLY Y 199 29.62 19.78 -13.41
CA GLY Y 199 28.26 20.24 -13.56
C GLY Y 199 27.47 19.46 -14.58
N ALA Y 200 28.10 18.54 -15.31
CA ALA Y 200 27.40 17.75 -16.30
C ALA Y 200 26.17 17.14 -15.67
N PRO Y 201 24.97 17.60 -16.02
CA PRO Y 201 23.75 17.00 -15.47
C PRO Y 201 23.50 15.64 -16.09
N GLY Y 202 24.50 14.77 -16.04
CA GLY Y 202 24.38 13.48 -16.69
C GLY Y 202 23.21 12.70 -16.13
N SER Y 203 22.45 12.06 -17.03
CA SER Y 203 21.31 11.24 -16.66
C SER Y 203 20.14 12.07 -16.17
N GLN Y 204 20.09 13.35 -16.53
CA GLN Y 204 19.00 14.21 -16.09
C GLN Y 204 17.66 13.60 -16.45
N GLY Y 205 16.76 13.56 -15.46
CA GLY Y 205 15.49 12.90 -15.64
C GLY Y 205 14.30 13.83 -15.61
N ALA Y 206 13.55 13.80 -14.51
CA ALA Y 206 12.30 14.54 -14.41
C ALA Y 206 12.02 14.91 -12.96
N PRO Y 207 12.21 16.17 -12.57
CA PRO Y 207 12.08 16.53 -11.15
C PRO Y 207 10.71 16.27 -10.54
N GLY Y 208 9.74 15.86 -11.35
CA GLY Y 208 8.45 15.51 -10.78
C GLY Y 208 7.41 15.23 -11.85
N LEU Y 209 6.20 14.97 -11.37
CA LEU Y 209 5.13 14.38 -12.18
C LEU Y 209 3.79 14.89 -11.64
N GLN Y 210 2.72 14.20 -12.00
CA GLN Y 210 1.43 14.24 -11.33
C GLN Y 210 0.34 15.03 -12.07
N GLY Y 211 -0.81 14.37 -12.25
CA GLY Y 211 -2.00 14.96 -12.83
C GLY Y 211 -3.04 13.88 -13.08
N ALA Y 212 -4.30 14.14 -12.74
CA ALA Y 212 -5.29 13.07 -12.71
C ALA Y 212 -6.03 12.95 -14.04
N PRO Y 213 -6.71 11.83 -14.25
CA PRO Y 213 -7.40 11.60 -15.53
C PRO Y 213 -8.70 12.38 -15.65
N GLY Y 214 -9.02 12.73 -16.89
CA GLY Y 214 -10.31 13.29 -17.21
C GLY Y 214 -11.48 12.42 -16.82
N ALA Y 215 -12.30 12.93 -15.89
CA ALA Y 215 -13.52 12.26 -15.45
C ALA Y 215 -14.68 13.24 -15.63
N PRO Y 216 -15.11 13.43 -16.88
CA PRO Y 216 -16.11 14.48 -17.15
C PRO Y 216 -17.47 14.17 -16.55
N GLY Y 217 -18.31 15.20 -16.53
CA GLY Y 217 -19.61 15.18 -15.89
C GLY Y 217 -20.45 13.94 -16.08
N SER Y 218 -20.83 13.32 -14.97
CA SER Y 218 -21.70 12.14 -14.96
C SER Y 218 -23.10 12.60 -14.60
N GLN Y 219 -23.95 12.77 -15.62
CA GLN Y 219 -25.30 13.25 -15.40
C GLN Y 219 -26.13 12.23 -14.61
N GLY Y 220 -27.26 12.71 -14.09
CA GLY Y 220 -28.06 11.93 -13.16
C GLY Y 220 -29.51 11.80 -13.59
N ALA Y 221 -30.38 11.48 -12.63
CA ALA Y 221 -31.74 10.99 -12.92
C ALA Y 221 -32.79 11.99 -12.43
N PRO Y 222 -33.21 12.92 -13.28
CA PRO Y 222 -34.38 13.73 -12.96
C PRO Y 222 -35.63 12.89 -12.82
N GLY Y 223 -36.49 13.29 -11.90
CA GLY Y 223 -37.80 12.68 -11.77
C GLY Y 223 -38.65 12.91 -13.01
N LEU Y 224 -39.92 12.61 -12.86
CA LEU Y 224 -40.88 12.72 -13.95
C LEU Y 224 -42.24 13.06 -13.36
N GLN Y 225 -43.28 12.90 -14.19
CA GLN Y 225 -44.67 12.83 -13.73
C GLN Y 225 -45.21 14.17 -13.27
N GLY Y 226 -44.78 15.27 -13.88
CA GLY Y 226 -45.43 16.53 -13.63
C GLY Y 226 -46.95 16.46 -13.67
N ALA Y 227 -47.58 16.69 -12.53
CA ALA Y 227 -49.04 16.72 -12.45
C ALA Y 227 -49.66 15.39 -12.89
N PRO Y 228 -49.53 14.32 -12.09
CA PRO Y 228 -50.01 13.01 -12.58
C PRO Y 228 -51.48 13.02 -12.93
N GLY Y 229 -52.38 13.11 -11.95
CA GLY Y 229 -53.78 13.40 -12.24
C GLY Y 229 -54.31 12.83 -13.54
N ALA Y 230 -54.34 11.51 -13.72
CA ALA Y 230 -54.68 10.99 -15.05
C ALA Y 230 -55.89 11.74 -15.59
N PRO Y 231 -55.69 12.64 -16.58
CA PRO Y 231 -56.69 13.67 -16.87
C PRO Y 231 -58.11 13.17 -16.97
N GLY Y 232 -58.95 13.68 -16.08
CA GLY Y 232 -60.36 13.42 -16.14
C GLY Y 232 -61.06 14.09 -14.98
N SER Y 233 -62.38 13.93 -14.96
CA SER Y 233 -63.20 14.46 -13.88
C SER Y 233 -63.26 13.41 -12.79
N GLN Y 234 -62.34 13.50 -11.82
CA GLN Y 234 -62.33 12.60 -10.68
C GLN Y 234 -63.75 12.42 -10.15
N GLY Y 235 -64.07 11.24 -9.65
CA GLY Y 235 -65.43 11.00 -9.23
C GLY Y 235 -66.38 11.17 -10.40
N ALA Y 236 -67.66 11.07 -10.09
CA ALA Y 236 -68.66 11.16 -11.15
C ALA Y 236 -69.30 12.53 -11.16
N PRO Y 237 -68.75 13.50 -11.90
CA PRO Y 237 -69.46 14.76 -12.10
C PRO Y 237 -70.90 14.52 -12.53
N GLY Y 238 -71.82 14.91 -11.66
CA GLY Y 238 -73.20 14.51 -11.78
C GLY Y 238 -73.64 13.86 -10.48
N LEU Y 239 -74.87 14.12 -10.05
CA LEU Y 239 -75.40 13.54 -8.81
C LEU Y 239 -76.56 12.62 -9.21
N GLN Y 240 -76.20 11.38 -9.54
CA GLN Y 240 -77.12 10.28 -9.83
C GLN Y 240 -78.13 10.61 -10.93
N GLY Y 241 -78.00 11.75 -11.59
CA GLY Y 241 -78.88 12.12 -12.68
C GLY Y 241 -80.36 11.82 -12.49
N ALA Y 242 -80.99 12.44 -11.50
CA ALA Y 242 -82.44 12.38 -11.36
C ALA Y 242 -82.95 10.95 -11.40
N PRO Y 243 -82.80 10.19 -10.32
CA PRO Y 243 -83.06 8.75 -10.40
C PRO Y 243 -84.54 8.48 -10.57
N GLY Y 244 -84.86 7.48 -11.40
CA GLY Y 244 -86.24 7.10 -11.57
C GLY Y 244 -87.10 8.11 -12.29
N ALA Y 245 -86.88 8.27 -13.60
CA ALA Y 245 -87.74 9.16 -14.39
C ALA Y 245 -87.66 10.59 -13.88
N PRO Y 246 -86.55 11.30 -14.14
CA PRO Y 246 -86.39 12.67 -13.63
C PRO Y 246 -87.67 13.50 -13.68
N GLY Y 247 -88.10 14.00 -12.54
CA GLY Y 247 -89.31 14.78 -12.45
C GLY Y 247 -90.36 14.16 -11.55
N LEU Z 179 87.68 21.32 -9.78
CA LEU Z 179 86.70 20.41 -9.19
C LEU Z 179 85.28 20.86 -9.51
N GLN Z 180 84.73 20.39 -10.62
CA GLN Z 180 83.40 20.80 -11.03
C GLN Z 180 82.37 20.37 -10.01
N GLY Z 181 81.77 21.34 -9.32
CA GLY Z 181 80.83 21.05 -8.26
C GLY Z 181 79.65 20.20 -8.67
N ALA Z 182 78.81 19.86 -7.71
CA ALA Z 182 77.64 19.03 -7.98
C ALA Z 182 76.60 19.83 -8.75
N PRO Z 183 76.21 19.39 -9.95
CA PRO Z 183 75.22 20.14 -10.72
C PRO Z 183 73.94 20.42 -9.94
N GLY Z 184 73.18 21.41 -10.41
CA GLY Z 184 72.04 21.92 -9.71
C GLY Z 184 71.06 20.88 -9.21
N ALA Z 185 70.24 21.26 -8.23
CA ALA Z 185 69.30 20.35 -7.57
C ALA Z 185 67.91 20.95 -7.62
N PRO Z 186 67.32 21.06 -8.81
CA PRO Z 186 65.96 21.58 -8.90
C PRO Z 186 64.97 20.77 -8.07
N GLY Z 187 64.89 19.48 -8.34
CA GLY Z 187 64.15 18.57 -7.48
C GLY Z 187 62.66 18.59 -7.70
N SER Z 188 62.02 19.72 -7.40
CA SER Z 188 60.58 19.88 -7.52
C SER Z 188 60.30 21.11 -8.37
N GLN Z 189 59.88 20.89 -9.61
CA GLN Z 189 59.55 22.01 -10.49
C GLN Z 189 58.09 21.92 -10.91
N GLY Z 190 57.22 21.64 -9.96
CA GLY Z 190 55.80 21.59 -10.25
C GLY Z 190 54.99 20.83 -9.22
N ALA Z 191 53.81 21.35 -8.91
CA ALA Z 191 52.93 20.70 -7.96
C ALA Z 191 52.47 19.37 -8.52
N PRO Z 192 52.96 18.24 -8.03
CA PRO Z 192 52.51 16.95 -8.55
C PRO Z 192 51.11 16.63 -8.06
N GLY Z 193 50.63 15.42 -8.36
CA GLY Z 193 49.28 15.06 -7.96
C GLY Z 193 48.26 15.78 -8.84
N LEU Z 194 47.08 15.99 -8.27
CA LEU Z 194 46.01 16.70 -8.95
C LEU Z 194 45.71 18.01 -8.24
N GLN Z 195 44.67 18.70 -8.72
CA GLN Z 195 44.30 20.01 -8.21
C GLN Z 195 42.94 19.99 -7.53
N GLY Z 196 42.41 18.79 -7.23
CA GLY Z 196 41.26 18.66 -6.37
C GLY Z 196 39.94 18.80 -7.09
N ALA Z 197 39.07 17.81 -6.96
CA ALA Z 197 37.77 17.85 -7.60
C ALA Z 197 36.99 19.07 -7.12
N PRO Z 198 36.54 19.93 -8.01
CA PRO Z 198 35.65 21.03 -7.58
C PRO Z 198 34.24 20.55 -7.30
N GLY Z 199 34.05 19.24 -7.21
CA GLY Z 199 32.74 18.67 -7.03
C GLY Z 199 31.92 18.60 -8.29
N ALA Z 200 32.42 19.16 -9.39
CA ALA Z 200 31.78 19.10 -10.70
C ALA Z 200 30.27 19.25 -10.58
N PRO Z 201 29.77 20.18 -9.78
CA PRO Z 201 28.36 20.13 -9.39
C PRO Z 201 27.42 20.23 -10.58
N GLY Z 202 26.78 19.11 -10.91
CA GLY Z 202 25.73 19.09 -11.91
C GLY Z 202 24.43 18.66 -11.27
N SER Z 203 24.34 18.86 -9.96
CA SER Z 203 23.16 18.42 -9.21
C SER Z 203 21.99 19.34 -9.47
N GLN Z 204 20.86 18.75 -9.88
CA GLN Z 204 19.61 19.45 -10.00
C GLN Z 204 18.58 18.74 -9.14
N GLY Z 205 17.93 19.47 -8.25
CA GLY Z 205 16.99 18.87 -7.34
C GLY Z 205 15.85 18.18 -8.07
N ALA Z 206 15.18 17.27 -7.36
CA ALA Z 206 14.07 16.55 -7.96
C ALA Z 206 12.77 16.80 -7.20
N PRO Z 207 12.44 18.05 -6.89
CA PRO Z 207 11.12 18.37 -6.33
C PRO Z 207 10.09 18.81 -7.35
N GLY Z 208 10.37 18.63 -8.64
CA GLY Z 208 9.52 19.18 -9.68
C GLY Z 208 8.27 18.34 -9.92
N LEU Z 209 7.72 17.79 -8.85
CA LEU Z 209 6.46 17.07 -8.91
C LEU Z 209 5.31 18.05 -9.11
N GLN Z 210 5.20 18.57 -10.33
CA GLN Z 210 4.29 19.68 -10.63
C GLN Z 210 2.92 19.48 -9.99
N GLY Z 211 2.23 18.42 -10.40
CA GLY Z 211 0.94 18.14 -9.82
C GLY Z 211 1.06 17.99 -8.32
N ALA Z 212 0.60 18.98 -7.56
CA ALA Z 212 0.44 18.79 -6.14
C ALA Z 212 -0.84 18.00 -5.91
N PRO Z 213 -1.99 18.52 -6.32
CA PRO Z 213 -3.21 17.70 -6.32
C PRO Z 213 -3.30 16.87 -7.58
N GLY Z 214 -4.40 16.14 -7.74
CA GLY Z 214 -4.57 15.36 -8.96
C GLY Z 214 -5.26 16.16 -10.04
N ALA Z 215 -6.53 15.85 -10.28
CA ALA Z 215 -7.32 16.51 -11.32
C ALA Z 215 -8.78 16.22 -11.04
N PRO Z 216 -9.69 16.92 -11.72
CA PRO Z 216 -11.11 16.80 -11.36
C PRO Z 216 -11.63 15.40 -11.60
N GLY Z 217 -12.61 15.01 -10.79
CA GLY Z 217 -13.36 13.78 -11.01
C GLY Z 217 -14.81 14.13 -11.30
N SER Z 218 -15.48 13.24 -12.03
CA SER Z 218 -16.88 13.48 -12.34
C SER Z 218 -17.73 13.31 -11.08
N GLN Z 219 -19.02 13.56 -11.25
CA GLN Z 219 -19.99 13.42 -10.17
C GLN Z 219 -21.36 13.33 -10.82
N GLY Z 220 -22.34 12.85 -10.04
CA GLY Z 220 -23.65 12.58 -10.59
C GLY Z 220 -24.50 13.83 -10.67
N ALA Z 221 -25.04 14.10 -11.85
CA ALA Z 221 -25.99 15.18 -12.00
C ALA Z 221 -27.22 14.87 -11.15
N PRO Z 222 -27.77 15.84 -10.42
CA PRO Z 222 -28.92 15.55 -9.57
C PRO Z 222 -30.15 15.17 -10.39
N GLY Z 223 -31.27 14.94 -9.71
CA GLY Z 223 -32.49 14.52 -10.39
C GLY Z 223 -33.53 15.62 -10.50
N LEU Z 224 -33.72 16.13 -11.71
CA LEU Z 224 -34.79 17.07 -12.00
C LEU Z 224 -36.14 16.37 -12.00
N GLN Z 225 -36.81 16.36 -10.85
CA GLN Z 225 -38.07 15.66 -10.74
C GLN Z 225 -39.10 16.29 -11.66
N GLY Z 226 -40.00 15.45 -12.18
CA GLY Z 226 -40.98 15.90 -13.15
C GLY Z 226 -42.09 16.75 -12.56
N ALA Z 227 -42.09 16.92 -11.25
CA ALA Z 227 -43.12 17.69 -10.55
C ALA Z 227 -44.49 17.03 -10.62
N PRO Z 228 -44.65 15.80 -10.13
CA PRO Z 228 -45.99 15.22 -9.99
C PRO Z 228 -46.77 15.87 -8.86
N GLY Z 229 -47.75 16.70 -9.20
CA GLY Z 229 -48.57 17.33 -8.18
C GLY Z 229 -50.06 17.18 -8.39
N ALA Z 230 -50.47 16.84 -9.61
CA ALA Z 230 -51.87 16.87 -9.97
C ALA Z 230 -52.47 15.49 -9.77
N PRO Z 231 -53.39 15.31 -8.81
CA PRO Z 231 -54.14 14.06 -8.69
C PRO Z 231 -55.53 14.07 -9.32
N GLY Z 232 -55.97 15.18 -9.89
CA GLY Z 232 -57.33 15.29 -10.38
C GLY Z 232 -57.57 14.48 -11.64
N SER Z 233 -57.53 13.16 -11.50
CA SER Z 233 -57.72 12.28 -12.64
C SER Z 233 -59.21 12.16 -12.97
N GLN Z 234 -59.55 11.19 -13.80
CA GLN Z 234 -60.91 11.06 -14.29
C GLN Z 234 -61.80 10.32 -13.29
N GLY Z 235 -63.10 10.55 -13.43
CA GLY Z 235 -64.10 9.78 -12.71
C GLY Z 235 -65.35 9.56 -13.53
N ALA Z 236 -65.26 9.77 -14.85
CA ALA Z 236 -66.40 9.52 -15.72
C ALA Z 236 -67.58 10.40 -15.33
N PRO Z 237 -67.58 11.68 -15.67
CA PRO Z 237 -68.56 12.61 -15.13
C PRO Z 237 -69.97 12.27 -15.56
N GLY Z 238 -70.48 11.14 -15.07
CA GLY Z 238 -71.77 10.64 -15.50
C GLY Z 238 -72.82 10.56 -14.41
N LEU Z 239 -72.89 11.59 -13.58
CA LEU Z 239 -73.96 11.73 -12.60
C LEU Z 239 -73.95 10.57 -11.60
N GLN Z 240 -72.85 10.49 -10.86
CA GLN Z 240 -72.68 9.51 -9.77
C GLN Z 240 -72.96 8.10 -10.31
N GLY Z 241 -73.46 7.22 -9.45
CA GLY Z 241 -73.67 5.83 -9.80
C GLY Z 241 -75.12 5.40 -9.75
N ALA Z 242 -76.02 6.22 -10.30
CA ALA Z 242 -77.44 5.95 -10.20
C ALA Z 242 -77.75 4.55 -10.75
N PRO Z 243 -78.59 3.77 -10.07
CA PRO Z 243 -78.89 2.41 -10.52
C PRO Z 243 -79.98 2.31 -11.57
N GLY Z 244 -80.44 3.43 -12.12
CA GLY Z 244 -81.57 3.39 -13.03
C GLY Z 244 -82.84 2.94 -12.32
N ALA Z 245 -83.08 3.52 -11.16
CA ALA Z 245 -84.25 3.15 -10.38
C ALA Z 245 -85.52 3.36 -11.21
N PRO Z 246 -86.44 2.39 -11.21
CA PRO Z 246 -87.73 2.60 -11.88
C PRO Z 246 -88.72 3.45 -11.11
N GLY Z 247 -88.28 4.16 -10.08
CA GLY Z 247 -89.19 4.98 -9.32
C GLY Z 247 -88.45 5.91 -8.38
N SER Z 248 -89.17 6.40 -7.38
CA SER Z 248 -88.63 7.30 -6.37
C SER Z 248 -88.34 8.69 -6.96
N GLN Z 249 -89.20 9.15 -7.85
CA GLN Z 249 -89.06 10.47 -8.44
C GLN Z 249 -90.22 10.77 -9.39
N PRO AA 177 86.06 22.36 -12.09
CA PRO AA 177 85.58 23.74 -12.26
C PRO AA 177 84.10 23.94 -11.92
N GLY AA 178 83.31 24.43 -12.87
CA GLY AA 178 82.00 24.95 -12.58
C GLY AA 178 80.83 23.99 -12.57
N LEU AA 179 80.71 23.20 -11.49
CA LEU AA 179 79.48 22.45 -11.23
C LEU AA 179 79.05 21.61 -12.43
N GLN AA 180 80.02 21.19 -13.23
CA GLN AA 180 79.72 20.45 -14.44
C GLN AA 180 78.88 19.22 -14.12
N GLY AA 181 78.24 18.68 -15.16
CA GLY AA 181 77.48 17.46 -15.00
C GLY AA 181 76.01 17.61 -15.32
N ALA AA 182 75.66 18.57 -16.17
CA ALA AA 182 74.27 18.75 -16.53
C ALA AA 182 73.44 19.00 -15.29
N PRO AA 183 73.51 20.22 -14.71
CA PRO AA 183 72.76 20.51 -13.48
C PRO AA 183 71.37 19.88 -13.47
N GLY AA 184 70.96 19.42 -12.29
CA GLY AA 184 69.68 18.72 -12.15
C GLY AA 184 68.60 19.33 -13.01
N ALA AA 185 67.88 18.50 -13.75
CA ALA AA 185 66.93 19.00 -14.73
C ALA AA 185 65.64 19.46 -14.05
N PRO AA 186 65.46 20.77 -13.88
CA PRO AA 186 64.22 21.26 -13.28
C PRO AA 186 63.05 21.09 -14.21
N GLY AA 187 62.58 19.87 -14.39
CA GLY AA 187 61.49 19.61 -15.30
C GLY AA 187 60.16 19.70 -14.60
N SER AA 188 59.46 18.57 -14.48
CA SER AA 188 58.21 18.53 -13.73
C SER AA 188 57.08 19.18 -14.53
N GLN AA 189 55.92 18.52 -14.56
CA GLN AA 189 54.78 19.07 -15.28
C GLN AA 189 54.22 20.32 -14.62
N GLY AA 190 54.63 20.63 -13.40
CA GLY AA 190 54.23 21.85 -12.73
C GLY AA 190 52.87 21.78 -12.07
N ALA AA 191 51.82 21.88 -12.86
CA ALA AA 191 50.47 21.94 -12.32
C ALA AA 191 49.94 20.54 -12.09
N PRO AA 192 49.49 20.20 -10.88
CA PRO AA 192 48.96 18.85 -10.65
C PRO AA 192 47.75 18.59 -11.53
N GLY AA 193 47.26 17.36 -11.44
CA GLY AA 193 46.11 16.93 -12.22
C GLY AA 193 45.00 17.95 -12.25
N LEU AA 194 44.27 17.99 -13.36
CA LEU AA 194 43.36 19.10 -13.65
C LEU AA 194 42.21 19.05 -12.66
N GLN AA 195 42.32 19.86 -11.60
CA GLN AA 195 41.23 20.09 -10.67
C GLN AA 195 40.69 18.76 -10.13
N GLY AA 196 41.56 17.77 -9.97
CA GLY AA 196 41.16 16.49 -9.43
C GLY AA 196 39.82 16.07 -9.97
N ALA AA 197 39.74 15.80 -11.27
CA ALA AA 197 38.49 15.89 -12.04
C ALA AA 197 37.29 15.46 -11.21
N PRO AA 198 36.30 16.35 -11.03
CA PRO AA 198 35.17 16.05 -10.15
C PRO AA 198 34.01 15.42 -10.89
N GLY AA 199 32.95 15.09 -10.17
CA GLY AA 199 31.75 14.49 -10.74
C GLY AA 199 30.52 15.31 -10.39
N ALA AA 200 29.58 15.36 -11.33
CA ALA AA 200 28.41 16.20 -11.15
C ALA AA 200 27.42 15.58 -10.18
N PRO AA 201 27.08 16.26 -9.08
CA PRO AA 201 26.02 15.75 -8.19
C PRO AA 201 24.68 15.60 -8.89
N GLY AA 202 23.69 15.09 -8.18
CA GLY AA 202 22.47 14.61 -8.80
C GLY AA 202 21.77 15.59 -9.73
N SER AA 203 21.81 15.30 -11.03
CA SER AA 203 21.21 16.16 -12.03
C SER AA 203 19.69 16.05 -11.98
N GLN AA 204 19.03 16.91 -12.76
CA GLN AA 204 17.59 16.88 -12.88
C GLN AA 204 17.13 17.92 -13.89
N GLY AA 205 15.84 17.92 -14.22
CA GLY AA 205 15.29 18.86 -15.17
C GLY AA 205 14.20 18.17 -15.97
N ALA AA 206 13.34 18.93 -16.63
CA ALA AA 206 12.25 18.33 -17.38
C ALA AA 206 11.50 17.37 -16.48
N PRO AA 207 10.75 17.87 -15.50
CA PRO AA 207 9.99 16.96 -14.62
C PRO AA 207 8.94 16.19 -15.40
N GLY AA 208 8.67 14.97 -14.95
CA GLY AA 208 7.99 13.99 -15.78
C GLY AA 208 6.50 14.22 -15.96
N LEU AA 209 5.90 15.13 -15.20
CA LEU AA 209 4.51 15.46 -15.42
C LEU AA 209 4.19 16.76 -14.71
N GLN AA 210 3.38 17.59 -15.35
CA GLN AA 210 3.14 18.95 -14.92
C GLN AA 210 1.65 19.21 -14.72
N GLY AA 211 0.97 18.29 -14.03
CA GLY AA 211 -0.43 18.51 -13.69
C GLY AA 211 -1.41 17.97 -14.70
N ALA AA 212 -1.31 16.69 -15.02
CA ALA AA 212 -2.24 16.07 -15.96
C ALA AA 212 -3.67 16.41 -15.56
N PRO AA 213 -4.51 16.85 -16.50
CA PRO AA 213 -5.85 17.32 -16.16
C PRO AA 213 -6.89 16.21 -16.13
N GLY AA 214 -7.95 16.48 -15.37
CA GLY AA 214 -8.96 15.47 -15.09
C GLY AA 214 -10.35 15.80 -15.59
N ALA AA 215 -11.32 15.77 -14.68
CA ALA AA 215 -12.72 15.87 -15.05
C ALA AA 215 -12.95 17.14 -15.86
N PRO AA 216 -13.19 16.99 -17.16
CA PRO AA 216 -13.23 18.16 -18.03
C PRO AA 216 -14.49 19.01 -17.87
N GLY AA 217 -15.67 18.39 -17.85
CA GLY AA 217 -16.89 19.15 -17.90
C GLY AA 217 -18.06 18.56 -17.17
N SER AA 218 -18.73 19.38 -16.36
CA SER AA 218 -19.90 18.99 -15.58
C SER AA 218 -19.62 17.84 -14.63
N GLN AA 219 -18.35 17.47 -14.46
CA GLN AA 219 -18.02 16.30 -13.66
C GLN AA 219 -18.81 16.27 -12.36
N GLY AA 220 -18.67 17.31 -11.54
CA GLY AA 220 -19.43 17.38 -10.32
C GLY AA 220 -20.89 17.70 -10.59
N ALA AA 221 -21.75 16.71 -10.47
CA ALA AA 221 -23.19 16.91 -10.61
C ALA AA 221 -23.51 17.66 -11.89
N PRO AA 222 -23.46 17.01 -13.04
CA PRO AA 222 -23.83 17.68 -14.29
C PRO AA 222 -25.27 18.14 -14.25
N GLY AA 223 -25.73 18.76 -15.33
CA GLY AA 223 -27.11 19.22 -15.37
C GLY AA 223 -28.10 18.07 -15.24
N LEU AA 224 -29.23 18.38 -14.60
CA LEU AA 224 -30.33 17.43 -14.55
C LEU AA 224 -30.76 17.06 -15.96
N GLN AA 225 -31.42 15.92 -16.08
CA GLN AA 225 -32.06 15.56 -17.33
C GLN AA 225 -33.52 16.02 -17.28
N GLY AA 226 -34.33 15.58 -18.25
CA GLY AA 226 -35.70 16.05 -18.31
C GLY AA 226 -36.49 15.65 -17.07
N ALA AA 227 -37.38 16.55 -16.65
CA ALA AA 227 -38.36 16.24 -15.61
C ALA AA 227 -39.70 15.98 -16.28
N PRO AA 228 -39.96 14.76 -16.70
CA PRO AA 228 -41.16 14.51 -17.50
C PRO AA 228 -42.42 14.88 -16.76
N GLY AA 229 -43.40 15.39 -17.49
CA GLY AA 229 -44.68 15.70 -16.92
C GLY AA 229 -45.41 14.44 -16.53
N ALA AA 230 -46.72 14.55 -16.32
CA ALA AA 230 -47.54 13.43 -15.91
C ALA AA 230 -48.87 13.51 -16.63
N PRO AA 231 -49.80 12.57 -16.38
CA PRO AA 231 -51.09 12.66 -17.07
C PRO AA 231 -51.69 14.05 -17.04
N GLY AA 232 -51.74 14.69 -15.87
CA GLY AA 232 -52.10 16.09 -15.81
C GLY AA 232 -53.16 16.50 -14.80
N SER AA 233 -54.19 15.67 -14.62
CA SER AA 233 -55.31 16.00 -13.75
C SER AA 233 -56.25 16.98 -14.44
N GLN AA 234 -57.55 16.68 -14.43
CA GLN AA 234 -58.52 17.49 -15.16
C GLN AA 234 -59.45 18.28 -14.24
N GLY AA 235 -60.23 17.62 -13.40
CA GLY AA 235 -61.11 18.35 -12.52
C GLY AA 235 -61.06 17.96 -11.06
N ALA AA 236 -60.72 16.70 -10.78
CA ALA AA 236 -60.90 16.14 -9.45
C ALA AA 236 -62.26 16.53 -8.87
N PRO AA 237 -63.34 16.45 -9.67
CA PRO AA 237 -64.64 16.90 -9.16
C PRO AA 237 -65.24 15.98 -8.11
N GLY AA 238 -65.33 14.69 -8.44
CA GLY AA 238 -66.04 13.74 -7.61
C GLY AA 238 -67.51 13.65 -8.00
N LEU AA 239 -68.25 14.73 -7.82
CA LEU AA 239 -69.66 14.78 -8.20
C LEU AA 239 -69.95 16.00 -9.06
N GLN AA 240 -69.25 17.10 -8.78
CA GLN AA 240 -69.38 18.39 -9.47
C GLN AA 240 -70.67 18.59 -10.26
N GLY AA 241 -70.97 17.71 -11.22
CA GLY AA 241 -72.07 17.97 -12.14
C GLY AA 241 -73.40 18.09 -11.44
N ALA AA 242 -73.71 17.13 -10.56
CA ALA AA 242 -74.99 17.06 -9.85
C ALA AA 242 -76.19 17.48 -10.70
N PRO AA 243 -76.34 16.97 -11.93
CA PRO AA 243 -77.57 17.27 -12.68
C PRO AA 243 -78.65 16.23 -12.45
N GLY AA 244 -79.78 16.39 -13.12
CA GLY AA 244 -80.89 15.46 -12.95
C GLY AA 244 -82.08 16.08 -12.28
N ALA AA 245 -82.38 15.64 -11.06
CA ALA AA 245 -83.53 16.13 -10.31
C ALA AA 245 -83.30 15.84 -8.84
N PRO AA 246 -84.01 16.54 -7.95
CA PRO AA 246 -83.77 16.36 -6.51
C PRO AA 246 -83.96 14.93 -6.03
N GLY AA 247 -84.88 14.18 -6.63
CA GLY AA 247 -85.14 12.82 -6.20
C GLY AA 247 -83.88 11.99 -6.06
N SER AA 248 -83.97 10.91 -5.29
CA SER AA 248 -82.82 10.06 -5.04
C SER AA 248 -83.16 8.95 -4.05
N PRO BA 183 91.64 9.12 -26.28
CA PRO BA 183 92.82 9.36 -25.45
C PRO BA 183 92.81 8.53 -24.18
N GLY BA 184 93.65 8.89 -23.21
CA GLY BA 184 93.63 8.18 -21.94
C GLY BA 184 92.27 8.25 -21.29
N ALA BA 185 91.67 9.44 -21.28
CA ALA BA 185 90.28 9.66 -20.89
C ALA BA 185 89.86 8.77 -19.73
N PRO BA 186 90.47 8.92 -18.56
CA PRO BA 186 90.00 8.17 -17.39
C PRO BA 186 88.52 8.38 -17.12
N GLY BA 187 87.92 9.41 -17.69
CA GLY BA 187 86.48 9.57 -17.74
C GLY BA 187 86.01 9.59 -19.18
N SER BA 188 86.58 8.69 -19.99
CA SER BA 188 86.44 8.73 -21.44
C SER BA 188 85.02 9.05 -21.89
N GLN BA 189 84.04 8.28 -21.43
CA GLN BA 189 82.72 8.26 -22.05
C GLN BA 189 82.05 9.63 -22.11
N GLY BA 190 81.71 10.19 -20.95
CA GLY BA 190 80.93 11.41 -20.96
C GLY BA 190 79.59 11.21 -21.65
N ALA BA 191 78.97 12.35 -21.97
CA ALA BA 191 77.74 12.39 -22.76
C ALA BA 191 76.67 11.47 -22.18
N PRO BA 192 76.04 11.84 -21.07
CA PRO BA 192 74.97 11.00 -20.50
C PRO BA 192 73.92 10.61 -21.54
N GLY BA 193 73.22 9.52 -21.31
CA GLY BA 193 72.41 8.92 -22.36
C GLY BA 193 71.17 9.69 -22.80
N LEU BA 194 70.16 9.77 -21.94
CA LEU BA 194 68.95 10.50 -22.28
C LEU BA 194 67.97 10.41 -21.13
N GLN BA 195 67.03 11.35 -21.12
CA GLN BA 195 65.92 11.35 -20.17
C GLN BA 195 64.73 10.59 -20.75
N GLY BA 196 64.07 9.82 -19.91
CA GLY BA 196 62.89 9.08 -20.29
C GLY BA 196 62.61 7.93 -19.36
N ALA BA 197 61.35 7.60 -19.16
CA ALA BA 197 60.96 6.48 -18.29
C ALA BA 197 59.47 6.25 -18.46
N PRO BA 198 59.00 5.02 -18.20
CA PRO BA 198 57.58 4.73 -18.41
C PRO BA 198 56.70 5.82 -17.86
N GLY BA 199 56.01 6.53 -18.75
CA GLY BA 199 55.26 7.69 -18.33
C GLY BA 199 54.23 7.38 -17.27
N ALA BA 200 53.73 6.15 -17.25
CA ALA BA 200 52.69 5.72 -16.32
C ALA BA 200 51.64 6.82 -16.17
N PRO BA 201 51.16 7.40 -17.28
CA PRO BA 201 50.21 8.51 -17.16
C PRO BA 201 48.87 8.11 -16.58
N GLY BA 202 48.58 6.81 -16.48
CA GLY BA 202 47.25 6.35 -16.17
C GLY BA 202 46.26 6.97 -17.13
N SER BA 203 44.97 6.78 -16.90
CA SER BA 203 43.96 7.56 -17.60
C SER BA 203 42.59 7.09 -17.15
N GLN BA 204 41.57 7.82 -17.60
CA GLN BA 204 40.18 7.43 -17.47
C GLN BA 204 39.62 7.40 -18.89
N GLY BA 205 39.77 6.26 -19.56
CA GLY BA 205 39.25 6.11 -20.90
C GLY BA 205 37.74 6.29 -21.00
N ALA BA 206 37.04 6.31 -19.87
CA ALA BA 206 35.60 6.47 -19.90
C ALA BA 206 35.26 7.76 -20.63
N PRO BA 207 34.33 7.73 -21.58
CA PRO BA 207 34.23 8.82 -22.56
C PRO BA 207 33.52 10.07 -22.04
N GLY BA 208 33.29 11.02 -22.94
CA GLY BA 208 32.43 12.14 -22.66
C GLY BA 208 30.96 11.83 -22.69
N LEU BA 209 30.60 10.59 -23.02
CA LEU BA 209 29.20 10.17 -22.97
C LEU BA 209 28.61 10.40 -21.59
N GLN BA 210 29.36 10.06 -20.55
CA GLN BA 210 28.98 10.36 -19.18
C GLN BA 210 27.74 9.57 -18.77
N GLY BA 211 27.74 8.27 -19.05
CA GLY BA 211 26.72 7.42 -18.49
C GLY BA 211 25.33 7.91 -18.81
N ALA BA 212 24.70 8.56 -17.83
CA ALA BA 212 23.37 9.13 -17.97
C ALA BA 212 22.32 8.05 -18.11
N PRO BA 213 22.13 7.21 -17.09
CA PRO BA 213 21.07 6.20 -17.14
C PRO BA 213 19.67 6.75 -16.88
N GLY BA 214 19.53 8.06 -16.72
CA GLY BA 214 18.24 8.65 -16.41
C GLY BA 214 17.43 9.03 -17.63
N ALA BA 215 16.28 8.39 -17.78
CA ALA BA 215 15.41 8.65 -18.92
C ALA BA 215 15.06 10.13 -18.98
N PRO BA 216 14.50 10.59 -20.10
CA PRO BA 216 14.01 11.98 -20.12
C PRO BA 216 13.02 12.25 -19.00
N GLY BA 217 12.23 11.25 -18.64
CA GLY BA 217 11.29 11.36 -17.54
C GLY BA 217 9.83 11.29 -17.94
N SER BA 218 9.50 11.06 -19.21
CA SER BA 218 8.10 10.98 -19.65
C SER BA 218 7.34 12.24 -19.23
N GLN BA 219 7.97 13.40 -19.45
CA GLN BA 219 7.45 14.66 -18.93
C GLN BA 219 6.00 14.87 -19.31
N GLY BA 220 5.68 14.72 -20.59
CA GLY BA 220 4.33 14.89 -21.06
C GLY BA 220 3.62 13.56 -21.28
N ALA BA 221 4.16 12.50 -20.70
CA ALA BA 221 3.58 11.17 -20.91
C ALA BA 221 3.01 10.62 -19.60
N PRO BA 222 1.95 11.23 -19.07
CA PRO BA 222 1.23 10.62 -17.94
C PRO BA 222 0.09 9.73 -18.41
N GLY BA 223 0.44 8.57 -18.95
CA GLY BA 223 -0.58 7.67 -19.47
C GLY BA 223 -1.41 8.37 -20.52
N LEU BA 224 -2.63 8.74 -20.15
CA LEU BA 224 -3.49 9.58 -20.99
C LEU BA 224 -3.38 11.04 -20.61
N GLN BA 225 -2.19 11.49 -20.19
CA GLN BA 225 -2.00 12.81 -19.58
C GLN BA 225 -3.07 13.05 -18.53
N GLY BA 226 -3.53 11.97 -17.91
CA GLY BA 226 -4.76 12.01 -17.16
C GLY BA 226 -5.85 11.62 -18.13
N ALA BA 227 -6.33 10.38 -18.06
CA ALA BA 227 -7.28 9.90 -19.04
C ALA BA 227 -8.47 10.85 -19.12
N PRO BA 228 -8.56 11.63 -20.17
CA PRO BA 228 -9.67 12.59 -20.28
C PRO BA 228 -10.92 11.92 -20.85
N GLY BA 229 -11.00 10.60 -20.70
CA GLY BA 229 -12.01 9.82 -21.37
C GLY BA 229 -13.42 10.26 -21.03
N ALA BA 230 -14.40 9.52 -21.51
CA ALA BA 230 -15.79 9.95 -21.49
C ALA BA 230 -16.20 10.36 -20.08
N PRO BA 231 -17.31 11.05 -19.93
CA PRO BA 231 -17.80 11.38 -18.59
C PRO BA 231 -18.27 10.13 -17.88
N GLY BA 232 -18.20 10.17 -16.55
CA GLY BA 232 -18.68 9.05 -15.76
C GLY BA 232 -20.12 8.70 -16.07
N SER BA 233 -20.89 9.68 -16.52
CA SER BA 233 -22.30 9.47 -16.83
C SER BA 233 -22.76 10.59 -17.74
N GLN BA 234 -23.89 10.35 -18.40
CA GLN BA 234 -24.56 11.39 -19.15
C GLN BA 234 -26.08 11.35 -19.02
N GLY BA 235 -26.62 10.38 -18.29
CA GLY BA 235 -28.05 10.28 -18.06
C GLY BA 235 -28.28 9.45 -16.82
N ALA BA 236 -29.56 9.19 -16.55
CA ALA BA 236 -29.96 8.42 -15.37
C ALA BA 236 -31.46 8.48 -15.08
N PRO BA 237 -32.21 9.52 -15.51
CA PRO BA 237 -33.66 9.48 -15.27
C PRO BA 237 -34.33 8.45 -16.14
N GLY BA 238 -34.70 7.31 -15.56
CA GLY BA 238 -35.21 6.17 -16.30
C GLY BA 238 -36.69 5.96 -16.01
N LEU BA 239 -37.43 5.58 -17.06
CA LEU BA 239 -38.86 5.34 -16.95
C LEU BA 239 -39.62 6.61 -16.58
N GLN BA 240 -38.99 7.77 -16.78
CA GLN BA 240 -39.61 9.05 -16.46
C GLN BA 240 -40.51 9.45 -17.62
N GLY BA 241 -41.72 8.90 -17.59
CA GLY BA 241 -42.78 9.27 -18.51
C GLY BA 241 -43.72 10.30 -17.91
N ALA BA 242 -45.01 10.12 -18.15
CA ALA BA 242 -45.99 11.08 -17.67
C ALA BA 242 -47.37 10.42 -17.50
N PRO BA 243 -48.09 10.17 -18.59
CA PRO BA 243 -49.51 9.82 -18.47
C PRO BA 243 -49.82 8.68 -17.51
N GLY BA 244 -51.08 8.59 -17.11
CA GLY BA 244 -51.53 7.59 -16.16
C GLY BA 244 -52.88 7.04 -16.56
N ALA BA 245 -53.14 6.99 -17.87
CA ALA BA 245 -54.47 6.70 -18.38
C ALA BA 245 -55.42 7.84 -18.05
N PRO BA 246 -55.23 9.00 -18.66
CA PRO BA 246 -56.17 10.11 -18.43
C PRO BA 246 -57.59 9.71 -18.77
N GLY BA 247 -58.53 10.18 -17.95
CA GLY BA 247 -59.94 9.98 -18.25
C GLY BA 247 -60.37 8.53 -18.29
N SER BA 248 -59.98 7.74 -17.30
CA SER BA 248 -60.09 6.29 -17.40
C SER BA 248 -60.59 5.64 -16.12
N GLN BA 249 -61.62 6.19 -15.50
CA GLN BA 249 -62.24 5.54 -14.34
C GLN BA 249 -63.76 5.58 -14.48
N GLY BA 250 -64.35 4.42 -14.73
CA GLY BA 250 -65.79 4.29 -14.76
C GLY BA 250 -66.25 2.92 -14.28
N ALA BA 251 -65.40 2.25 -13.51
CA ALA BA 251 -65.48 0.81 -13.25
C ALA BA 251 -66.88 0.27 -13.05
N PRO BA 252 -67.64 0.74 -12.08
CA PRO BA 252 -68.95 0.13 -11.85
C PRO BA 252 -69.97 0.43 -12.93
N GLY BA 253 -70.32 1.71 -13.07
CA GLY BA 253 -71.26 2.14 -14.09
C GLY BA 253 -71.04 3.56 -14.56
N LEU BA 254 -69.89 4.16 -14.21
CA LEU BA 254 -69.73 5.60 -14.32
C LEU BA 254 -70.27 6.15 -15.63
N GLN BA 255 -70.86 7.34 -15.56
CA GLN BA 255 -71.56 7.93 -16.69
C GLN BA 255 -72.70 7.03 -17.13
N GLY BA 256 -73.35 6.39 -16.16
CA GLY BA 256 -74.42 5.46 -16.45
C GLY BA 256 -75.69 5.72 -15.68
N ALA BA 257 -75.86 6.95 -15.17
CA ALA BA 257 -77.07 7.32 -14.46
C ALA BA 257 -78.25 7.30 -15.44
N PRO BA 258 -79.12 6.29 -15.36
CA PRO BA 258 -80.24 6.22 -16.30
C PRO BA 258 -81.53 6.79 -15.73
N GLY BA 259 -81.52 7.11 -14.44
CA GLY BA 259 -82.70 7.64 -13.78
C GLY BA 259 -83.37 8.74 -14.56
N PRO CA 183 95.27 6.44 -19.98
CA PRO CA 183 95.56 5.60 -21.16
C PRO CA 183 94.65 4.38 -21.24
N GLY CA 184 94.30 3.83 -20.08
CA GLY CA 184 93.44 2.66 -20.03
C GLY CA 184 91.98 2.96 -20.31
N ALA CA 185 91.63 4.22 -20.55
CA ALA CA 185 90.25 4.63 -20.78
C ALA CA 185 89.34 4.13 -19.66
N PRO CA 186 89.65 4.46 -18.40
CA PRO CA 186 88.82 3.97 -17.28
C PRO CA 186 87.57 4.81 -17.07
N GLY CA 187 87.20 5.63 -18.07
CA GLY CA 187 86.03 6.46 -17.96
C GLY CA 187 84.76 5.65 -17.72
N SER CA 188 83.62 6.35 -17.63
CA SER CA 188 82.36 5.64 -17.42
C SER CA 188 82.12 4.63 -18.52
N GLN CA 189 82.47 4.96 -19.75
CA GLN CA 189 82.18 4.15 -20.93
C GLN CA 189 80.74 3.67 -20.96
N GLY CA 190 79.83 4.40 -20.32
CA GLY CA 190 78.44 4.00 -20.34
C GLY CA 190 77.51 5.02 -20.98
N ALA CA 191 77.82 6.31 -20.80
CA ALA CA 191 77.03 7.44 -21.29
C ALA CA 191 75.54 7.15 -21.31
N PRO CA 192 74.98 6.52 -22.36
CA PRO CA 192 73.56 6.18 -22.33
C PRO CA 192 73.30 4.94 -21.49
N GLY CA 193 72.02 4.72 -21.23
CA GLY CA 193 71.61 3.54 -20.50
C GLY CA 193 70.10 3.52 -20.37
N LEU CA 194 69.58 2.33 -20.08
CA LEU CA 194 68.14 2.15 -20.03
C LEU CA 194 67.50 3.14 -19.07
N GLN CA 195 66.48 3.86 -19.55
CA GLN CA 195 65.73 4.77 -18.70
C GLN CA 195 64.22 4.65 -18.86
N GLY CA 196 63.72 4.12 -19.97
CA GLY CA 196 62.31 4.11 -20.24
C GLY CA 196 61.88 5.33 -21.05
N ALA CA 197 60.57 5.49 -21.18
CA ALA CA 197 59.99 6.61 -21.90
C ALA CA 197 58.56 6.79 -21.46
N PRO CA 198 57.98 7.98 -21.66
CA PRO CA 198 56.61 8.21 -21.22
C PRO CA 198 55.63 7.28 -21.93
N GLY CA 199 54.45 7.16 -21.34
CA GLY CA 199 53.36 6.43 -21.99
C GLY CA 199 53.13 5.05 -21.44
N ALA CA 200 53.14 4.90 -20.12
CA ALA CA 200 52.89 3.62 -19.46
C ALA CA 200 51.69 3.74 -18.53
N PRO CA 201 50.53 4.18 -19.04
CA PRO CA 201 49.39 4.47 -18.16
C PRO CA 201 49.09 3.35 -17.19
N GLY CA 202 49.30 3.62 -15.89
CA GLY CA 202 49.08 2.60 -14.89
C GLY CA 202 47.62 2.22 -14.74
N SER CA 203 46.73 3.20 -14.74
CA SER CA 203 45.30 2.96 -14.56
C SER CA 203 44.48 3.41 -15.77
N GLN CA 204 45.07 3.42 -16.96
CA GLN CA 204 44.31 3.64 -18.17
C GLN CA 204 43.06 2.77 -18.17
N GLY CA 205 41.89 3.40 -18.12
CA GLY CA 205 40.67 2.63 -18.05
C GLY CA 205 39.44 3.51 -18.21
N ALA CA 206 38.35 2.86 -18.59
CA ALA CA 206 37.08 3.53 -18.80
C ALA CA 206 35.99 2.90 -17.94
N PRO CA 207 36.25 2.65 -16.66
CA PRO CA 207 35.26 1.95 -15.84
C PRO CA 207 33.94 2.70 -15.84
N GLY CA 208 32.85 1.94 -15.92
CA GLY CA 208 31.52 2.53 -15.87
C GLY CA 208 30.85 2.71 -17.21
N LEU CA 209 30.16 3.83 -17.39
CA LEU CA 209 29.35 4.10 -18.57
C LEU CA 209 28.10 3.24 -18.62
N GLN CA 210 27.75 2.58 -17.52
CA GLN CA 210 26.77 1.49 -17.57
C GLN CA 210 25.43 1.96 -18.10
N GLY CA 211 24.89 3.04 -17.54
CA GLY CA 211 23.48 3.37 -17.67
C GLY CA 211 23.25 4.51 -18.64
N ALA CA 212 22.32 4.28 -19.56
CA ALA CA 212 21.72 5.32 -20.39
C ALA CA 212 20.30 5.57 -19.91
N PRO CA 213 19.67 6.67 -20.36
CA PRO CA 213 18.39 7.06 -19.78
C PRO CA 213 17.44 5.89 -19.59
N GLY CA 214 17.09 5.61 -18.34
CA GLY CA 214 16.32 4.42 -18.03
C GLY CA 214 14.87 4.57 -18.40
N ALA CA 215 13.98 4.02 -17.57
CA ALA CA 215 12.56 4.18 -17.82
C ALA CA 215 12.12 5.58 -17.43
N PRO CA 216 11.52 6.36 -18.33
CA PRO CA 216 10.96 7.66 -17.97
C PRO CA 216 9.67 7.58 -17.17
N GLY CA 217 9.30 6.39 -16.68
CA GLY CA 217 8.07 6.22 -15.94
C GLY CA 217 7.40 4.89 -16.25
N SER CA 218 7.67 4.32 -17.42
CA SER CA 218 7.11 3.06 -17.88
C SER CA 218 5.62 3.12 -18.12
N GLN CA 219 4.98 4.26 -17.86
CA GLN CA 219 3.57 4.48 -18.17
C GLN CA 219 2.65 3.46 -17.52
N GLY CA 220 3.06 2.84 -16.41
CA GLY CA 220 2.19 1.92 -15.71
C GLY CA 220 0.82 2.52 -15.46
N ALA CA 221 -0.19 1.69 -15.22
CA ALA CA 221 -1.58 2.14 -15.12
C ALA CA 221 -1.88 3.14 -16.24
N PRO CA 222 -1.46 2.85 -17.46
CA PRO CA 222 -1.51 3.88 -18.52
C PRO CA 222 -2.93 4.32 -18.82
N GLY CA 223 -3.77 3.38 -19.24
CA GLY CA 223 -5.11 3.68 -19.66
C GLY CA 223 -6.12 2.73 -19.05
N LEU CA 224 -7.08 3.30 -18.32
CA LEU CA 224 -8.06 2.53 -17.58
C LEU CA 224 -9.48 2.74 -18.08
N GLN CA 225 -9.96 3.98 -18.08
CA GLN CA 225 -11.36 4.27 -18.39
C GLN CA 225 -12.26 3.18 -17.80
N GLY CA 226 -11.95 2.76 -16.58
CA GLY CA 226 -12.69 1.69 -15.93
C GLY CA 226 -14.18 1.82 -16.19
N ALA CA 227 -14.75 2.92 -15.74
CA ALA CA 227 -16.11 3.33 -16.09
C ALA CA 227 -17.06 2.15 -16.26
N PRO CA 228 -17.19 1.25 -15.28
CA PRO CA 228 -18.26 0.25 -15.37
C PRO CA 228 -19.62 0.89 -15.15
N GLY CA 229 -20.35 1.06 -16.24
CA GLY CA 229 -21.56 1.85 -16.27
C GLY CA 229 -21.45 2.99 -17.27
N ALA CA 230 -22.55 3.73 -17.39
CA ALA CA 230 -22.59 4.82 -18.35
C ALA CA 230 -23.84 5.67 -18.19
N PRO CA 231 -24.02 6.68 -19.03
CA PRO CA 231 -25.36 7.24 -19.24
C PRO CA 231 -26.27 6.16 -19.79
N GLY CA 232 -27.51 6.48 -20.12
CA GLY CA 232 -28.48 5.43 -20.35
C GLY CA 232 -29.37 5.22 -19.15
N SER CA 233 -30.05 6.29 -18.76
CA SER CA 233 -30.94 6.34 -17.61
C SER CA 233 -31.69 5.03 -17.41
N GLN CA 234 -31.80 4.60 -16.16
CA GLN CA 234 -32.67 3.49 -15.79
C GLN CA 234 -33.67 3.96 -14.75
N GLY CA 235 -34.80 3.29 -14.69
CA GLY CA 235 -35.80 3.58 -13.70
C GLY CA 235 -36.10 2.35 -12.88
N ALA CA 236 -35.70 2.38 -11.61
CA ALA CA 236 -36.05 1.31 -10.69
C ALA CA 236 -37.48 0.83 -10.87
N PRO CA 237 -38.46 1.72 -11.07
CA PRO CA 237 -39.83 1.26 -11.28
C PRO CA 237 -40.05 0.57 -12.62
N GLY CA 238 -41.31 0.23 -12.87
CA GLY CA 238 -41.75 -0.20 -14.18
C GLY CA 238 -43.11 0.40 -14.46
N LEU CA 239 -43.53 0.27 -15.72
CA LEU CA 239 -44.90 0.64 -16.11
C LEU CA 239 -45.22 2.08 -15.77
N GLN CA 240 -44.20 2.93 -15.64
CA GLN CA 240 -44.43 4.30 -15.19
C GLN CA 240 -44.83 5.20 -16.35
N GLY CA 241 -45.65 6.21 -16.03
CA GLY CA 241 -46.16 7.11 -17.05
C GLY CA 241 -46.90 6.36 -18.14
N ALA CA 242 -48.04 5.76 -17.79
CA ALA CA 242 -48.73 4.87 -18.72
C ALA CA 242 -49.89 4.10 -18.10
N PRO CA 243 -49.76 3.55 -16.88
CA PRO CA 243 -50.75 2.57 -16.39
C PRO CA 243 -52.19 2.98 -16.62
N GLY CA 244 -52.92 2.17 -17.37
CA GLY CA 244 -54.32 2.41 -17.67
C GLY CA 244 -54.55 2.66 -19.14
N ALA CA 245 -55.81 2.95 -19.46
CA ALA CA 245 -56.21 3.25 -20.83
C ALA CA 245 -57.32 4.30 -20.85
N PRO CA 246 -57.18 5.36 -21.64
CA PRO CA 246 -58.21 6.40 -21.66
C PRO CA 246 -59.51 5.88 -22.24
N GLY CA 247 -60.61 6.58 -21.91
CA GLY CA 247 -61.92 6.19 -22.42
C GLY CA 247 -63.07 6.37 -21.44
N SER CA 248 -62.78 6.36 -20.14
CA SER CA 248 -63.84 6.52 -19.15
C SER CA 248 -64.34 7.95 -19.03
N GLN CA 249 -63.73 8.90 -19.75
CA GLN CA 249 -64.18 10.29 -19.71
C GLN CA 249 -65.64 10.41 -20.15
N GLY CA 250 -65.99 9.74 -21.25
CA GLY CA 250 -67.29 9.93 -21.87
C GLY CA 250 -68.46 9.27 -21.16
N ALA CA 251 -68.47 7.94 -21.09
CA ALA CA 251 -69.61 7.23 -20.52
C ALA CA 251 -69.28 5.79 -20.20
N PRO CA 252 -68.60 5.51 -19.08
CA PRO CA 252 -68.34 4.10 -18.72
C PRO CA 252 -69.59 3.30 -18.44
N GLY CA 253 -70.72 3.97 -18.14
CA GLY CA 253 -71.93 3.25 -17.80
C GLY CA 253 -73.15 3.64 -18.62
N LEU CA 254 -72.94 4.38 -19.71
CA LEU CA 254 -74.00 4.74 -20.65
C LEU CA 254 -75.26 5.23 -19.92
N GLN CA 255 -75.10 6.37 -19.24
CA GLN CA 255 -76.23 6.96 -18.52
C GLN CA 255 -77.38 7.25 -19.48
N GLY CA 256 -78.58 6.82 -19.09
CA GLY CA 256 -79.75 6.95 -19.94
C GLY CA 256 -80.53 8.23 -19.74
N ALA CA 257 -79.97 9.35 -20.18
CA ALA CA 257 -80.62 10.66 -20.07
C ALA CA 257 -81.11 10.91 -18.64
N PRO CA 258 -80.20 10.90 -17.65
CA PRO CA 258 -80.56 11.12 -16.25
C PRO CA 258 -81.02 12.56 -15.99
N PRO DA 183 94.82 6.34 -24.03
CA PRO DA 183 96.07 6.90 -24.54
C PRO DA 183 95.89 8.30 -25.11
N GLY DA 184 96.27 9.33 -24.36
CA GLY DA 184 96.10 10.70 -24.80
C GLY DA 184 95.59 11.61 -23.71
N ALA DA 185 94.90 12.68 -24.09
CA ALA DA 185 94.36 13.61 -23.11
C ALA DA 185 93.39 12.89 -22.19
N PRO DA 186 93.56 12.98 -20.88
CA PRO DA 186 92.65 12.27 -19.97
C PRO DA 186 91.26 12.89 -19.96
N GLY DA 187 90.48 12.64 -21.02
CA GLY DA 187 89.13 13.16 -21.12
C GLY DA 187 88.32 12.96 -19.87
N SER DA 188 87.92 14.06 -19.23
CA SER DA 188 87.19 14.03 -17.97
C SER DA 188 85.70 14.12 -18.25
N GLN DA 189 85.03 12.96 -18.27
CA GLN DA 189 83.59 12.90 -18.43
C GLN DA 189 83.13 11.53 -17.95
N GLY DA 190 81.85 11.22 -18.15
CA GLY DA 190 81.30 9.99 -17.65
C GLY DA 190 79.81 9.83 -17.86
N ALA DA 191 79.09 9.48 -16.79
CA ALA DA 191 77.65 9.29 -16.82
C ALA DA 191 77.26 8.05 -17.63
N PRO DA 192 77.70 6.86 -17.21
CA PRO DA 192 77.23 5.64 -17.87
C PRO DA 192 75.76 5.39 -17.57
N GLY DA 193 75.09 4.74 -18.50
CA GLY DA 193 73.70 4.40 -18.32
C GLY DA 193 72.80 5.62 -18.42
N LEU DA 194 71.51 5.38 -18.24
CA LEU DA 194 70.52 6.45 -18.33
C LEU DA 194 70.89 7.58 -17.39
N GLN DA 195 70.85 8.81 -17.90
CA GLN DA 195 70.99 9.99 -17.06
C GLN DA 195 69.66 10.73 -16.91
N GLY DA 196 68.56 10.14 -17.38
CA GLY DA 196 67.27 10.77 -17.25
C GLY DA 196 66.13 9.81 -17.47
N ALA DA 197 65.14 9.82 -16.58
CA ALA DA 197 63.95 9.01 -16.74
C ALA DA 197 62.70 9.81 -16.43
N PRO DA 198 62.57 11.04 -16.97
CA PRO DA 198 61.36 11.83 -16.69
C PRO DA 198 60.25 11.55 -17.68
N GLY DA 199 60.36 10.43 -18.41
CA GLY DA 199 59.33 10.09 -19.39
C GLY DA 199 57.94 10.15 -18.78
N ALA DA 200 57.17 11.14 -19.21
CA ALA DA 200 55.80 11.34 -18.74
C ALA DA 200 54.95 11.86 -19.88
N PRO DA 201 54.02 11.07 -20.39
CA PRO DA 201 53.24 11.48 -21.56
C PRO DA 201 52.11 12.43 -21.16
N GLY DA 202 51.32 12.81 -22.15
CA GLY DA 202 50.20 13.70 -21.91
C GLY DA 202 49.22 13.17 -20.90
N SER DA 203 48.89 13.98 -19.90
CA SER DA 203 47.91 13.58 -18.90
C SER DA 203 46.51 13.56 -19.50
N GLN DA 204 45.70 12.63 -19.04
CA GLN DA 204 44.34 12.46 -19.53
C GLN DA 204 43.48 11.94 -18.39
N GLY DA 205 42.30 11.41 -18.72
CA GLY DA 205 41.40 10.93 -17.69
C GLY DA 205 39.99 11.46 -17.82
N ALA DA 206 39.56 11.74 -19.05
CA ALA DA 206 38.19 12.17 -19.29
C ALA DA 206 37.22 11.26 -18.56
N PRO DA 207 36.42 11.76 -17.64
CA PRO DA 207 35.46 10.91 -16.95
C PRO DA 207 34.36 10.47 -17.88
N GLY DA 208 34.04 9.18 -17.86
CA GLY DA 208 32.97 8.66 -18.69
C GLY DA 208 31.87 7.96 -17.92
N LEU DA 209 32.20 7.37 -16.79
CA LEU DA 209 31.20 6.68 -15.98
C LEU DA 209 30.33 7.69 -15.24
N GLN DA 210 29.54 8.46 -15.99
CA GLN DA 210 28.48 9.28 -15.42
C GLN DA 210 27.12 8.59 -15.54
N GLY DA 211 27.11 7.26 -15.52
CA GLY DA 211 25.89 6.50 -15.63
C GLY DA 211 26.04 5.02 -15.29
N ALA DA 212 24.98 4.41 -14.77
CA ALA DA 212 25.01 3.01 -14.35
C ALA DA 212 23.67 2.34 -14.62
N PRO DA 213 23.53 1.03 -14.39
CA PRO DA 213 22.32 0.32 -14.81
C PRO DA 213 21.02 1.00 -14.39
N GLY DA 214 20.81 1.18 -13.09
CA GLY DA 214 19.64 1.89 -12.59
C GLY DA 214 18.32 1.52 -13.24
N ALA DA 215 17.85 0.30 -13.02
CA ALA DA 215 16.64 -0.18 -13.68
C ALA DA 215 15.41 0.17 -12.84
N PRO DA 216 14.50 1.01 -13.34
CA PRO DA 216 13.28 1.33 -12.60
C PRO DA 216 12.09 0.48 -13.03
N GLY DA 217 11.26 0.13 -12.03
CA GLY DA 217 9.99 -0.50 -12.35
C GLY DA 217 9.02 0.48 -12.97
N SER DA 218 8.89 1.66 -12.37
CA SER DA 218 8.25 2.80 -13.03
C SER DA 218 6.75 2.60 -13.22
N GLN DA 219 5.99 3.70 -13.19
CA GLN DA 219 4.56 3.65 -13.49
C GLN DA 219 4.11 4.73 -14.46
N GLY DA 220 4.96 5.70 -14.80
CA GLY DA 220 4.70 6.60 -15.91
C GLY DA 220 3.48 7.49 -15.77
N ALA DA 221 3.32 8.12 -14.61
CA ALA DA 221 2.27 9.11 -14.35
C ALA DA 221 0.92 8.64 -14.91
N PRO DA 222 0.45 7.47 -14.48
CA PRO DA 222 -0.76 6.89 -15.12
C PRO DA 222 -1.92 7.85 -15.18
N GLY DA 223 -2.28 8.29 -16.38
CA GLY DA 223 -3.55 8.95 -16.59
C GLY DA 223 -4.44 7.99 -17.34
N LEU DA 224 -5.37 7.35 -16.64
CA LEU DA 224 -5.98 6.14 -17.16
C LEU DA 224 -7.49 6.08 -17.03
N GLN DA 225 -8.13 6.90 -16.22
CA GLN DA 225 -9.57 6.84 -16.07
C GLN DA 225 -10.25 7.96 -16.84
N GLY DA 226 -11.19 7.59 -17.71
CA GLY DA 226 -11.99 8.55 -18.45
C GLY DA 226 -13.33 8.76 -17.78
N ALA DA 227 -14.38 8.09 -18.27
CA ALA DA 227 -15.61 8.02 -17.49
C ALA DA 227 -15.22 7.47 -16.13
N PRO DA 228 -15.18 8.31 -15.09
CA PRO DA 228 -14.47 7.91 -13.86
C PRO DA 228 -14.94 6.59 -13.28
N GLY DA 229 -16.22 6.49 -12.91
CA GLY DA 229 -16.72 5.29 -12.28
C GLY DA 229 -17.84 4.63 -13.04
N ALA DA 230 -18.66 5.44 -13.69
CA ALA DA 230 -19.77 4.97 -14.50
C ALA DA 230 -20.84 4.30 -13.65
N PRO DA 231 -22.12 4.47 -13.98
CA PRO DA 231 -23.18 4.02 -13.08
C PRO DA 231 -23.46 2.53 -13.18
N GLY DA 232 -24.51 2.10 -12.50
CA GLY DA 232 -25.10 0.80 -12.74
C GLY DA 232 -26.51 1.00 -13.24
N SER DA 233 -27.16 2.08 -12.80
CA SER DA 233 -28.55 2.35 -13.13
C SER DA 233 -28.65 2.75 -14.60
N GLN DA 234 -28.94 1.79 -15.46
CA GLN DA 234 -28.96 2.00 -16.90
C GLN DA 234 -30.22 1.40 -17.49
N GLY DA 235 -30.92 2.17 -18.33
CA GLY DA 235 -32.00 1.64 -19.15
C GLY DA 235 -33.42 1.84 -18.62
N ALA DA 236 -34.19 2.72 -19.26
CA ALA DA 236 -35.60 2.89 -18.88
C ALA DA 236 -36.32 4.00 -19.63
N PRO DA 237 -35.75 5.23 -19.72
CA PRO DA 237 -36.52 6.37 -20.22
C PRO DA 237 -37.42 6.04 -21.39
N GLY DA 238 -38.73 6.26 -21.22
CA GLY DA 238 -39.69 5.86 -22.21
C GLY DA 238 -39.79 4.36 -22.42
N LEU DA 239 -39.58 3.58 -21.37
CA LEU DA 239 -39.70 2.13 -21.50
C LEU DA 239 -41.16 1.73 -21.70
N GLN DA 240 -41.36 0.62 -22.42
CA GLN DA 240 -42.70 0.17 -22.75
C GLN DA 240 -43.36 -0.41 -21.50
N GLY DA 241 -43.73 0.45 -20.57
CA GLY DA 241 -44.30 0.02 -19.30
C GLY DA 241 -45.72 0.51 -19.13
N ALA DA 242 -46.58 -0.36 -18.58
CA ALA DA 242 -47.97 -0.06 -18.33
C ALA DA 242 -48.70 0.34 -19.62
N PRO DA 243 -48.59 -0.45 -20.69
CA PRO DA 243 -49.37 -0.16 -21.92
C PRO DA 243 -50.74 -0.81 -21.89
N GLY DA 244 -51.52 -0.49 -20.86
CA GLY DA 244 -52.85 -1.04 -20.67
C GLY DA 244 -53.17 -1.46 -19.26
N ALA DA 245 -52.18 -1.75 -18.41
CA ALA DA 245 -52.46 -2.08 -17.02
C ALA DA 245 -53.15 -0.88 -16.38
N PRO DA 246 -54.45 -0.98 -16.08
CA PRO DA 246 -55.17 0.20 -15.63
C PRO DA 246 -54.69 0.62 -14.25
N GLY DA 247 -53.86 1.65 -14.21
CA GLY DA 247 -53.23 2.03 -12.95
C GLY DA 247 -54.24 2.34 -11.87
N SER DA 248 -55.28 3.09 -12.22
CA SER DA 248 -56.42 3.35 -11.35
C SER DA 248 -57.71 3.31 -12.15
N GLN DA 249 -57.77 2.41 -13.13
CA GLN DA 249 -58.78 2.46 -14.18
C GLN DA 249 -59.74 1.29 -14.02
N GLY DA 250 -61.02 1.60 -13.76
CA GLY DA 250 -61.99 0.60 -13.38
C GLY DA 250 -62.69 -0.14 -14.50
N ALA DA 251 -63.38 0.60 -15.38
CA ALA DA 251 -63.92 0.10 -16.66
C ALA DA 251 -65.44 -0.11 -16.66
N PRO DA 252 -65.95 -1.19 -16.04
CA PRO DA 252 -67.32 -1.65 -16.36
C PRO DA 252 -68.41 -0.59 -16.19
N GLY DA 253 -69.63 -0.91 -16.62
CA GLY DA 253 -70.72 0.06 -16.58
C GLY DA 253 -71.99 -0.42 -15.88
N LEU DA 254 -73.09 0.30 -16.09
CA LEU DA 254 -74.36 0.05 -15.42
C LEU DA 254 -74.22 0.19 -13.90
N GLN DA 255 -74.01 1.45 -13.48
CA GLN DA 255 -73.87 1.76 -12.07
C GLN DA 255 -74.85 0.96 -11.23
N GLY DA 256 -76.14 1.03 -11.57
CA GLY DA 256 -77.11 0.08 -11.10
C GLY DA 256 -77.85 -0.57 -12.26
N ALA DA 257 -77.90 0.14 -13.38
CA ALA DA 257 -78.56 -0.36 -14.57
C ALA DA 257 -78.22 0.55 -15.75
N PRO DA 258 -78.03 -0.01 -16.95
CA PRO DA 258 -77.71 0.81 -18.12
C PRO DA 258 -78.97 1.40 -18.72
N GLY DA 259 -79.02 2.72 -18.84
CA GLY DA 259 -80.14 3.40 -19.45
C GLY DA 259 -81.50 2.99 -18.92
#